data_4FT2
#
_entry.id   4FT2
#
_cell.length_a   64.861
_cell.length_b   88.858
_cell.length_c   113.501
_cell.angle_alpha   93.15
_cell.angle_beta   95.72
_cell.angle_gamma   110.70
#
_symmetry.space_group_name_H-M   'P 1'
#
loop_
_entity.id
_entity.type
_entity.pdbx_description
1 polymer 'DNA (cytosine-5)-methyltransferase 1'
2 polymer 'H3 peptide'
3 non-polymer S-ADENOSYL-L-HOMOCYSTEINE
#
loop_
_entity_poly.entity_id
_entity_poly.type
_entity_poly.pdbx_seq_one_letter_code
_entity_poly.pdbx_strand_id
1 'polypeptide(L)'
;SAGDHEPEFIGSPVAADEARSNWPKRYGRSTAAKKPDEEEELKARCHYRSAKVDNVVYCLGDDVYVKAGENEADYIGRIT
EFFEGTDQCHYFTCRWFFRAEDTVINSLVSISVDGHKHDPRRVFLSEEKNDNVLDCIISKVKIVHVDPNMDPKAKAQLIE
SCDLYYDMSYSVAYSTFANISSENGQSGSDTASGISSDDVDLETSSSMPTRTATLLDLYSGCGGMSTGLCLGAALSGLKL
ETRWAVDFNSFACQSLKYNHPQTEVRNEKADEFLALLKEWAVLCKKYVQDVDSNLASSEDQADEDSPLDKDEFVVEKLVG
ICYGGSDRENGIYFKVQWEGYGPEEDTWEPIDNLSDCPQKIREFVQEGHKRKILPLPGDVDVICGGPPCQGISGFNRYRN
RDEPLKDEKNKQMVTFMDIVAYLKPKYVLMENVVDILKFADGYLGKYALSCLVAMKYQARLGMMVAGCYGLPQFRMRVFL
WGALSSMVLPKYPLPTYDVVVRGGAPNAFSQCMVAYDETQKPSLKKALLLGDAISDLPKVQNHQPNDVMEYGGSPKTEFQ
RYIRLSRKDMLDWSFGEGAGPDEGKLLDHQPLRLNNDDYERVQQIPVKKGANFRDLKGVRVGANNIVEWDPEIERVKLSS
GKPLVPDYAMSFIKGKSLKPFGRLWWDETVPTVVTRAEPHNQVIIHPTQARVLTIRENARLQGFPDYYRLFGPIKEKYIQ
VGNAVAVPVARALGYCLGQAYLGESEGSDPLYQLPPSFTSVGGRTAGQARASPVGTPAGEVVEQ
;
A,B
2 'polypeptide(L)' ARTKQTAR(MLY)STGGKA P
#
# COMPACT_ATOMS: atom_id res chain seq x y z
N ASP A 4 -70.00 -31.22 16.36
CA ASP A 4 -69.71 -29.92 15.79
C ASP A 4 -68.81 -30.12 14.61
N HIS A 5 -69.38 -30.59 13.49
CA HIS A 5 -68.54 -30.86 12.31
C HIS A 5 -68.88 -30.20 10.97
N GLU A 6 -69.58 -29.07 10.97
CA GLU A 6 -69.94 -28.50 9.69
C GLU A 6 -68.72 -28.20 8.85
N PRO A 7 -68.76 -28.61 7.59
CA PRO A 7 -67.61 -28.39 6.71
C PRO A 7 -67.93 -27.80 5.34
N GLU A 8 -68.98 -26.98 5.23
CA GLU A 8 -69.33 -26.34 3.96
C GLU A 8 -69.98 -24.96 3.97
N PHE A 9 -70.04 -24.37 2.79
CA PHE A 9 -70.60 -23.07 2.51
C PHE A 9 -71.87 -22.69 3.21
N ILE A 10 -71.90 -21.53 3.83
CA ILE A 10 -73.16 -20.90 4.18
C ILE A 10 -73.95 -20.78 2.87
N GLY A 11 -75.16 -20.22 2.92
CA GLY A 11 -75.78 -19.86 1.67
C GLY A 11 -76.67 -18.64 1.74
N SER A 12 -76.70 -17.95 0.61
CA SER A 12 -77.47 -16.72 0.42
C SER A 12 -77.35 -16.42 -1.08
N PRO A 13 -77.67 -15.19 -1.51
CA PRO A 13 -78.21 -15.00 -2.86
C PRO A 13 -77.40 -15.73 -3.91
N VAL A 14 -76.14 -16.02 -3.59
CA VAL A 14 -75.23 -16.61 -4.56
C VAL A 14 -75.20 -15.61 -5.70
N ALA A 15 -75.56 -14.38 -5.34
CA ALA A 15 -75.43 -13.18 -6.18
C ALA A 15 -76.17 -13.23 -7.53
N ALA A 16 -77.31 -13.92 -7.61
CA ALA A 16 -77.99 -14.06 -8.89
C ALA A 16 -76.80 -14.35 -9.77
N ASP A 17 -76.61 -13.57 -10.83
CA ASP A 17 -75.25 -13.46 -11.32
C ASP A 17 -74.70 -12.04 -11.55
N GLU A 18 -73.88 -11.60 -10.61
CA GLU A 18 -72.79 -10.66 -10.86
C GLU A 18 -71.54 -11.53 -10.83
N ALA A 19 -71.79 -12.83 -10.64
CA ALA A 19 -70.74 -13.84 -10.51
C ALA A 19 -69.88 -13.92 -11.76
N ARG A 20 -70.52 -14.16 -12.90
CA ARG A 20 -69.82 -14.14 -14.18
C ARG A 20 -69.31 -12.74 -14.45
N SER A 21 -70.16 -11.75 -14.20
CA SER A 21 -69.78 -10.36 -14.37
C SER A 21 -68.41 -10.17 -13.75
N ASN A 22 -68.35 -10.34 -12.44
CA ASN A 22 -67.11 -10.23 -11.70
C ASN A 22 -65.97 -11.11 -12.25
N TRP A 23 -66.15 -12.43 -12.21
CA TRP A 23 -65.05 -13.35 -12.50
C TRP A 23 -65.46 -14.54 -13.37
N PRO A 24 -65.63 -14.31 -14.68
CA PRO A 24 -66.04 -15.40 -15.57
C PRO A 24 -64.89 -16.17 -16.20
N LYS A 25 -63.90 -16.60 -15.42
CA LYS A 25 -62.92 -17.56 -15.91
C LYS A 25 -63.53 -18.94 -15.75
N ARG A 26 -64.32 -19.05 -14.68
CA ARG A 26 -65.29 -20.11 -14.53
C ARG A 26 -66.41 -19.71 -15.47
N TYR A 27 -67.48 -20.50 -15.49
CA TYR A 27 -68.63 -20.13 -16.31
C TYR A 27 -68.23 -20.05 -17.79
N GLY A 28 -67.39 -20.98 -18.23
CA GLY A 28 -66.94 -21.00 -19.60
C GLY A 28 -67.41 -22.22 -20.37
N LEU A 42 -61.15 -25.44 -13.40
CA LEU A 42 -62.10 -24.76 -12.53
C LEU A 42 -63.54 -24.90 -13.04
N LYS A 43 -64.50 -24.47 -12.25
CA LYS A 43 -65.89 -24.32 -12.69
C LYS A 43 -66.71 -23.84 -11.51
N ALA A 44 -67.87 -23.27 -11.78
CA ALA A 44 -68.73 -22.81 -10.70
C ALA A 44 -70.20 -23.12 -10.95
N ARG A 45 -70.80 -23.89 -10.07
CA ARG A 45 -72.24 -24.04 -10.10
C ARG A 45 -72.80 -22.68 -9.70
N CYS A 46 -72.25 -22.13 -8.63
CA CYS A 46 -72.58 -20.79 -8.16
C CYS A 46 -71.57 -20.41 -7.10
N HIS A 47 -71.68 -19.19 -6.58
CA HIS A 47 -70.72 -18.71 -5.60
C HIS A 47 -71.39 -18.27 -4.30
N TYR A 48 -70.58 -17.88 -3.33
CA TYR A 48 -71.07 -17.40 -2.05
C TYR A 48 -70.17 -16.30 -1.52
N ARG A 49 -70.75 -15.38 -0.77
CA ARG A 49 -69.99 -14.29 -0.18
C ARG A 49 -69.60 -14.62 1.25
N SER A 50 -69.95 -15.83 1.68
CA SER A 50 -69.60 -16.33 3.00
C SER A 50 -69.50 -17.84 3.00
N ALA A 51 -68.70 -18.39 3.91
CA ALA A 51 -68.62 -19.84 4.06
C ALA A 51 -68.34 -20.19 5.52
N LYS A 52 -68.85 -21.32 6.00
CA LYS A 52 -68.62 -21.71 7.40
C LYS A 52 -67.73 -22.95 7.58
N VAL A 53 -66.53 -22.74 8.10
CA VAL A 53 -65.65 -23.84 8.48
C VAL A 53 -65.55 -23.88 10.00
N ASP A 54 -65.71 -25.07 10.58
CA ASP A 54 -65.81 -25.19 12.03
C ASP A 54 -66.84 -24.22 12.57
N ASN A 55 -66.51 -23.51 13.64
CA ASN A 55 -67.45 -22.59 14.27
C ASN A 55 -67.66 -21.27 13.53
N VAL A 56 -66.68 -20.88 12.74
CA VAL A 56 -66.64 -19.52 12.21
C VAL A 56 -66.84 -19.42 10.70
N VAL A 57 -67.53 -18.36 10.28
CA VAL A 57 -67.73 -18.09 8.87
C VAL A 57 -66.77 -17.01 8.39
N TYR A 58 -66.24 -17.23 7.19
CA TYR A 58 -65.36 -16.28 6.55
C TYR A 58 -66.06 -15.66 5.36
N CYS A 59 -66.09 -14.34 5.33
CA CYS A 59 -66.57 -13.59 4.20
C CYS A 59 -65.37 -13.40 3.28
N LEU A 60 -65.54 -12.55 2.28
CA LEU A 60 -64.44 -12.18 1.39
C LEU A 60 -63.54 -11.13 2.01
N GLY A 61 -62.51 -10.74 1.27
CA GLY A 61 -61.59 -9.70 1.70
C GLY A 61 -61.05 -10.03 3.08
N ASP A 62 -61.14 -11.30 3.45
CA ASP A 62 -60.68 -11.72 4.77
C ASP A 62 -59.32 -12.38 4.67
N ASP A 63 -58.42 -11.97 5.56
CA ASP A 63 -57.07 -12.51 5.58
C ASP A 63 -57.02 -13.75 6.46
N VAL A 64 -56.39 -14.80 5.93
CA VAL A 64 -56.50 -16.12 6.53
C VAL A 64 -55.24 -16.95 6.36
N TYR A 65 -55.08 -17.93 7.24
CA TYR A 65 -54.04 -18.94 7.10
C TYR A 65 -54.60 -20.17 6.41
N VAL A 66 -53.91 -20.62 5.37
CA VAL A 66 -54.30 -21.81 4.63
C VAL A 66 -53.26 -22.90 4.84
N LYS A 67 -53.70 -24.16 4.78
CA LYS A 67 -52.82 -25.28 5.07
C LYS A 67 -52.02 -25.71 3.84
N ALA A 68 -50.70 -25.72 3.99
CA ALA A 68 -49.82 -26.16 2.92
C ALA A 68 -49.62 -27.67 2.98
N GLY A 69 -48.70 -28.17 2.17
CA GLY A 69 -48.28 -29.55 2.29
C GLY A 69 -47.70 -29.73 3.68
N GLU A 70 -47.64 -30.97 4.16
CA GLU A 70 -47.16 -31.21 5.52
C GLU A 70 -45.75 -30.66 5.71
N ASN A 71 -45.49 -30.08 6.87
CA ASN A 71 -44.18 -29.54 7.23
C ASN A 71 -43.86 -28.20 6.56
N GLU A 72 -44.62 -27.84 5.52
CA GLU A 72 -44.26 -26.68 4.70
C GLU A 72 -44.98 -25.38 5.04
N ALA A 73 -44.85 -24.39 4.17
CA ALA A 73 -45.32 -23.04 4.44
C ALA A 73 -46.83 -22.86 4.52
N ASP A 74 -47.27 -22.32 5.66
CA ASP A 74 -48.67 -22.13 5.95
C ASP A 74 -49.02 -20.88 5.16
N TYR A 75 -49.89 -21.01 4.17
CA TYR A 75 -50.02 -19.92 3.23
C TYR A 75 -50.73 -18.78 3.94
N ILE A 76 -50.86 -17.66 3.24
CA ILE A 76 -51.60 -16.53 3.76
C ILE A 76 -52.38 -15.98 2.58
N GLY A 77 -53.65 -15.66 2.80
CA GLY A 77 -54.43 -15.19 1.68
C GLY A 77 -55.59 -14.26 1.98
N ARG A 78 -55.95 -13.48 0.96
CA ARG A 78 -57.20 -12.75 0.97
C ARG A 78 -58.16 -13.59 0.17
N ILE A 79 -59.34 -13.88 0.70
CA ILE A 79 -60.28 -14.67 -0.08
C ILE A 79 -60.94 -13.83 -1.15
N THR A 80 -60.78 -14.26 -2.39
CA THR A 80 -61.41 -13.63 -3.53
C THR A 80 -62.75 -14.30 -3.81
N GLU A 81 -62.70 -15.59 -4.11
CA GLU A 81 -63.93 -16.31 -4.42
C GLU A 81 -64.29 -17.42 -3.45
N PHE A 82 -65.59 -17.59 -3.30
CA PHE A 82 -66.18 -18.79 -2.76
C PHE A 82 -67.05 -19.33 -3.87
N PHE A 83 -66.98 -20.62 -4.13
CA PHE A 83 -67.87 -21.19 -5.10
C PHE A 83 -68.00 -22.69 -4.93
N GLU A 84 -68.88 -23.26 -5.73
CA GLU A 84 -68.99 -24.69 -5.85
C GLU A 84 -68.88 -24.95 -7.33
N GLY A 85 -68.44 -26.13 -7.69
CA GLY A 85 -68.14 -26.42 -9.08
C GLY A 85 -68.50 -27.86 -9.32
N THR A 86 -68.36 -28.26 -10.57
CA THR A 86 -68.71 -29.61 -11.00
C THR A 86 -68.01 -30.52 -10.03
N ASP A 87 -68.58 -31.69 -9.78
CA ASP A 87 -67.89 -32.64 -8.92
C ASP A 87 -68.11 -32.23 -7.47
N GLN A 88 -68.87 -31.15 -7.31
CA GLN A 88 -69.16 -30.57 -6.00
C GLN A 88 -67.86 -30.05 -5.38
N CYS A 89 -67.54 -30.44 -4.15
CA CYS A 89 -66.27 -30.00 -3.57
C CYS A 89 -66.12 -28.48 -3.36
N HIS A 90 -66.70 -27.98 -2.27
CA HIS A 90 -66.63 -26.55 -1.93
C HIS A 90 -65.20 -25.98 -2.03
N TYR A 91 -65.09 -24.84 -2.72
CA TYR A 91 -63.80 -24.22 -2.97
C TYR A 91 -63.74 -22.75 -2.56
N PHE A 92 -62.57 -22.34 -2.07
CA PHE A 92 -62.24 -20.94 -1.88
C PHE A 92 -60.94 -20.68 -2.61
N THR A 93 -60.88 -19.60 -3.37
CA THR A 93 -59.62 -19.16 -3.93
C THR A 93 -59.24 -17.82 -3.32
N CYS A 94 -58.08 -17.80 -2.69
CA CYS A 94 -57.58 -16.57 -2.11
C CYS A 94 -56.29 -16.19 -2.83
N ARG A 95 -56.09 -14.90 -3.06
CA ARG A 95 -54.81 -14.48 -3.60
C ARG A 95 -53.80 -14.32 -2.46
N TRP A 96 -52.57 -14.69 -2.75
CA TRP A 96 -51.55 -14.95 -1.74
C TRP A 96 -50.83 -13.74 -1.15
N PHE A 97 -50.31 -13.94 0.05
CA PHE A 97 -49.43 -13.00 0.72
C PHE A 97 -48.05 -13.65 0.77
N PHE A 98 -47.02 -12.84 0.82
CA PHE A 98 -45.66 -13.37 0.74
C PHE A 98 -44.77 -13.01 1.91
N ARG A 99 -44.24 -14.04 2.57
CA ARG A 99 -43.18 -13.84 3.54
C ARG A 99 -41.86 -13.68 2.79
N ALA A 100 -40.97 -12.85 3.33
CA ALA A 100 -39.73 -12.54 2.65
C ALA A 100 -38.99 -13.84 2.31
N GLU A 101 -39.29 -14.89 3.06
CA GLU A 101 -38.68 -16.19 2.83
C GLU A 101 -39.24 -16.88 1.58
N ASP A 102 -40.52 -16.65 1.30
CA ASP A 102 -41.20 -17.26 0.16
C ASP A 102 -40.81 -16.59 -1.15
N THR A 103 -40.09 -15.48 -1.05
CA THR A 103 -39.68 -14.72 -2.22
C THR A 103 -38.51 -15.44 -2.88
N VAL A 104 -37.94 -14.81 -3.90
CA VAL A 104 -36.75 -15.34 -4.57
C VAL A 104 -35.60 -15.41 -3.57
N ILE A 105 -35.74 -14.63 -2.50
CA ILE A 105 -34.64 -14.22 -1.59
C ILE A 105 -34.38 -15.03 -0.34
N ASN A 106 -34.90 -16.25 -0.26
CA ASN A 106 -35.14 -16.94 1.00
C ASN A 106 -33.86 -17.05 1.82
N SER A 107 -33.95 -17.59 3.03
CA SER A 107 -32.76 -17.98 3.78
C SER A 107 -31.90 -16.78 4.14
N LEU A 108 -32.07 -15.72 3.38
CA LEU A 108 -31.30 -14.53 3.57
C LEU A 108 -32.02 -13.55 4.45
N VAL A 109 -33.21 -13.90 4.86
CA VAL A 109 -33.96 -13.03 5.69
C VAL A 109 -33.12 -12.95 6.93
N SER A 110 -32.23 -13.91 7.05
CA SER A 110 -31.32 -14.01 8.17
C SER A 110 -30.35 -12.84 8.20
N ILE A 111 -30.19 -12.20 7.06
CA ILE A 111 -29.33 -11.05 6.92
C ILE A 111 -29.72 -9.81 7.72
N SER A 112 -28.75 -9.12 8.31
CA SER A 112 -28.94 -7.85 8.98
C SER A 112 -27.96 -6.84 8.42
N VAL A 113 -28.47 -5.78 7.82
CA VAL A 113 -27.63 -4.68 7.41
C VAL A 113 -27.89 -3.55 8.37
N ASP A 114 -26.86 -3.16 9.12
CA ASP A 114 -27.02 -2.10 10.10
C ASP A 114 -28.12 -2.54 11.07
N GLY A 115 -28.97 -1.60 11.49
CA GLY A 115 -30.03 -1.88 12.44
C GLY A 115 -31.18 -2.53 11.73
N HIS A 116 -31.04 -2.66 10.41
CA HIS A 116 -32.08 -3.21 9.57
C HIS A 116 -32.11 -4.74 9.64
N LYS A 117 -33.25 -5.28 10.03
CA LYS A 117 -33.52 -6.70 9.88
C LYS A 117 -34.92 -6.89 9.33
N HIS A 118 -35.19 -8.09 8.83
CA HIS A 118 -36.50 -8.36 8.27
C HIS A 118 -37.51 -8.60 9.37
N ASP A 119 -38.54 -7.76 9.41
CA ASP A 119 -39.60 -7.93 10.38
C ASP A 119 -40.25 -9.28 10.14
N PRO A 120 -40.20 -10.16 11.16
CA PRO A 120 -40.74 -11.51 11.00
C PRO A 120 -42.22 -11.44 10.66
N ARG A 121 -42.92 -10.44 11.20
CA ARG A 121 -44.30 -10.25 10.81
C ARG A 121 -44.31 -9.12 9.81
N ARG A 122 -44.20 -9.49 8.55
CA ARG A 122 -44.28 -8.52 7.47
C ARG A 122 -44.58 -9.33 6.23
N VAL A 123 -45.32 -8.76 5.28
CA VAL A 123 -45.54 -9.51 4.06
C VAL A 123 -45.67 -8.63 2.83
N PHE A 124 -45.77 -9.29 1.69
CA PHE A 124 -45.85 -8.60 0.42
C PHE A 124 -46.98 -9.23 -0.37
N LEU A 125 -47.83 -8.39 -0.93
CA LEU A 125 -49.05 -8.87 -1.54
C LEU A 125 -48.84 -9.13 -3.02
N SER A 126 -48.85 -10.39 -3.41
CA SER A 126 -48.77 -10.71 -4.81
C SER A 126 -50.17 -10.60 -5.38
N GLU A 127 -50.30 -10.78 -6.69
CA GLU A 127 -51.55 -11.25 -7.21
C GLU A 127 -51.17 -12.62 -7.72
N GLU A 128 -51.47 -13.62 -6.89
CA GLU A 128 -51.26 -15.01 -7.21
C GLU A 128 -52.28 -15.78 -6.40
N LYS A 129 -52.98 -16.70 -7.04
CA LYS A 129 -54.06 -17.37 -6.37
C LYS A 129 -53.93 -18.83 -6.67
N ASN A 130 -54.89 -19.56 -6.14
CA ASN A 130 -55.02 -21.00 -6.27
C ASN A 130 -56.37 -21.34 -5.65
N ASP A 131 -56.89 -22.51 -6.01
CA ASP A 131 -58.20 -22.94 -5.51
C ASP A 131 -58.01 -24.07 -4.53
N ASN A 132 -58.62 -23.94 -3.37
CA ASN A 132 -58.53 -25.02 -2.39
C ASN A 132 -59.88 -25.37 -1.76
N VAL A 133 -59.93 -26.54 -1.14
CA VAL A 133 -61.12 -26.97 -0.43
C VAL A 133 -61.19 -26.24 0.91
N LEU A 134 -62.39 -25.81 1.29
CA LEU A 134 -62.56 -25.06 2.53
C LEU A 134 -61.96 -25.82 3.70
N ASP A 135 -61.83 -27.13 3.53
CA ASP A 135 -61.22 -27.99 4.54
C ASP A 135 -59.90 -27.43 5.02
N CYS A 136 -59.09 -26.89 4.12
CA CYS A 136 -57.85 -26.33 4.59
C CYS A 136 -58.04 -24.84 4.73
N ILE A 137 -58.46 -24.45 5.92
CA ILE A 137 -58.40 -23.10 6.38
C ILE A 137 -58.08 -23.22 7.86
N ILE A 138 -56.93 -22.73 8.27
CA ILE A 138 -56.45 -22.93 9.63
C ILE A 138 -57.18 -22.00 10.59
N SER A 139 -57.20 -20.74 10.21
CA SER A 139 -57.85 -19.69 10.96
C SER A 139 -57.85 -18.51 10.01
N LYS A 140 -58.39 -17.38 10.45
CA LYS A 140 -58.25 -16.17 9.68
C LYS A 140 -57.38 -15.18 10.45
N VAL A 141 -56.60 -14.41 9.71
CA VAL A 141 -55.63 -13.51 10.31
C VAL A 141 -56.01 -12.07 10.00
N LYS A 142 -55.54 -11.16 10.86
CA LYS A 142 -55.78 -9.75 10.62
C LYS A 142 -54.53 -9.18 9.99
N ILE A 143 -54.62 -8.89 8.69
CA ILE A 143 -53.49 -8.36 7.96
C ILE A 143 -53.76 -6.90 7.62
N VAL A 144 -53.03 -6.02 8.28
CA VAL A 144 -53.27 -4.60 8.16
C VAL A 144 -52.38 -3.98 7.08
N HIS A 145 -52.95 -3.00 6.39
CA HIS A 145 -52.23 -2.30 5.34
C HIS A 145 -51.63 -0.99 5.84
N VAL A 146 -50.32 -0.86 5.63
CA VAL A 146 -49.61 0.38 5.96
C VAL A 146 -49.47 1.26 4.72
N ASP A 147 -48.64 2.28 4.81
CA ASP A 147 -48.50 3.29 3.78
C ASP A 147 -47.35 4.18 4.20
N PRO A 148 -46.46 4.50 3.26
CA PRO A 148 -45.23 5.26 3.53
C PRO A 148 -45.47 6.53 4.35
N ASN A 149 -46.46 7.34 3.98
CA ASN A 149 -46.72 8.57 4.71
C ASN A 149 -47.47 8.26 5.99
N MET A 150 -46.85 8.56 7.12
CA MET A 150 -47.41 8.24 8.42
C MET A 150 -46.37 8.67 9.45
N ASP A 151 -46.79 8.79 10.70
CA ASP A 151 -46.04 9.55 11.70
C ASP A 151 -45.58 8.56 12.74
N PRO A 152 -45.04 9.05 13.86
CA PRO A 152 -44.62 8.16 14.93
C PRO A 152 -45.83 7.77 15.76
N LYS A 153 -46.10 6.47 15.81
CA LYS A 153 -47.22 5.89 16.53
C LYS A 153 -48.42 5.74 15.60
N ALA A 154 -48.40 6.46 14.48
CA ALA A 154 -49.43 6.32 13.46
C ALA A 154 -49.26 4.92 12.90
N LYS A 155 -47.98 4.59 12.74
CA LYS A 155 -47.51 3.32 12.27
C LYS A 155 -47.35 2.39 13.43
N ALA A 156 -46.86 2.92 14.53
CA ALA A 156 -46.58 2.04 15.63
C ALA A 156 -47.85 1.36 16.00
N GLN A 157 -48.92 2.14 16.09
CA GLN A 157 -50.20 1.62 16.48
C GLN A 157 -50.73 0.66 15.48
N LEU A 158 -50.64 0.98 14.21
CA LEU A 158 -51.21 0.02 13.32
C LEU A 158 -50.49 -1.28 13.50
N ILE A 159 -49.17 -1.24 13.57
CA ILE A 159 -48.42 -2.46 13.63
C ILE A 159 -48.70 -3.25 14.89
N GLU A 160 -48.80 -2.55 16.00
CA GLU A 160 -49.01 -3.19 17.27
C GLU A 160 -50.33 -3.88 17.22
N SER A 161 -51.27 -3.17 16.64
CA SER A 161 -52.60 -3.63 16.54
C SER A 161 -52.72 -4.49 15.35
N CYS A 162 -52.07 -5.64 15.30
CA CYS A 162 -52.25 -6.45 14.12
C CYS A 162 -51.56 -7.79 14.27
N ASP A 163 -51.91 -8.76 13.44
CA ASP A 163 -51.10 -9.95 13.30
C ASP A 163 -49.91 -9.67 12.39
N LEU A 164 -50.18 -9.04 11.25
CA LEU A 164 -49.16 -8.75 10.26
C LEU A 164 -49.49 -7.46 9.52
N TYR A 165 -48.50 -6.88 8.85
CA TYR A 165 -48.75 -5.72 7.98
C TYR A 165 -48.16 -5.93 6.58
N TYR A 166 -48.66 -5.19 5.60
CA TYR A 166 -48.02 -5.19 4.29
C TYR A 166 -47.94 -3.79 3.69
N ASP A 167 -46.72 -3.33 3.45
CA ASP A 167 -46.49 -2.03 2.82
C ASP A 167 -46.28 -2.10 1.32
N MET A 168 -46.08 -3.31 0.80
CA MET A 168 -45.63 -3.47 -0.58
C MET A 168 -46.07 -4.78 -1.19
N SER A 169 -46.17 -4.80 -2.51
CA SER A 169 -46.47 -6.01 -3.26
C SER A 169 -45.19 -6.63 -3.80
N TYR A 170 -45.03 -7.93 -3.59
CA TYR A 170 -43.94 -8.67 -4.18
C TYR A 170 -44.40 -9.38 -5.44
N SER A 171 -43.87 -8.93 -6.57
CA SER A 171 -44.17 -9.57 -7.85
C SER A 171 -42.94 -10.36 -8.29
N VAL A 172 -43.16 -11.63 -8.61
CA VAL A 172 -42.06 -12.52 -8.95
C VAL A 172 -41.46 -12.18 -10.32
N ALA A 173 -42.20 -11.42 -11.12
CA ALA A 173 -41.78 -11.13 -12.48
C ALA A 173 -40.31 -10.76 -12.48
N TYR A 174 -40.02 -9.56 -11.97
CA TYR A 174 -38.66 -9.01 -11.79
C TYR A 174 -38.06 -9.12 -10.36
N SER A 175 -38.76 -9.83 -9.45
CA SER A 175 -38.36 -9.81 -8.04
C SER A 175 -38.64 -8.40 -7.60
N THR A 176 -39.80 -7.89 -8.01
CA THR A 176 -40.17 -6.51 -7.76
C THR A 176 -40.93 -6.35 -6.44
N PHE A 177 -40.32 -5.65 -5.50
CA PHE A 177 -41.02 -5.24 -4.30
C PHE A 177 -41.41 -3.77 -4.52
N ALA A 178 -42.68 -3.47 -4.73
CA ALA A 178 -43.02 -2.09 -5.02
C ALA A 178 -44.07 -1.56 -4.10
N ASN A 179 -44.33 -0.28 -4.17
CA ASN A 179 -45.31 0.34 -3.33
C ASN A 179 -46.63 -0.20 -3.74
N ILE A 180 -47.58 -0.23 -2.82
CA ILE A 180 -48.84 -0.85 -3.12
C ILE A 180 -50.01 0.10 -3.18
N SER A 181 -50.72 0.05 -4.30
CA SER A 181 -51.91 0.86 -4.49
C SER A 181 -51.79 1.76 -5.71
N THR A 210 -33.81 24.07 -14.95
CA THR A 210 -34.18 22.67 -14.78
C THR A 210 -33.90 22.19 -13.35
N ARG A 211 -33.56 20.90 -13.21
CA ARG A 211 -33.49 20.31 -11.89
C ARG A 211 -32.09 19.80 -11.51
N THR A 212 -32.00 19.13 -10.37
CA THR A 212 -30.76 18.50 -9.93
C THR A 212 -31.01 17.24 -9.12
N ALA A 213 -30.17 16.25 -9.33
CA ALA A 213 -30.07 15.10 -8.45
C ALA A 213 -28.59 14.75 -8.37
N THR A 214 -28.07 14.61 -7.16
CA THR A 214 -26.66 14.26 -7.00
C THR A 214 -26.49 12.77 -7.24
N LEU A 215 -25.30 12.37 -7.69
CA LEU A 215 -25.03 10.97 -7.94
C LEU A 215 -23.71 10.56 -7.29
N LEU A 216 -23.73 9.40 -6.65
CA LEU A 216 -22.50 8.82 -6.10
C LEU A 216 -22.16 7.55 -6.88
N ASP A 217 -21.05 7.59 -7.62
CA ASP A 217 -20.61 6.43 -8.36
C ASP A 217 -19.47 5.74 -7.63
N LEU A 218 -19.76 4.56 -7.07
CA LEU A 218 -18.76 3.75 -6.41
C LEU A 218 -18.30 2.67 -7.39
N TYR A 219 -17.01 2.34 -7.34
CA TYR A 219 -16.45 1.36 -8.26
C TYR A 219 -16.67 1.91 -9.67
N SER A 220 -16.33 3.18 -9.83
CA SER A 220 -16.70 3.93 -11.01
C SER A 220 -15.79 3.69 -12.21
N GLY A 221 -14.59 3.19 -11.97
CA GLY A 221 -13.65 3.06 -13.07
C GLY A 221 -13.57 4.41 -13.75
N CYS A 222 -13.77 4.41 -15.06
CA CYS A 222 -13.84 5.67 -15.82
C CYS A 222 -15.25 6.24 -15.80
N GLY A 223 -16.19 5.50 -15.22
CA GLY A 223 -17.54 5.99 -15.02
C GLY A 223 -18.52 5.82 -16.17
N GLY A 224 -18.32 4.79 -16.98
CA GLY A 224 -19.19 4.53 -18.10
C GLY A 224 -20.66 4.54 -17.69
N MET A 225 -20.97 3.76 -16.66
CA MET A 225 -22.32 3.71 -16.12
C MET A 225 -22.77 5.09 -15.69
N SER A 226 -21.92 5.75 -14.91
CA SER A 226 -22.23 7.07 -14.39
C SER A 226 -22.55 8.06 -15.50
N THR A 227 -21.64 8.17 -16.47
CA THR A 227 -21.83 9.07 -17.60
C THR A 227 -23.14 8.75 -18.32
N GLY A 228 -23.30 7.49 -18.73
CA GLY A 228 -24.48 7.08 -19.45
C GLY A 228 -25.75 7.50 -18.73
N LEU A 229 -25.81 7.17 -17.45
CA LEU A 229 -26.91 7.62 -16.60
C LEU A 229 -27.13 9.11 -16.78
N CYS A 230 -26.11 9.90 -16.44
CA CYS A 230 -26.20 11.35 -16.52
C CYS A 230 -26.72 11.81 -17.87
N LEU A 231 -26.50 10.99 -18.90
CA LEU A 231 -26.99 11.32 -20.24
C LEU A 231 -28.47 11.01 -20.43
N GLY A 232 -28.93 9.88 -19.90
CA GLY A 232 -30.36 9.57 -19.96
C GLY A 232 -31.18 10.57 -19.15
N ALA A 233 -30.63 10.95 -18.00
CA ALA A 233 -31.25 11.93 -17.13
C ALA A 233 -31.63 13.17 -17.91
N ALA A 234 -30.73 13.60 -18.79
CA ALA A 234 -30.95 14.77 -19.61
C ALA A 234 -32.25 14.69 -20.41
N LEU A 235 -32.47 13.53 -21.00
CA LEU A 235 -33.67 13.30 -21.79
C LEU A 235 -34.87 13.38 -20.87
N SER A 236 -34.85 12.56 -19.81
CA SER A 236 -35.95 12.58 -18.86
C SER A 236 -36.19 14.03 -18.51
N GLY A 237 -35.11 14.81 -18.57
CA GLY A 237 -35.17 16.24 -18.33
C GLY A 237 -34.58 16.55 -16.98
N LEU A 238 -34.20 15.50 -16.26
CA LEU A 238 -33.56 15.64 -14.97
C LEU A 238 -32.08 15.95 -15.15
N LYS A 239 -31.53 16.76 -14.26
CA LYS A 239 -30.10 17.03 -14.30
C LYS A 239 -29.45 16.16 -13.24
N LEU A 240 -28.77 15.11 -13.69
CA LEU A 240 -28.11 14.18 -12.78
C LEU A 240 -26.62 14.44 -12.83
N GLU A 241 -26.09 14.98 -11.75
CA GLU A 241 -24.67 15.29 -11.69
C GLU A 241 -23.93 14.25 -10.88
N THR A 242 -22.71 13.94 -11.29
CA THR A 242 -21.94 12.97 -10.56
C THR A 242 -21.01 13.79 -9.69
N ARG A 243 -21.36 13.91 -8.42
CA ARG A 243 -20.63 14.81 -7.53
C ARG A 243 -19.56 14.09 -6.74
N TRP A 244 -19.61 12.76 -6.78
CA TRP A 244 -18.56 11.94 -6.20
C TRP A 244 -18.43 10.67 -7.02
N ALA A 245 -17.19 10.27 -7.27
CA ALA A 245 -16.89 9.01 -7.91
C ALA A 245 -15.78 8.40 -7.10
N VAL A 246 -15.94 7.16 -6.68
CA VAL A 246 -14.93 6.51 -5.86
C VAL A 246 -14.37 5.30 -6.57
N ASP A 247 -13.07 5.34 -6.89
CA ASP A 247 -12.42 4.14 -7.40
C ASP A 247 -10.99 4.04 -6.89
N PHE A 248 -10.56 2.79 -6.70
CA PHE A 248 -9.25 2.51 -6.16
C PHE A 248 -8.16 2.82 -7.18
N ASN A 249 -8.44 2.50 -8.44
CA ASN A 249 -7.48 2.72 -9.50
C ASN A 249 -7.20 4.20 -9.75
N SER A 250 -5.93 4.51 -9.88
CA SER A 250 -5.46 5.86 -10.04
C SER A 250 -5.90 6.31 -11.43
N PHE A 251 -5.60 5.52 -12.43
CA PHE A 251 -5.90 5.90 -13.79
C PHE A 251 -7.36 6.05 -14.06
N ALA A 252 -8.14 5.17 -13.49
CA ALA A 252 -9.56 5.24 -13.70
C ALA A 252 -9.99 6.57 -13.21
N CYS A 253 -9.44 7.03 -12.11
CA CYS A 253 -9.87 8.32 -11.64
C CYS A 253 -9.56 9.45 -12.58
N GLN A 254 -8.35 9.48 -13.14
CA GLN A 254 -8.00 10.57 -14.02
C GLN A 254 -8.84 10.64 -15.26
N SER A 255 -9.14 9.49 -15.84
CA SER A 255 -9.96 9.49 -17.03
C SER A 255 -11.31 10.03 -16.66
N LEU A 256 -11.80 9.60 -15.52
CA LEU A 256 -13.11 10.00 -15.05
C LEU A 256 -13.15 11.46 -14.72
N LYS A 257 -12.14 11.92 -14.01
CA LYS A 257 -12.03 13.31 -13.62
C LYS A 257 -11.82 14.23 -14.81
N TYR A 258 -10.92 13.85 -15.71
CA TYR A 258 -10.68 14.64 -16.90
C TYR A 258 -11.99 14.81 -17.67
N ASN A 259 -12.74 13.73 -17.82
CA ASN A 259 -14.00 13.82 -18.55
C ASN A 259 -15.16 14.43 -17.75
N HIS A 260 -15.02 14.45 -16.43
CA HIS A 260 -15.98 15.12 -15.56
C HIS A 260 -15.24 16.08 -14.63
N PRO A 261 -14.90 17.27 -15.13
CA PRO A 261 -14.03 18.21 -14.42
C PRO A 261 -14.59 18.57 -13.05
N GLN A 262 -15.87 18.90 -12.99
CA GLN A 262 -16.50 19.22 -11.72
C GLN A 262 -17.13 17.96 -11.14
N THR A 263 -16.51 17.48 -10.07
CA THR A 263 -16.87 16.21 -9.46
C THR A 263 -15.84 16.00 -8.36
N GLU A 264 -16.14 15.13 -7.40
CA GLU A 264 -15.13 14.77 -6.43
C GLU A 264 -14.67 13.36 -6.73
N VAL A 265 -13.47 13.23 -7.29
CA VAL A 265 -12.93 11.92 -7.62
C VAL A 265 -12.03 11.46 -6.49
N ARG A 266 -12.49 10.42 -5.79
CA ARG A 266 -11.76 9.85 -4.68
C ARG A 266 -11.04 8.59 -5.12
N ASN A 267 -9.72 8.60 -4.98
CA ASN A 267 -8.95 7.40 -5.27
C ASN A 267 -8.62 6.74 -3.96
N GLU A 268 -9.37 5.70 -3.66
CA GLU A 268 -9.26 4.99 -2.39
C GLU A 268 -10.19 3.78 -2.37
N LYS A 269 -10.26 3.12 -1.22
CA LYS A 269 -11.16 1.98 -1.01
C LYS A 269 -12.51 2.38 -0.40
N ALA A 270 -13.56 1.66 -0.80
CA ALA A 270 -14.90 1.84 -0.25
C ALA A 270 -14.88 1.85 1.28
N ASP A 271 -14.12 0.92 1.87
CA ASP A 271 -13.96 0.86 3.32
C ASP A 271 -13.50 2.22 3.85
N GLU A 272 -12.29 2.59 3.44
CA GLU A 272 -11.68 3.87 3.78
C GLU A 272 -12.69 4.99 3.58
N PHE A 273 -13.16 5.16 2.35
CA PHE A 273 -14.13 6.20 2.03
C PHE A 273 -15.28 6.29 3.03
N LEU A 274 -15.77 5.13 3.46
CA LEU A 274 -16.84 5.07 4.45
C LEU A 274 -16.38 5.63 5.79
N ALA A 275 -15.26 5.10 6.29
CA ALA A 275 -14.70 5.56 7.55
C ALA A 275 -14.61 7.09 7.56
N LEU A 276 -13.97 7.62 6.52
CA LEU A 276 -13.92 9.05 6.32
C LEU A 276 -15.32 9.58 6.48
N LEU A 277 -16.23 9.15 5.61
CA LEU A 277 -17.57 9.72 5.55
C LEU A 277 -18.08 9.98 6.95
N LYS A 278 -18.22 8.91 7.73
CA LYS A 278 -18.62 9.06 9.13
C LYS A 278 -17.83 10.16 9.85
N GLU A 279 -16.52 9.97 9.97
CA GLU A 279 -15.70 10.93 10.71
C GLU A 279 -15.96 12.39 10.28
N TRP A 280 -16.06 12.59 8.98
CA TRP A 280 -16.39 13.86 8.39
C TRP A 280 -17.72 14.36 8.93
N ALA A 281 -18.71 13.49 9.01
CA ALA A 281 -19.98 13.85 9.62
C ALA A 281 -19.72 14.42 11.01
N VAL A 282 -18.94 13.69 11.80
CA VAL A 282 -18.56 14.16 13.13
C VAL A 282 -18.01 15.58 13.09
N LEU A 283 -17.13 15.84 12.13
CA LEU A 283 -16.49 17.15 12.01
C LEU A 283 -17.50 18.25 11.66
N CYS A 284 -18.27 18.03 10.61
CA CYS A 284 -19.32 18.97 10.24
C CYS A 284 -20.12 19.30 11.48
N LYS A 285 -20.35 18.29 12.30
CA LYS A 285 -20.92 18.51 13.62
C LYS A 285 -20.12 19.58 14.34
N LYS A 286 -18.87 19.31 14.67
CA LYS A 286 -18.06 20.25 15.42
C LYS A 286 -18.01 21.63 14.83
N TYR A 287 -17.10 21.82 13.89
CA TYR A 287 -16.84 23.16 13.34
C TYR A 287 -18.01 23.80 12.62
N VAL A 288 -19.19 23.24 12.80
CA VAL A 288 -20.39 23.81 12.20
C VAL A 288 -21.49 23.88 13.22
N VAL A 314 5.70 25.30 9.68
CA VAL A 314 6.08 25.24 8.28
C VAL A 314 4.87 24.89 7.42
N VAL A 315 4.02 24.01 7.93
CA VAL A 315 2.78 23.67 7.23
C VAL A 315 2.00 24.96 6.94
N GLU A 316 1.51 25.07 5.71
CA GLU A 316 0.87 26.29 5.25
C GLU A 316 -0.65 26.13 5.10
N LYS A 317 -1.06 25.24 4.20
CA LYS A 317 -2.47 25.11 3.85
C LYS A 317 -2.93 23.66 3.84
N LEU A 318 -4.24 23.46 4.02
CA LEU A 318 -4.80 22.12 4.00
C LEU A 318 -5.68 21.93 2.77
N VAL A 319 -5.13 21.20 1.81
CA VAL A 319 -5.76 20.91 0.52
C VAL A 319 -6.71 19.71 0.47
N GLY A 320 -6.50 18.73 1.35
CA GLY A 320 -7.14 17.44 1.19
C GLY A 320 -7.38 16.71 2.49
N ILE A 321 -8.16 15.65 2.41
CA ILE A 321 -8.57 14.91 3.59
C ILE A 321 -8.76 13.44 3.25
N CYS A 322 -8.44 12.55 4.18
CA CYS A 322 -8.59 11.13 3.91
C CYS A 322 -8.61 10.24 5.15
N TYR A 323 -8.80 8.95 4.88
CA TYR A 323 -8.61 7.88 5.85
C TYR A 323 -7.53 7.00 5.21
N GLY A 324 -6.33 7.02 5.77
CA GLY A 324 -5.15 6.58 5.02
C GLY A 324 -5.19 5.18 4.44
N GLY A 325 -5.20 5.16 3.12
CA GLY A 325 -5.17 3.98 2.30
C GLY A 325 -3.89 3.17 2.20
N SER A 326 -2.76 3.80 1.96
CA SER A 326 -1.59 2.97 2.02
C SER A 326 -1.98 2.66 3.42
N ASP A 327 -2.03 1.40 3.83
CA ASP A 327 -2.60 1.30 5.13
C ASP A 327 -1.69 2.20 5.92
N ARG A 328 -2.31 3.21 6.52
CA ARG A 328 -1.62 4.12 7.36
C ARG A 328 -2.09 3.44 8.60
N GLU A 329 -2.37 4.20 9.63
CA GLU A 329 -2.81 3.58 10.85
C GLU A 329 -4.31 3.56 10.99
N ASN A 330 -5.07 3.79 9.94
CA ASN A 330 -6.51 3.74 10.16
C ASN A 330 -7.11 4.98 10.81
N GLY A 331 -6.50 6.12 10.60
CA GLY A 331 -7.01 7.38 11.12
C GLY A 331 -7.07 8.44 10.04
N ILE A 332 -7.77 9.53 10.28
CA ILE A 332 -7.88 10.61 9.31
C ILE A 332 -6.54 11.25 9.07
N TYR A 333 -6.32 11.78 7.88
CA TYR A 333 -5.10 12.48 7.55
C TYR A 333 -5.45 13.68 6.70
N PHE A 334 -4.62 14.71 6.73
CA PHE A 334 -4.84 15.87 5.88
C PHE A 334 -3.69 16.04 4.92
N LYS A 335 -3.99 16.59 3.75
CA LYS A 335 -2.96 16.91 2.79
C LYS A 335 -2.39 18.25 3.19
N VAL A 336 -1.06 18.35 3.13
CA VAL A 336 -0.37 19.52 3.65
C VAL A 336 0.49 20.12 2.55
N GLN A 337 0.49 21.44 2.51
CA GLN A 337 1.37 22.24 1.67
C GLN A 337 2.04 23.21 2.63
N TRP A 338 3.32 23.48 2.44
CA TRP A 338 4.01 24.33 3.41
C TRP A 338 4.99 25.32 2.82
N GLU A 339 4.71 26.61 2.99
CA GLU A 339 5.77 27.62 2.98
C GLU A 339 6.85 27.46 1.90
N GLY A 340 6.54 27.81 0.66
CA GLY A 340 7.56 27.86 -0.35
C GLY A 340 7.99 26.51 -0.89
N TYR A 341 7.19 25.47 -0.64
CA TYR A 341 7.26 24.24 -1.44
C TYR A 341 5.92 23.94 -2.15
N GLY A 342 6.02 23.57 -3.41
CA GLY A 342 4.86 23.45 -4.26
C GLY A 342 4.06 22.18 -4.05
N PRO A 343 3.29 21.79 -5.08
CA PRO A 343 2.42 20.61 -5.00
C PRO A 343 3.18 19.30 -4.85
N GLU A 344 4.29 19.16 -5.57
CA GLU A 344 4.92 17.86 -5.73
C GLU A 344 5.52 17.31 -4.44
N GLU A 345 5.64 18.15 -3.40
CA GLU A 345 6.23 17.69 -2.15
C GLU A 345 5.16 17.31 -1.08
N ASP A 346 3.88 17.54 -1.36
CA ASP A 346 2.85 17.46 -0.29
C ASP A 346 2.86 16.13 0.46
N THR A 347 2.42 16.15 1.72
CA THR A 347 2.30 14.93 2.50
C THR A 347 0.98 14.79 3.26
N TRP A 348 0.68 13.56 3.66
CA TRP A 348 -0.44 13.26 4.55
C TRP A 348 0.04 13.31 5.99
N GLU A 349 -0.61 14.12 6.81
CA GLU A 349 -0.29 14.09 8.23
C GLU A 349 -1.54 13.80 9.06
N PRO A 350 -1.38 12.96 10.10
CA PRO A 350 -2.51 12.56 10.95
C PRO A 350 -3.13 13.76 11.66
N ILE A 351 -4.45 13.76 11.80
CA ILE A 351 -5.16 14.88 12.40
C ILE A 351 -4.53 15.31 13.72
N ASP A 352 -4.25 14.35 14.59
CA ASP A 352 -3.62 14.65 15.87
C ASP A 352 -2.30 15.37 15.70
N ASN A 353 -1.50 14.93 14.73
CA ASN A 353 -0.19 15.50 14.48
C ASN A 353 -0.28 16.99 14.16
N LEU A 354 -1.50 17.43 13.86
CA LEU A 354 -1.78 18.84 13.61
C LEU A 354 -2.00 19.55 14.93
N SER A 355 -1.50 20.77 15.04
CA SER A 355 -1.57 21.52 16.28
C SER A 355 -3.00 21.99 16.54
N ASP A 356 -3.19 22.77 17.61
CA ASP A 356 -4.52 23.23 18.02
C ASP A 356 -5.15 24.13 16.96
N CYS A 357 -4.36 24.49 15.97
CA CYS A 357 -4.72 25.55 15.05
C CYS A 357 -6.07 25.25 14.43
N PRO A 358 -7.08 26.05 14.80
CA PRO A 358 -8.38 25.80 14.18
C PRO A 358 -8.38 26.28 12.76
N GLN A 359 -7.94 27.52 12.57
CA GLN A 359 -8.27 28.27 11.37
C GLN A 359 -8.10 27.34 10.17
N LYS A 360 -6.96 26.68 10.10
CA LYS A 360 -6.79 25.63 9.11
C LYS A 360 -8.00 24.67 9.10
N ILE A 361 -8.13 23.85 10.14
CA ILE A 361 -9.15 22.80 10.17
C ILE A 361 -10.59 23.31 10.12
N ARG A 362 -10.94 24.19 11.04
CA ARG A 362 -12.27 24.79 11.07
C ARG A 362 -12.59 25.29 9.68
N GLU A 363 -11.78 26.19 9.15
CA GLU A 363 -12.14 26.78 7.87
C GLU A 363 -12.17 25.74 6.76
N PHE A 364 -11.38 24.67 6.88
CA PHE A 364 -11.39 23.60 5.89
C PHE A 364 -12.73 22.88 5.89
N VAL A 365 -13.19 22.48 7.07
CA VAL A 365 -14.45 21.77 7.18
C VAL A 365 -15.63 22.64 6.77
N GLN A 366 -15.64 23.90 7.19
CA GLN A 366 -16.74 24.79 6.80
C GLN A 366 -16.76 25.03 5.28
N GLU A 367 -15.59 25.36 4.73
CA GLU A 367 -15.41 25.61 3.30
C GLU A 367 -15.83 24.40 2.48
N GLY A 368 -15.32 23.24 2.87
CA GLY A 368 -15.61 22.01 2.16
C GLY A 368 -17.10 21.68 2.24
N HIS A 369 -17.62 21.70 3.46
CA HIS A 369 -19.03 21.46 3.72
C HIS A 369 -19.89 22.30 2.78
N LYS A 370 -19.61 23.60 2.74
CA LYS A 370 -20.30 24.47 1.81
C LYS A 370 -20.16 23.90 0.40
N ARG A 371 -18.94 23.58 0.00
CA ARG A 371 -18.70 23.05 -1.34
C ARG A 371 -19.25 21.64 -1.54
N LYS A 372 -19.74 21.04 -0.46
CA LYS A 372 -20.22 19.66 -0.50
C LYS A 372 -19.20 18.84 -1.28
N ILE A 373 -17.99 18.80 -0.73
CA ILE A 373 -16.87 18.13 -1.36
C ILE A 373 -16.99 16.67 -1.01
N LEU A 374 -17.86 16.43 -0.03
CA LEU A 374 -18.08 15.10 0.52
C LEU A 374 -19.54 14.97 0.94
N PRO A 375 -20.11 13.77 0.82
CA PRO A 375 -21.54 13.63 1.14
C PRO A 375 -21.87 13.55 2.62
N LEU A 376 -23.07 14.02 2.96
CA LEU A 376 -23.72 13.71 4.22
C LEU A 376 -24.99 12.95 3.87
N PRO A 377 -25.51 12.16 4.82
CA PRO A 377 -26.70 11.34 4.53
C PRO A 377 -27.82 12.15 3.89
N GLY A 378 -27.97 13.40 4.32
CA GLY A 378 -29.05 14.24 3.84
C GLY A 378 -29.15 14.27 2.33
N ASP A 379 -28.02 14.52 1.68
CA ASP A 379 -28.02 14.67 0.23
C ASP A 379 -27.22 13.59 -0.53
N VAL A 380 -27.94 12.65 -1.13
CA VAL A 380 -27.47 11.94 -2.30
C VAL A 380 -28.78 11.62 -3.01
N ASP A 381 -28.88 11.87 -4.30
CA ASP A 381 -30.14 11.52 -4.97
C ASP A 381 -30.13 10.22 -5.74
N VAL A 382 -28.93 9.71 -6.04
CA VAL A 382 -28.77 8.45 -6.74
C VAL A 382 -27.40 7.90 -6.39
N ILE A 383 -27.28 6.58 -6.31
CA ILE A 383 -25.96 5.99 -6.23
C ILE A 383 -25.94 4.65 -6.96
N CYS A 384 -24.87 4.44 -7.71
CA CYS A 384 -24.71 3.24 -8.52
C CYS A 384 -23.43 2.55 -8.11
N GLY A 385 -23.33 1.26 -8.38
CA GLY A 385 -22.08 0.58 -8.12
C GLY A 385 -21.80 -0.64 -8.98
N GLY A 386 -20.51 -0.88 -9.18
CA GLY A 386 -20.03 -2.02 -9.94
C GLY A 386 -19.36 -3.09 -9.12
N PRO A 387 -19.64 -3.16 -7.80
CA PRO A 387 -18.66 -3.86 -6.97
C PRO A 387 -18.33 -5.23 -7.56
N PRO A 388 -17.02 -5.48 -7.76
CA PRO A 388 -16.55 -6.65 -8.50
C PRO A 388 -16.92 -7.96 -7.81
N CYS A 389 -16.67 -8.05 -6.51
CA CYS A 389 -16.83 -9.30 -5.79
C CYS A 389 -16.32 -10.45 -6.66
N GLN A 390 -15.02 -10.44 -6.91
CA GLN A 390 -14.40 -11.39 -7.83
C GLN A 390 -14.73 -12.84 -7.47
N LYS A 406 -19.16 -18.90 2.30
CA LYS A 406 -20.24 -17.96 2.01
C LYS A 406 -19.72 -16.70 1.33
N ASP A 407 -19.13 -15.81 2.11
CA ASP A 407 -18.47 -14.62 1.59
C ASP A 407 -16.97 -14.84 1.55
N GLU A 408 -16.43 -14.86 0.35
CA GLU A 408 -14.99 -14.80 0.14
C GLU A 408 -14.80 -13.49 -0.59
N LYS A 409 -14.20 -12.52 0.09
CA LYS A 409 -14.31 -11.15 -0.36
C LYS A 409 -15.78 -11.03 -0.70
N ASN A 410 -16.11 -10.56 -1.90
CA ASN A 410 -17.51 -10.40 -2.26
C ASN A 410 -18.02 -9.36 -1.29
N LYS A 411 -17.10 -8.95 -0.43
CA LYS A 411 -17.37 -7.95 0.58
C LYS A 411 -17.99 -6.75 -0.08
N GLN A 412 -17.40 -6.28 -1.19
CA GLN A 412 -17.82 -5.02 -1.80
C GLN A 412 -19.33 -5.02 -2.06
N MET A 413 -19.93 -6.20 -2.08
CA MET A 413 -21.38 -6.31 -2.07
C MET A 413 -21.86 -5.77 -0.73
N VAL A 414 -21.26 -6.30 0.33
CA VAL A 414 -21.57 -5.94 1.70
C VAL A 414 -21.25 -4.48 2.03
N THR A 415 -20.08 -4.03 1.60
CA THR A 415 -19.60 -2.68 1.84
C THR A 415 -20.42 -1.69 1.01
N PHE A 416 -20.80 -2.13 -0.19
CA PHE A 416 -21.68 -1.33 -1.03
C PHE A 416 -22.98 -1.09 -0.28
N MET A 417 -23.60 -2.18 0.16
CA MET A 417 -24.84 -2.06 0.92
C MET A 417 -24.65 -1.34 2.26
N ASP A 418 -23.39 -1.28 2.73
CA ASP A 418 -23.07 -0.56 3.96
C ASP A 418 -23.10 0.94 3.72
N ILE A 419 -22.41 1.37 2.67
CA ILE A 419 -22.40 2.77 2.28
C ILE A 419 -23.82 3.24 1.96
N VAL A 420 -24.52 2.43 1.15
CA VAL A 420 -25.92 2.70 0.87
C VAL A 420 -26.69 2.87 2.18
N ALA A 421 -26.53 1.90 3.06
CA ALA A 421 -27.19 1.94 4.36
C ALA A 421 -26.93 3.27 5.06
N TYR A 422 -25.69 3.76 4.95
CA TYR A 422 -25.32 5.02 5.58
C TYR A 422 -26.04 6.22 4.96
N LEU A 423 -25.91 6.38 3.65
CA LEU A 423 -26.32 7.63 2.97
C LEU A 423 -27.80 7.80 2.58
N LYS A 424 -28.52 6.70 2.47
CA LYS A 424 -29.95 6.75 2.14
C LYS A 424 -30.22 7.43 0.79
N PRO A 425 -29.66 6.92 -0.31
CA PRO A 425 -30.07 7.64 -1.51
C PRO A 425 -31.56 7.48 -1.76
N LYS A 426 -32.11 8.18 -2.73
CA LYS A 426 -33.53 8.02 -3.09
C LYS A 426 -33.62 6.93 -4.13
N TYR A 427 -32.46 6.59 -4.69
CA TYR A 427 -32.39 5.57 -5.71
C TYR A 427 -31.10 4.81 -5.53
N VAL A 428 -31.11 3.57 -5.98
CA VAL A 428 -29.91 2.76 -6.02
C VAL A 428 -29.91 2.05 -7.35
N LEU A 429 -28.72 1.91 -7.93
CA LEU A 429 -28.56 1.09 -9.10
C LEU A 429 -27.29 0.29 -8.96
N MET A 430 -27.37 -0.99 -9.27
CA MET A 430 -26.22 -1.85 -9.11
C MET A 430 -25.99 -2.78 -10.29
N GLU A 431 -24.82 -2.65 -10.91
CA GLU A 431 -24.43 -3.51 -12.02
C GLU A 431 -23.51 -4.61 -11.51
N ASN A 432 -23.79 -5.83 -11.93
CA ASN A 432 -22.86 -6.93 -11.68
C ASN A 432 -23.00 -7.97 -12.77
N VAL A 433 -22.17 -9.00 -12.74
CA VAL A 433 -22.25 -10.03 -13.76
C VAL A 433 -23.42 -10.96 -13.48
N VAL A 434 -23.91 -11.63 -14.51
CA VAL A 434 -25.01 -12.58 -14.36
C VAL A 434 -24.70 -13.63 -13.29
N ASP A 435 -23.42 -13.99 -13.22
CA ASP A 435 -22.99 -15.09 -12.37
C ASP A 435 -23.42 -15.01 -10.92
N ILE A 436 -23.75 -13.82 -10.44
CA ILE A 436 -24.24 -13.65 -9.07
C ILE A 436 -25.34 -14.67 -8.86
N LEU A 437 -26.31 -14.66 -9.77
CA LEU A 437 -27.51 -15.47 -9.63
C LEU A 437 -27.13 -16.94 -9.73
N LYS A 438 -26.06 -17.21 -10.46
CA LYS A 438 -25.58 -18.58 -10.65
C LYS A 438 -24.69 -19.14 -9.53
N PHE A 439 -23.78 -18.32 -9.00
CA PHE A 439 -22.57 -18.83 -8.34
C PHE A 439 -22.87 -19.97 -7.39
N ALA A 440 -23.41 -19.62 -6.23
CA ALA A 440 -24.25 -20.55 -5.54
C ALA A 440 -25.54 -19.79 -5.54
N ASP A 441 -26.43 -20.15 -6.43
CA ASP A 441 -27.78 -19.63 -6.34
C ASP A 441 -27.84 -18.16 -5.91
N GLY A 442 -27.31 -17.25 -6.72
CA GLY A 442 -27.60 -15.85 -6.47
C GLY A 442 -27.48 -15.50 -5.01
N TYR A 443 -26.58 -16.14 -4.28
CA TYR A 443 -26.44 -15.84 -2.87
C TYR A 443 -26.26 -14.34 -2.76
N LEU A 444 -25.31 -13.82 -3.55
CA LEU A 444 -25.03 -12.40 -3.58
C LEU A 444 -26.23 -11.61 -4.10
N GLY A 445 -26.89 -12.11 -5.14
CA GLY A 445 -28.02 -11.42 -5.72
C GLY A 445 -29.10 -11.26 -4.69
N LYS A 446 -29.44 -12.38 -4.05
CA LYS A 446 -30.45 -12.40 -3.01
C LYS A 446 -30.00 -11.61 -1.80
N TYR A 447 -28.69 -11.43 -1.65
CA TYR A 447 -28.14 -10.67 -0.53
C TYR A 447 -28.37 -9.19 -0.75
N ALA A 448 -28.04 -8.74 -1.95
CA ALA A 448 -28.24 -7.36 -2.35
C ALA A 448 -29.72 -7.02 -2.28
N LEU A 449 -30.53 -7.87 -2.90
CA LEU A 449 -31.98 -7.68 -2.87
C LEU A 449 -32.48 -7.63 -1.44
N SER A 450 -32.15 -8.65 -0.66
CA SER A 450 -32.56 -8.77 0.73
C SER A 450 -32.21 -7.54 1.57
N CYS A 451 -30.97 -7.08 1.44
CA CYS A 451 -30.54 -5.89 2.15
C CYS A 451 -31.38 -4.70 1.72
N LEU A 452 -31.47 -4.52 0.40
CA LEU A 452 -32.20 -3.40 -0.18
C LEU A 452 -33.61 -3.30 0.40
N VAL A 453 -34.36 -4.40 0.34
CA VAL A 453 -35.72 -4.42 0.86
C VAL A 453 -35.76 -4.26 2.38
N ALA A 454 -34.86 -4.96 3.07
CA ALA A 454 -34.81 -4.94 4.53
C ALA A 454 -34.72 -3.51 5.04
N MET A 455 -34.16 -2.63 4.23
CA MET A 455 -34.08 -1.22 4.55
C MET A 455 -35.37 -0.52 4.17
N LYS A 456 -36.35 -1.32 3.76
CA LYS A 456 -37.64 -0.78 3.32
C LYS A 456 -37.44 0.14 2.13
N TYR A 457 -37.05 -0.49 1.03
CA TYR A 457 -36.63 0.16 -0.19
C TYR A 457 -37.28 -0.54 -1.38
N GLN A 458 -38.05 0.17 -2.20
CA GLN A 458 -38.57 -0.47 -3.39
C GLN A 458 -37.40 -1.07 -4.14
N ALA A 459 -37.53 -2.32 -4.54
CA ALA A 459 -36.45 -3.01 -5.22
C ALA A 459 -36.96 -3.86 -6.37
N ARG A 460 -36.25 -3.81 -7.48
CA ARG A 460 -36.54 -4.70 -8.59
C ARG A 460 -35.23 -5.08 -9.26
N LEU A 461 -35.22 -6.19 -10.00
CA LEU A 461 -33.97 -6.72 -10.50
C LEU A 461 -34.14 -7.26 -11.91
N GLY A 462 -33.19 -6.95 -12.80
CA GLY A 462 -33.32 -7.42 -14.17
C GLY A 462 -32.02 -7.60 -14.92
N MET A 463 -32.04 -8.46 -15.92
CA MET A 463 -30.85 -8.74 -16.72
C MET A 463 -30.96 -8.09 -18.10
N MET A 464 -29.92 -7.35 -18.48
CA MET A 464 -29.92 -6.63 -19.76
C MET A 464 -28.75 -7.04 -20.65
N VAL A 465 -29.01 -7.07 -21.96
CA VAL A 465 -27.98 -7.36 -22.95
C VAL A 465 -27.53 -6.06 -23.61
N ALA A 466 -26.23 -5.89 -23.73
CA ALA A 466 -25.70 -4.71 -24.34
C ALA A 466 -26.09 -4.62 -25.77
N GLY A 467 -26.16 -5.73 -26.49
CA GLY A 467 -26.46 -5.65 -27.91
C GLY A 467 -27.79 -5.01 -28.21
N CYS A 468 -28.83 -5.36 -27.49
CA CYS A 468 -30.05 -4.67 -27.71
C CYS A 468 -29.54 -3.34 -27.23
N TYR A 469 -30.07 -2.23 -27.67
CA TYR A 469 -29.48 -0.98 -27.24
C TYR A 469 -28.38 -0.60 -28.19
N GLY A 470 -28.27 -1.38 -29.24
CA GLY A 470 -27.31 -1.16 -30.32
C GLY A 470 -25.80 -1.16 -30.24
N LEU A 471 -25.20 -2.26 -29.82
CA LEU A 471 -23.75 -2.42 -29.74
C LEU A 471 -23.34 -3.71 -30.43
N PRO A 472 -22.18 -3.73 -31.08
CA PRO A 472 -21.77 -4.93 -31.82
C PRO A 472 -21.20 -5.97 -30.88
N GLN A 473 -21.94 -6.25 -29.81
CA GLN A 473 -21.53 -7.29 -28.89
C GLN A 473 -22.71 -7.80 -28.11
N PHE A 474 -22.56 -8.99 -27.55
CA PHE A 474 -23.59 -9.56 -26.70
C PHE A 474 -23.06 -9.54 -25.27
N ARG A 475 -23.55 -8.59 -24.47
CA ARG A 475 -23.05 -8.41 -23.13
C ARG A 475 -24.22 -8.39 -22.19
N MET A 476 -24.29 -9.39 -21.33
CA MET A 476 -25.42 -9.53 -20.45
C MET A 476 -25.00 -9.35 -19.01
N ARG A 477 -25.71 -8.47 -18.29
CA ARG A 477 -25.42 -8.27 -16.89
C ARG A 477 -26.67 -7.98 -16.07
N VAL A 478 -26.48 -7.85 -14.76
CA VAL A 478 -27.60 -7.75 -13.82
C VAL A 478 -27.64 -6.38 -13.16
N PHE A 479 -28.84 -5.78 -13.18
CA PHE A 479 -29.06 -4.47 -12.63
C PHE A 479 -30.08 -4.50 -11.50
N LEU A 480 -29.73 -3.81 -10.43
CA LEU A 480 -30.52 -3.78 -9.21
C LEU A 480 -31.03 -2.36 -8.98
N TRP A 481 -32.36 -2.21 -9.04
CA TRP A 481 -33.02 -0.94 -8.77
C TRP A 481 -33.52 -0.84 -7.34
N GLY A 482 -32.95 0.13 -6.63
CA GLY A 482 -33.17 0.34 -5.21
C GLY A 482 -34.07 1.49 -4.79
N ALA A 483 -35.00 1.90 -5.63
CA ALA A 483 -35.79 3.10 -5.36
C ALA A 483 -36.50 3.14 -4.00
N LEU A 484 -36.65 4.34 -3.48
CA LEU A 484 -37.16 4.58 -2.12
C LEU A 484 -38.69 4.55 -2.01
N SER A 485 -39.20 4.12 -0.85
CA SER A 485 -40.63 4.05 -0.61
C SER A 485 -41.31 5.37 -0.99
N SER A 486 -40.65 6.48 -0.65
CA SER A 486 -41.21 7.79 -0.94
C SER A 486 -41.18 8.13 -2.43
N MET A 487 -40.50 7.31 -3.23
CA MET A 487 -40.35 7.61 -4.65
C MET A 487 -40.95 6.54 -5.56
N VAL A 488 -40.90 6.82 -6.86
CA VAL A 488 -41.33 5.86 -7.86
C VAL A 488 -40.10 5.09 -8.28
N LEU A 489 -40.23 3.78 -8.50
CA LEU A 489 -39.07 3.01 -8.95
C LEU A 489 -38.93 2.92 -10.47
N PRO A 490 -37.70 3.06 -10.97
CA PRO A 490 -37.42 3.01 -12.41
C PRO A 490 -37.74 1.63 -12.95
N LYS A 491 -38.33 1.60 -14.14
CA LYS A 491 -38.57 0.34 -14.83
C LYS A 491 -37.26 -0.05 -15.49
N TYR A 492 -37.32 -1.04 -16.38
CA TYR A 492 -36.18 -1.33 -17.24
C TYR A 492 -36.60 -1.08 -18.67
N PRO A 493 -35.68 -0.52 -19.48
CA PRO A 493 -35.98 -0.23 -20.88
C PRO A 493 -35.99 -1.50 -21.73
N LEU A 494 -36.91 -1.57 -22.68
CA LEU A 494 -36.96 -2.70 -23.60
C LEU A 494 -35.88 -2.58 -24.65
N PRO A 495 -35.38 -3.74 -25.10
CA PRO A 495 -34.23 -3.76 -25.99
C PRO A 495 -34.38 -2.76 -27.14
N THR A 496 -33.37 -1.93 -27.37
CA THR A 496 -33.24 -1.20 -28.62
C THR A 496 -32.40 -1.93 -29.72
N TYR A 497 -32.18 -3.28 -29.67
CA TYR A 497 -31.83 -4.01 -30.90
C TYR A 497 -32.49 -5.42 -31.18
N ASP A 498 -32.40 -5.84 -32.44
CA ASP A 498 -33.09 -7.04 -32.82
C ASP A 498 -32.21 -8.24 -32.53
N VAL A 499 -31.07 -7.98 -31.90
CA VAL A 499 -30.18 -9.04 -31.48
C VAL A 499 -31.00 -10.08 -30.74
N VAL A 500 -30.70 -11.34 -31.02
CA VAL A 500 -31.52 -12.43 -30.52
C VAL A 500 -31.02 -12.85 -29.14
N VAL A 501 -31.85 -12.63 -28.12
CA VAL A 501 -31.51 -13.08 -26.80
C VAL A 501 -31.95 -14.53 -26.69
N ARG A 502 -31.02 -15.37 -26.27
CA ARG A 502 -31.34 -16.70 -25.83
C ARG A 502 -30.93 -16.69 -24.38
N GLY A 503 -31.87 -16.60 -23.46
CA GLY A 503 -31.50 -16.28 -22.10
C GLY A 503 -30.72 -17.39 -21.46
N GLY A 504 -29.48 -17.11 -21.06
CA GLY A 504 -28.93 -17.88 -19.98
C GLY A 504 -29.88 -17.36 -18.95
N ALA A 505 -30.69 -18.24 -18.38
CA ALA A 505 -31.77 -17.78 -17.52
C ALA A 505 -31.77 -18.66 -16.29
N PRO A 506 -30.81 -18.43 -15.40
CA PRO A 506 -30.62 -19.22 -14.19
C PRO A 506 -31.94 -19.27 -13.45
N ASN A 507 -32.18 -20.32 -12.67
CA ASN A 507 -33.52 -20.60 -12.19
C ASN A 507 -34.24 -19.43 -11.54
N ALA A 508 -33.87 -19.12 -10.30
CA ALA A 508 -34.69 -18.26 -9.46
C ALA A 508 -35.01 -17.00 -10.23
N PHE A 509 -34.06 -16.62 -11.08
CA PHE A 509 -34.15 -15.41 -11.85
C PHE A 509 -34.62 -15.58 -13.28
N SER A 510 -35.07 -16.79 -13.62
CA SER A 510 -35.56 -17.09 -14.95
C SER A 510 -36.51 -16.00 -15.43
N GLN A 511 -37.33 -15.51 -14.52
CA GLN A 511 -38.34 -14.51 -14.86
C GLN A 511 -37.78 -13.10 -14.89
N CYS A 512 -36.57 -12.92 -14.38
CA CYS A 512 -35.95 -11.61 -14.42
C CYS A 512 -35.09 -11.46 -15.67
N MET A 513 -35.55 -10.65 -16.60
CA MET A 513 -34.79 -10.34 -17.81
C MET A 513 -35.60 -9.39 -18.68
N VAL A 514 -34.91 -8.67 -19.55
CA VAL A 514 -35.57 -7.68 -20.39
C VAL A 514 -35.56 -8.10 -21.86
N ALA A 515 -36.74 -8.31 -22.41
CA ALA A 515 -36.85 -8.66 -23.81
C ALA A 515 -38.31 -8.58 -24.24
N TYR A 516 -38.55 -8.85 -25.51
CA TYR A 516 -39.91 -9.01 -26.00
C TYR A 516 -40.22 -10.49 -26.06
N ASP A 517 -41.13 -10.92 -25.20
CA ASP A 517 -41.52 -12.33 -25.13
C ASP A 517 -41.74 -12.82 -26.54
N GLU A 518 -42.87 -12.42 -27.06
CA GLU A 518 -43.21 -12.73 -28.40
C GLU A 518 -43.97 -11.46 -28.68
N THR A 519 -43.37 -10.60 -29.46
CA THR A 519 -44.03 -9.38 -29.80
C THR A 519 -43.32 -8.84 -31.00
N GLN A 520 -44.09 -8.36 -31.96
CA GLN A 520 -43.46 -7.84 -33.11
C GLN A 520 -43.07 -6.48 -32.72
N LYS A 521 -41.99 -6.42 -31.96
CA LYS A 521 -41.49 -5.16 -31.55
C LYS A 521 -41.07 -4.46 -32.82
N PRO A 522 -40.46 -5.20 -33.75
CA PRO A 522 -40.07 -4.57 -34.99
C PRO A 522 -39.21 -3.34 -34.92
N SER A 523 -38.16 -3.46 -34.12
CA SER A 523 -37.18 -2.43 -34.02
C SER A 523 -36.31 -3.08 -35.05
N LEU A 524 -36.42 -2.74 -36.33
CA LEU A 524 -35.59 -3.47 -37.27
C LEU A 524 -34.15 -3.24 -36.83
N LYS A 525 -33.86 -1.98 -36.61
CA LYS A 525 -32.56 -1.64 -36.07
C LYS A 525 -31.69 -2.85 -36.20
N LYS A 526 -31.28 -3.11 -37.42
CA LYS A 526 -30.55 -4.31 -37.74
C LYS A 526 -29.47 -4.45 -36.67
N ALA A 527 -29.22 -5.68 -36.24
CA ALA A 527 -28.16 -5.93 -35.26
C ALA A 527 -26.87 -5.27 -35.75
N LEU A 528 -26.23 -4.52 -34.86
CA LEU A 528 -24.98 -3.86 -35.20
C LEU A 528 -23.87 -4.89 -35.40
N LEU A 529 -22.93 -4.56 -36.28
CA LEU A 529 -21.77 -5.41 -36.51
C LEU A 529 -20.49 -4.58 -36.42
N LEU A 530 -19.37 -5.25 -36.27
CA LEU A 530 -18.07 -4.58 -36.12
C LEU A 530 -17.86 -3.53 -37.20
N GLY A 531 -18.13 -3.91 -38.45
CA GLY A 531 -17.97 -3.01 -39.57
C GLY A 531 -18.64 -1.69 -39.30
N ASP A 532 -19.89 -1.74 -38.83
CA ASP A 532 -20.63 -0.53 -38.53
C ASP A 532 -19.93 0.29 -37.45
N ALA A 533 -19.37 -0.40 -36.47
CA ALA A 533 -18.76 0.26 -35.32
C ALA A 533 -17.45 0.98 -35.62
N ILE A 534 -16.46 0.25 -36.13
CA ILE A 534 -15.12 0.81 -36.32
C ILE A 534 -14.77 1.26 -37.74
N SER A 535 -15.69 1.08 -38.69
CA SER A 535 -15.37 1.23 -40.11
C SER A 535 -14.69 2.56 -40.48
N ASP A 536 -15.11 3.66 -39.86
CA ASP A 536 -14.46 4.92 -40.15
C ASP A 536 -13.34 5.06 -39.14
N LEU A 537 -12.10 4.94 -39.60
CA LEU A 537 -10.96 5.13 -38.72
C LEU A 537 -9.66 5.02 -39.49
N PRO A 538 -8.75 5.93 -39.24
CA PRO A 538 -7.50 5.93 -39.96
C PRO A 538 -6.71 4.68 -39.66
N LYS A 539 -5.97 4.21 -40.64
CA LYS A 539 -5.16 3.03 -40.46
C LYS A 539 -4.17 3.35 -39.40
N VAL A 540 -3.85 2.38 -38.58
CA VAL A 540 -2.86 2.59 -37.57
C VAL A 540 -2.16 1.28 -37.50
N GLN A 541 -0.95 1.27 -36.95
CA GLN A 541 -0.10 0.08 -36.95
C GLN A 541 0.37 -0.23 -35.55
N ASN A 542 1.02 -1.39 -35.43
CA ASN A 542 1.30 -2.01 -34.16
C ASN A 542 1.81 -0.98 -33.15
N HIS A 543 2.53 0.00 -33.64
CA HIS A 543 3.04 1.04 -32.76
C HIS A 543 2.56 2.45 -33.14
N GLN A 544 1.76 3.03 -32.25
CA GLN A 544 1.13 4.33 -32.47
C GLN A 544 1.14 5.15 -31.18
N PRO A 545 2.25 5.83 -30.87
CA PRO A 545 2.36 6.46 -29.56
C PRO A 545 1.76 7.86 -29.55
N ASN A 546 0.55 8.00 -30.07
CA ASN A 546 -0.12 9.31 -30.06
C ASN A 546 -1.55 9.18 -29.59
N ASP A 547 -1.84 9.80 -28.45
CA ASP A 547 -3.19 9.87 -27.95
C ASP A 547 -4.06 10.48 -29.05
N VAL A 548 -3.80 11.75 -29.34
CA VAL A 548 -4.63 12.52 -30.25
C VAL A 548 -4.12 12.50 -31.68
N MET A 549 -4.91 11.89 -32.56
CA MET A 549 -4.69 11.94 -34.00
C MET A 549 -5.85 12.68 -34.64
N GLU A 550 -5.89 12.66 -35.97
CA GLU A 550 -7.05 13.15 -36.69
C GLU A 550 -7.74 11.98 -37.40
N TYR A 551 -9.05 12.10 -37.60
CA TYR A 551 -9.79 11.09 -38.34
C TYR A 551 -9.37 11.12 -39.81
N GLY A 552 -9.32 12.32 -40.38
CA GLY A 552 -9.05 12.45 -41.80
C GLY A 552 -10.13 11.75 -42.60
N GLY A 553 -11.34 11.75 -42.04
CA GLY A 553 -12.48 11.10 -42.67
C GLY A 553 -13.75 11.48 -41.94
N SER A 554 -14.89 11.17 -42.54
CA SER A 554 -16.18 11.54 -41.97
C SER A 554 -16.97 10.30 -41.56
N PRO A 555 -17.84 10.36 -40.58
CA PRO A 555 -18.46 9.11 -40.18
C PRO A 555 -19.21 8.41 -41.29
N LYS A 556 -18.88 7.15 -41.48
CA LYS A 556 -19.46 6.25 -42.46
C LYS A 556 -20.88 5.77 -42.28
N THR A 557 -21.27 5.53 -41.04
CA THR A 557 -22.54 4.91 -40.69
C THR A 557 -23.25 5.59 -39.56
N GLU A 558 -24.51 5.23 -39.38
CA GLU A 558 -25.36 5.90 -38.43
C GLU A 558 -24.72 5.80 -37.09
N PHE A 559 -24.16 4.65 -36.75
CA PHE A 559 -23.53 4.54 -35.47
C PHE A 559 -22.34 5.45 -35.36
N GLN A 560 -21.49 5.40 -36.36
CA GLN A 560 -20.28 6.18 -36.30
C GLN A 560 -20.66 7.62 -36.27
N ARG A 561 -21.59 8.01 -37.12
CA ARG A 561 -22.12 9.37 -37.11
C ARG A 561 -22.62 9.71 -35.71
N TYR A 562 -23.25 8.74 -35.06
CA TYR A 562 -23.77 8.92 -33.71
C TYR A 562 -22.68 8.94 -32.63
N ILE A 563 -21.62 8.16 -32.82
CA ILE A 563 -20.60 7.96 -31.80
C ILE A 563 -19.69 9.17 -31.68
N ARG A 564 -19.56 9.94 -32.75
CA ARG A 564 -18.84 11.20 -32.66
C ARG A 564 -19.85 12.33 -32.58
N LEU A 565 -19.99 12.90 -31.39
CA LEU A 565 -20.88 14.03 -31.19
C LEU A 565 -20.33 14.90 -30.07
N SER A 566 -20.47 16.21 -30.23
CA SER A 566 -20.04 17.15 -29.22
C SER A 566 -20.73 16.83 -27.91
N ARG A 567 -20.05 17.08 -26.80
CA ARG A 567 -20.62 16.84 -25.48
C ARG A 567 -21.98 17.53 -25.38
N LYS A 568 -22.15 18.63 -26.11
CA LYS A 568 -23.41 19.37 -26.11
C LYS A 568 -24.53 18.60 -26.79
N ASP A 569 -24.27 18.17 -28.02
CA ASP A 569 -25.27 17.41 -28.77
C ASP A 569 -25.68 16.21 -27.97
N MET A 570 -24.71 15.60 -27.29
CA MET A 570 -24.96 14.42 -26.45
C MET A 570 -25.37 14.76 -25.03
N LEU A 571 -25.16 16.01 -24.61
CA LEU A 571 -25.53 16.42 -23.24
C LEU A 571 -24.54 16.15 -22.11
N ASP A 572 -23.34 15.64 -22.41
CA ASP A 572 -22.35 15.38 -21.35
C ASP A 572 -22.32 16.53 -20.36
N TRP A 573 -22.42 17.76 -20.87
CA TRP A 573 -22.88 18.88 -20.07
C TRP A 573 -21.95 19.24 -18.91
N SER A 574 -21.00 18.37 -18.61
CA SER A 574 -20.14 18.56 -17.45
C SER A 574 -19.33 19.81 -17.65
N PHE A 575 -19.43 20.35 -18.86
CA PHE A 575 -18.76 21.58 -19.20
C PHE A 575 -19.74 22.71 -19.24
N GLY A 576 -19.21 23.88 -18.95
CA GLY A 576 -19.97 25.01 -18.45
C GLY A 576 -20.68 25.65 -19.61
N GLU A 577 -21.13 24.80 -20.52
CA GLU A 577 -22.00 25.18 -21.62
C GLU A 577 -21.09 25.73 -22.71
N GLY A 578 -19.81 25.80 -22.36
CA GLY A 578 -18.77 26.07 -23.33
C GLY A 578 -18.23 24.75 -23.82
N ALA A 579 -17.59 24.77 -24.99
CA ALA A 579 -17.15 23.52 -25.62
C ALA A 579 -16.23 22.71 -24.72
N GLY A 580 -16.30 21.38 -24.85
CA GLY A 580 -15.39 20.52 -24.12
C GLY A 580 -14.04 20.52 -24.78
N PRO A 581 -13.01 20.03 -24.08
CA PRO A 581 -11.68 19.93 -24.68
C PRO A 581 -11.67 18.80 -25.70
N ASP A 582 -10.65 18.78 -26.55
CA ASP A 582 -10.49 17.68 -27.49
C ASP A 582 -11.69 17.59 -28.43
N GLU A 583 -12.09 18.73 -28.98
CA GLU A 583 -13.22 18.79 -29.89
C GLU A 583 -12.91 18.20 -31.25
N GLY A 584 -13.79 17.33 -31.73
CA GLY A 584 -13.69 16.82 -33.09
C GLY A 584 -12.41 16.06 -33.31
N LYS A 585 -11.63 15.90 -32.24
CA LYS A 585 -10.37 15.19 -32.33
C LYS A 585 -10.60 13.70 -32.18
N LEU A 586 -9.54 12.92 -32.32
CA LEU A 586 -9.60 11.49 -32.12
C LEU A 586 -8.63 11.16 -31.00
N LEU A 587 -9.03 10.26 -30.12
CA LEU A 587 -8.23 9.99 -28.94
C LEU A 587 -8.01 8.51 -28.67
N ASP A 588 -6.89 8.21 -28.03
CA ASP A 588 -6.61 6.87 -27.55
C ASP A 588 -6.82 5.83 -28.64
N HIS A 589 -6.58 6.21 -29.89
CA HIS A 589 -6.68 5.26 -30.96
C HIS A 589 -5.27 4.73 -31.08
N GLN A 590 -5.07 3.50 -30.64
CA GLN A 590 -3.76 2.91 -30.60
C GLN A 590 -3.89 1.55 -29.93
N PRO A 591 -3.29 0.52 -30.53
CA PRO A 591 -3.38 -0.79 -29.89
C PRO A 591 -2.20 -0.93 -28.97
N LEU A 592 -2.13 -2.02 -28.20
CA LEU A 592 -0.93 -2.26 -27.44
C LEU A 592 0.13 -2.82 -28.38
N ARG A 593 1.40 -2.64 -28.04
CA ARG A 593 2.46 -3.15 -28.89
C ARG A 593 2.76 -4.60 -28.58
N LEU A 594 2.86 -5.42 -29.62
CA LEU A 594 3.24 -6.81 -29.47
C LEU A 594 4.75 -6.91 -29.57
N ASN A 595 5.35 -7.61 -28.62
CA ASN A 595 6.77 -7.91 -28.70
C ASN A 595 7.02 -8.55 -30.06
N ASN A 596 8.15 -8.22 -30.67
CA ASN A 596 8.36 -8.47 -32.09
C ASN A 596 7.91 -9.87 -32.53
N ASP A 597 8.15 -10.86 -31.68
CA ASP A 597 7.66 -12.21 -31.94
C ASP A 597 6.18 -12.21 -32.33
N ASP A 598 5.33 -11.89 -31.36
CA ASP A 598 3.89 -11.83 -31.57
C ASP A 598 3.54 -10.99 -32.79
N TYR A 599 4.23 -9.86 -32.93
CA TYR A 599 3.99 -8.95 -34.05
C TYR A 599 4.10 -9.69 -35.36
N GLU A 600 5.26 -10.30 -35.59
CA GLU A 600 5.49 -11.08 -36.80
C GLU A 600 4.39 -12.12 -36.96
N ARG A 601 4.09 -12.84 -35.87
CA ARG A 601 3.09 -13.88 -35.94
C ARG A 601 1.82 -13.33 -36.57
N VAL A 602 1.31 -12.25 -36.01
CA VAL A 602 0.12 -11.61 -36.56
C VAL A 602 0.36 -11.17 -38.02
N GLN A 603 1.60 -10.85 -38.33
CA GLN A 603 1.98 -10.45 -39.68
C GLN A 603 1.64 -11.56 -40.67
N GLN A 604 1.98 -12.80 -40.30
CA GLN A 604 1.74 -13.93 -41.20
C GLN A 604 0.28 -14.39 -41.24
N ILE A 605 -0.52 -14.00 -40.25
CA ILE A 605 -1.94 -14.33 -40.24
C ILE A 605 -2.60 -13.84 -41.52
N PRO A 606 -3.38 -14.69 -42.19
CA PRO A 606 -4.00 -14.24 -43.44
C PRO A 606 -5.02 -13.15 -43.20
N VAL A 607 -5.54 -12.58 -44.28
CA VAL A 607 -6.57 -11.55 -44.18
C VAL A 607 -7.97 -12.12 -44.42
N LYS A 608 -8.05 -13.43 -44.56
CA LYS A 608 -9.33 -14.07 -44.85
C LYS A 608 -10.24 -13.93 -43.63
N LYS A 609 -11.46 -14.44 -43.73
CA LYS A 609 -12.44 -14.23 -42.68
C LYS A 609 -12.18 -15.07 -41.43
N GLY A 610 -11.81 -16.32 -41.65
CA GLY A 610 -11.63 -17.27 -40.56
C GLY A 610 -10.21 -17.31 -40.04
N ALA A 611 -9.46 -16.23 -40.24
CA ALA A 611 -8.04 -16.21 -39.95
C ALA A 611 -7.74 -16.75 -38.55
N ASN A 612 -6.80 -17.69 -38.50
CA ASN A 612 -6.39 -18.32 -37.26
C ASN A 612 -4.96 -18.80 -37.40
N PHE A 613 -4.29 -19.06 -36.27
CA PHE A 613 -2.94 -19.57 -36.28
C PHE A 613 -2.90 -20.91 -37.00
N ARG A 614 -4.04 -21.59 -37.03
CA ARG A 614 -4.13 -22.89 -37.69
C ARG A 614 -3.52 -22.73 -39.07
N ASP A 615 -3.63 -21.53 -39.63
CA ASP A 615 -3.06 -21.27 -40.93
C ASP A 615 -1.60 -20.81 -40.89
N LEU A 616 -0.71 -21.68 -40.47
CA LEU A 616 0.71 -21.34 -40.34
C LEU A 616 1.56 -22.50 -40.80
N LYS A 617 2.82 -22.28 -41.11
CA LYS A 617 3.60 -23.41 -41.54
C LYS A 617 3.47 -24.39 -40.38
N GLY A 618 3.26 -25.66 -40.66
CA GLY A 618 2.79 -26.62 -39.68
C GLY A 618 1.29 -26.74 -39.41
N VAL A 619 0.53 -27.10 -40.45
CA VAL A 619 -0.92 -27.34 -40.31
C VAL A 619 -1.22 -28.65 -39.57
N ARG A 620 -2.51 -28.93 -39.37
CA ARG A 620 -2.93 -30.11 -38.61
C ARG A 620 -4.36 -30.56 -38.87
N VAL A 621 -4.63 -31.83 -38.56
CA VAL A 621 -5.98 -32.38 -38.63
C VAL A 621 -6.12 -33.63 -37.76
N GLY A 622 -7.37 -33.99 -37.48
CA GLY A 622 -7.69 -35.16 -36.69
C GLY A 622 -9.16 -35.12 -36.36
N ALA A 623 -9.65 -36.09 -35.60
CA ALA A 623 -11.04 -36.05 -35.15
C ALA A 623 -11.28 -34.73 -34.43
N ASN A 624 -10.34 -34.37 -33.57
CA ASN A 624 -10.48 -33.18 -32.74
C ASN A 624 -10.36 -31.88 -33.52
N ASN A 625 -9.98 -31.97 -34.79
CA ASN A 625 -9.58 -30.78 -35.53
C ASN A 625 -8.27 -30.32 -34.92
N ILE A 626 -7.84 -31.07 -33.91
CA ILE A 626 -6.69 -30.72 -33.10
C ILE A 626 -5.47 -30.40 -33.94
N VAL A 627 -4.72 -29.39 -33.50
CA VAL A 627 -3.53 -28.99 -34.21
C VAL A 627 -2.35 -29.87 -33.82
N GLU A 628 -1.83 -30.59 -34.81
CA GLU A 628 -0.63 -31.40 -34.69
C GLU A 628 0.26 -31.05 -35.88
N TRP A 629 1.56 -31.01 -35.65
CA TRP A 629 2.46 -30.43 -36.64
C TRP A 629 2.42 -31.10 -38.02
N ASP A 630 2.74 -30.26 -39.01
CA ASP A 630 2.65 -30.53 -40.45
C ASP A 630 3.30 -31.77 -41.10
N PRO A 631 4.30 -32.39 -40.44
CA PRO A 631 5.71 -32.43 -40.85
C PRO A 631 5.91 -32.76 -42.32
N GLU A 632 7.18 -32.86 -42.71
CA GLU A 632 7.62 -32.60 -44.08
C GLU A 632 7.91 -31.11 -44.15
N ILE A 633 7.45 -30.43 -43.10
CA ILE A 633 7.59 -29.00 -42.89
C ILE A 633 8.09 -28.93 -41.47
N GLU A 634 9.11 -28.13 -41.22
CA GLU A 634 9.61 -28.07 -39.88
C GLU A 634 9.76 -26.73 -39.20
N ARG A 635 8.98 -26.52 -38.16
CA ARG A 635 9.09 -25.33 -37.35
C ARG A 635 9.12 -23.99 -38.06
N VAL A 636 10.13 -23.26 -37.65
CA VAL A 636 10.46 -21.92 -38.13
C VAL A 636 11.39 -21.22 -37.14
N LYS A 637 12.02 -20.14 -37.60
CA LYS A 637 12.64 -19.17 -36.71
C LYS A 637 12.17 -17.77 -37.03
N LEU A 638 11.74 -17.02 -36.02
CA LEU A 638 11.52 -15.59 -36.17
C LEU A 638 12.90 -14.97 -36.11
N SER A 639 13.00 -13.65 -36.27
CA SER A 639 14.30 -12.99 -36.17
C SER A 639 14.99 -13.43 -34.88
N SER A 640 14.21 -13.48 -33.81
CA SER A 640 14.71 -13.86 -32.49
C SER A 640 15.00 -15.35 -32.40
N GLY A 641 14.44 -16.13 -33.32
CA GLY A 641 14.65 -17.56 -33.33
C GLY A 641 13.52 -18.31 -32.66
N LYS A 642 12.69 -17.58 -31.91
CA LYS A 642 11.50 -18.16 -31.31
C LYS A 642 10.65 -18.76 -32.43
N PRO A 643 9.88 -19.81 -32.12
CA PRO A 643 9.09 -20.49 -33.16
C PRO A 643 7.87 -19.68 -33.61
N LEU A 644 7.36 -19.99 -34.80
CA LEU A 644 6.18 -19.32 -35.34
C LEU A 644 5.00 -19.58 -34.44
N VAL A 645 4.83 -20.85 -34.10
CA VAL A 645 3.69 -21.28 -33.31
C VAL A 645 4.14 -21.63 -31.90
N PRO A 646 3.74 -20.81 -30.93
CA PRO A 646 4.00 -21.25 -29.56
C PRO A 646 3.13 -22.48 -29.37
N ASP A 647 3.61 -23.43 -28.59
CA ASP A 647 2.95 -24.68 -28.36
C ASP A 647 1.62 -24.54 -27.72
N TYR A 648 1.47 -23.56 -26.85
CA TYR A 648 0.21 -23.42 -26.15
C TYR A 648 -0.93 -23.26 -27.11
N ALA A 649 -0.67 -22.67 -28.26
CA ALA A 649 -1.73 -22.51 -29.22
C ALA A 649 -2.17 -23.89 -29.59
N MET A 650 -1.21 -24.77 -29.79
CA MET A 650 -1.48 -26.15 -30.16
C MET A 650 -2.24 -26.87 -29.08
N SER A 651 -1.85 -26.59 -27.86
CA SER A 651 -2.44 -27.14 -26.66
C SER A 651 -3.86 -26.73 -26.31
N PHE A 652 -4.23 -25.49 -26.60
CA PHE A 652 -5.52 -25.00 -26.20
C PHE A 652 -6.71 -25.86 -26.58
N ILE A 653 -7.58 -26.05 -25.58
CA ILE A 653 -8.82 -26.79 -25.72
C ILE A 653 -8.64 -28.20 -26.26
N LYS A 654 -7.59 -28.86 -25.86
CA LYS A 654 -7.39 -30.19 -26.36
C LYS A 654 -6.92 -30.00 -27.78
N GLY A 655 -6.61 -28.75 -28.09
CA GLY A 655 -6.14 -28.42 -29.41
C GLY A 655 -7.25 -28.20 -30.39
N LYS A 656 -8.48 -28.29 -29.94
CA LYS A 656 -9.58 -28.08 -30.85
C LYS A 656 -9.94 -26.62 -30.87
N SER A 657 -9.25 -25.82 -30.07
CA SER A 657 -9.53 -24.39 -30.02
C SER A 657 -9.22 -23.74 -31.34
N LEU A 658 -10.08 -22.83 -31.77
CA LEU A 658 -9.86 -22.11 -33.01
C LEU A 658 -9.58 -20.63 -32.74
N LYS A 659 -9.55 -20.26 -31.46
CA LYS A 659 -9.31 -18.90 -31.00
C LYS A 659 -7.99 -18.13 -31.13
N PRO A 660 -6.85 -18.75 -30.89
CA PRO A 660 -5.62 -17.97 -30.92
C PRO A 660 -5.28 -17.30 -32.20
N PHE A 661 -4.80 -16.08 -32.11
CA PHE A 661 -4.43 -15.38 -33.33
C PHE A 661 -5.53 -15.43 -34.34
N GLY A 662 -6.66 -14.84 -34.02
CA GLY A 662 -7.76 -14.85 -34.96
C GLY A 662 -8.17 -13.47 -35.36
N ARG A 663 -8.62 -13.33 -36.60
CA ARG A 663 -9.06 -12.05 -37.10
C ARG A 663 -10.56 -12.00 -36.94
N LEU A 664 -11.07 -10.80 -36.75
CA LEU A 664 -12.48 -10.62 -36.87
C LEU A 664 -12.74 -10.16 -38.28
N TRP A 665 -14.02 -10.00 -38.58
CA TRP A 665 -14.44 -9.47 -39.86
C TRP A 665 -15.37 -8.31 -39.56
N TRP A 666 -15.88 -7.67 -40.60
CA TRP A 666 -16.73 -6.51 -40.39
C TRP A 666 -18.14 -6.97 -40.03
N ASP A 667 -18.45 -8.23 -40.35
CA ASP A 667 -19.77 -8.81 -40.06
C ASP A 667 -19.83 -9.60 -38.74
N GLU A 668 -18.75 -9.54 -37.96
CA GLU A 668 -18.66 -10.31 -36.72
C GLU A 668 -18.98 -9.50 -35.46
N THR A 669 -19.55 -10.16 -34.47
CA THR A 669 -19.79 -9.54 -33.16
C THR A 669 -18.90 -10.15 -32.09
N VAL A 670 -18.30 -9.30 -31.27
CA VAL A 670 -17.57 -9.76 -30.10
C VAL A 670 -18.59 -10.13 -29.03
N PRO A 671 -18.51 -11.35 -28.50
CA PRO A 671 -19.58 -11.59 -27.52
C PRO A 671 -19.49 -10.52 -26.45
N THR A 672 -18.29 -10.29 -25.96
CA THR A 672 -18.05 -9.30 -24.93
C THR A 672 -16.71 -8.64 -25.16
N VAL A 673 -16.66 -7.32 -25.02
CA VAL A 673 -15.38 -6.63 -24.98
C VAL A 673 -14.73 -6.93 -23.64
N VAL A 674 -13.48 -7.37 -23.67
CA VAL A 674 -12.81 -7.83 -22.46
C VAL A 674 -11.71 -6.87 -22.02
N THR A 675 -11.47 -6.85 -20.72
CA THR A 675 -10.53 -5.91 -20.11
C THR A 675 -9.14 -5.93 -20.74
N ARG A 676 -8.74 -7.08 -21.26
CA ARG A 676 -7.39 -7.25 -21.78
C ARG A 676 -7.39 -7.68 -23.24
N ALA A 677 -6.66 -6.95 -24.08
CA ALA A 677 -6.51 -7.34 -25.46
C ALA A 677 -5.10 -7.87 -25.72
N GLU A 678 -5.01 -9.18 -25.88
CA GLU A 678 -3.80 -9.83 -26.35
C GLU A 678 -4.24 -10.95 -27.30
N PRO A 679 -3.50 -11.13 -28.39
CA PRO A 679 -3.96 -11.99 -29.49
C PRO A 679 -4.00 -13.48 -29.11
N HIS A 680 -3.26 -13.85 -28.07
CA HIS A 680 -2.93 -15.23 -27.77
C HIS A 680 -4.11 -16.19 -27.79
N ASN A 681 -5.12 -15.93 -26.96
CA ASN A 681 -6.28 -16.80 -26.97
C ASN A 681 -7.63 -16.32 -27.55
N GLN A 682 -7.77 -15.03 -27.84
CA GLN A 682 -9.10 -14.43 -28.06
C GLN A 682 -9.71 -13.98 -29.42
N VAL A 683 -8.99 -14.01 -30.54
CA VAL A 683 -9.46 -13.31 -31.75
C VAL A 683 -9.84 -11.85 -31.50
N ILE A 684 -8.84 -11.05 -31.15
CA ILE A 684 -9.02 -9.63 -30.82
C ILE A 684 -8.66 -8.63 -31.94
N ILE A 685 -8.37 -9.15 -33.13
CA ILE A 685 -7.46 -8.45 -34.05
C ILE A 685 -8.06 -8.00 -35.40
N HIS A 686 -7.70 -6.77 -35.78
CA HIS A 686 -8.41 -5.96 -36.77
C HIS A 686 -8.77 -6.74 -38.03
N PRO A 687 -9.94 -6.46 -38.61
CA PRO A 687 -10.17 -7.26 -39.80
C PRO A 687 -9.03 -7.13 -40.81
N THR A 688 -8.64 -5.91 -41.17
CA THR A 688 -7.58 -5.75 -42.17
C THR A 688 -6.16 -5.32 -41.76
N GLN A 689 -5.93 -4.94 -40.50
CA GLN A 689 -4.75 -4.13 -40.19
C GLN A 689 -3.45 -4.75 -39.62
N ALA A 690 -3.43 -6.06 -39.37
CA ALA A 690 -2.21 -6.68 -38.87
C ALA A 690 -1.94 -6.36 -37.40
N ARG A 691 -2.83 -5.60 -36.78
CA ARG A 691 -2.66 -5.26 -35.37
C ARG A 691 -3.84 -5.73 -34.52
N VAL A 692 -3.76 -5.44 -33.22
CA VAL A 692 -4.84 -5.69 -32.28
C VAL A 692 -5.86 -4.55 -32.32
N LEU A 693 -7.12 -4.87 -32.09
CA LEU A 693 -8.14 -3.84 -32.03
C LEU A 693 -7.68 -2.79 -31.02
N THR A 694 -7.63 -1.55 -31.49
CA THR A 694 -7.14 -0.43 -30.68
C THR A 694 -8.09 -0.10 -29.57
N ILE A 695 -7.57 0.53 -28.52
CA ILE A 695 -8.37 0.87 -27.36
C ILE A 695 -9.66 1.57 -27.78
N ARG A 696 -9.54 2.64 -28.57
CA ARG A 696 -10.73 3.37 -29.01
C ARG A 696 -11.69 2.46 -29.76
N GLU A 697 -11.15 1.52 -30.53
CA GLU A 697 -12.00 0.55 -31.21
C GLU A 697 -12.87 -0.21 -30.20
N ASN A 698 -12.28 -0.54 -29.06
CA ASN A 698 -13.02 -1.22 -27.99
C ASN A 698 -14.02 -0.30 -27.28
N ALA A 699 -13.60 0.93 -27.00
CA ALA A 699 -14.48 1.91 -26.38
C ALA A 699 -15.72 2.09 -27.25
N ARG A 700 -15.51 2.10 -28.56
CA ARG A 700 -16.58 2.16 -29.54
C ARG A 700 -17.42 0.91 -29.41
N LEU A 701 -16.76 -0.24 -29.41
CA LEU A 701 -17.44 -1.52 -29.20
C LEU A 701 -18.23 -1.46 -27.89
N GLN A 702 -17.74 -0.68 -26.94
CA GLN A 702 -18.38 -0.57 -25.63
C GLN A 702 -19.36 0.59 -25.55
N GLY A 703 -19.41 1.42 -26.60
CA GLY A 703 -20.39 2.49 -26.67
C GLY A 703 -19.93 3.84 -26.15
N PHE A 704 -18.65 3.96 -25.81
CA PHE A 704 -18.11 5.23 -25.35
C PHE A 704 -18.14 6.29 -26.44
N PRO A 705 -18.58 7.51 -26.10
CA PRO A 705 -18.51 8.61 -27.07
C PRO A 705 -17.05 8.86 -27.45
N ASP A 706 -16.80 9.14 -28.73
CA ASP A 706 -15.43 9.29 -29.20
C ASP A 706 -14.65 10.40 -28.51
N TYR A 707 -15.37 11.27 -27.80
CA TYR A 707 -14.72 12.39 -27.12
C TYR A 707 -14.29 12.04 -25.70
N TYR A 708 -14.52 10.79 -25.30
CA TYR A 708 -14.19 10.37 -23.94
C TYR A 708 -12.73 9.94 -23.87
N ARG A 709 -11.96 10.66 -23.07
CA ARG A 709 -10.52 10.43 -22.97
C ARG A 709 -10.16 9.34 -21.98
N LEU A 710 -9.14 8.56 -22.30
CA LEU A 710 -8.63 7.53 -21.39
C LEU A 710 -7.15 7.74 -21.10
N PHE A 711 -6.73 7.39 -19.88
CA PHE A 711 -5.40 7.76 -19.41
C PHE A 711 -4.63 6.57 -18.81
N GLY A 712 -3.30 6.70 -18.78
CA GLY A 712 -2.44 5.67 -18.23
C GLY A 712 -1.84 4.78 -19.30
N PRO A 713 -0.99 3.83 -18.89
CA PRO A 713 -0.42 2.88 -19.85
C PRO A 713 -1.51 2.28 -20.71
N ILE A 714 -1.22 2.06 -21.99
CA ILE A 714 -2.22 1.56 -22.93
C ILE A 714 -3.01 0.40 -22.32
N LYS A 715 -2.31 -0.47 -21.62
CA LYS A 715 -2.94 -1.62 -20.97
C LYS A 715 -3.94 -1.18 -19.92
N GLU A 716 -3.52 -0.31 -19.00
CA GLU A 716 -4.39 0.12 -17.92
C GLU A 716 -5.73 0.62 -18.46
N LYS A 717 -5.69 1.46 -19.48
CA LYS A 717 -6.92 1.99 -20.07
C LYS A 717 -7.68 0.92 -20.86
N TYR A 718 -6.96 -0.01 -21.48
CA TYR A 718 -7.60 -1.19 -22.06
C TYR A 718 -8.51 -1.79 -20.99
N ILE A 719 -7.95 -2.00 -19.81
CA ILE A 719 -8.69 -2.52 -18.67
C ILE A 719 -9.88 -1.62 -18.33
N GLN A 720 -9.62 -0.33 -18.24
CA GLN A 720 -10.68 0.64 -17.94
C GLN A 720 -11.88 0.41 -18.82
N VAL A 721 -11.64 0.24 -20.12
CA VAL A 721 -12.71 0.03 -21.08
C VAL A 721 -13.38 -1.34 -20.87
N GLY A 722 -12.57 -2.38 -20.72
CA GLY A 722 -13.09 -3.72 -20.56
C GLY A 722 -14.05 -3.85 -19.39
N ASN A 723 -13.64 -3.32 -18.23
CA ASN A 723 -14.46 -3.36 -17.04
C ASN A 723 -15.78 -2.63 -17.20
N ALA A 724 -15.74 -1.52 -17.93
CA ALA A 724 -16.87 -0.60 -17.99
C ALA A 724 -18.17 -1.26 -18.46
N VAL A 725 -19.28 -0.80 -17.89
CA VAL A 725 -20.60 -1.21 -18.35
C VAL A 725 -20.96 -0.39 -19.59
N ALA A 726 -21.60 -1.03 -20.55
CA ALA A 726 -21.94 -0.38 -21.81
C ALA A 726 -22.66 0.94 -21.57
N VAL A 727 -22.17 2.01 -22.20
CA VAL A 727 -22.72 3.34 -21.99
C VAL A 727 -24.17 3.49 -22.46
N PRO A 728 -24.52 2.92 -23.62
CA PRO A 728 -25.91 3.00 -24.10
C PRO A 728 -26.91 2.39 -23.11
N VAL A 729 -26.58 1.22 -22.58
CA VAL A 729 -27.42 0.54 -21.60
C VAL A 729 -27.68 1.43 -20.39
N ALA A 730 -26.58 1.84 -19.75
CA ALA A 730 -26.65 2.71 -18.58
C ALA A 730 -27.36 4.01 -18.91
N ARG A 731 -27.35 4.38 -20.18
CA ARG A 731 -27.99 5.60 -20.64
C ARG A 731 -29.51 5.41 -20.62
N ALA A 732 -29.98 4.32 -21.21
CA ALA A 732 -31.39 3.97 -21.17
C ALA A 732 -31.87 3.96 -19.72
N LEU A 733 -31.10 3.29 -18.87
CA LEU A 733 -31.40 3.29 -17.45
C LEU A 733 -31.55 4.71 -16.93
N GLY A 734 -30.56 5.54 -17.22
CA GLY A 734 -30.58 6.94 -16.82
C GLY A 734 -31.85 7.64 -17.26
N TYR A 735 -32.44 7.16 -18.36
CA TYR A 735 -33.70 7.73 -18.84
C TYR A 735 -34.88 7.28 -17.97
N CYS A 736 -35.04 5.97 -17.86
CA CYS A 736 -36.17 5.42 -17.10
C CYS A 736 -36.18 6.03 -15.70
N LEU A 737 -35.04 5.91 -15.04
CA LEU A 737 -34.85 6.52 -13.75
C LEU A 737 -35.12 8.01 -13.84
N GLY A 738 -34.56 8.64 -14.87
CA GLY A 738 -34.63 10.09 -14.99
C GLY A 738 -36.05 10.51 -14.73
N GLN A 739 -37.00 9.80 -15.35
CA GLN A 739 -38.41 10.07 -15.12
C GLN A 739 -38.83 9.68 -13.71
N ALA A 740 -38.47 8.46 -13.32
CA ALA A 740 -38.90 7.94 -12.02
C ALA A 740 -38.70 9.05 -10.97
N TYR A 741 -37.61 9.79 -11.14
CA TYR A 741 -37.28 10.88 -10.25
C TYR A 741 -38.30 12.01 -10.25
N LEU A 742 -38.73 12.43 -11.45
CA LEU A 742 -39.72 13.49 -11.57
C LEU A 742 -41.12 12.91 -11.44
N GLY A 743 -41.18 11.59 -11.28
CA GLY A 743 -42.45 10.90 -11.07
C GLY A 743 -43.43 10.98 -12.22
N GLU A 744 -42.96 10.71 -13.43
CA GLU A 744 -43.86 10.61 -14.58
C GLU A 744 -43.72 9.25 -15.25
N SER A 745 -44.75 8.42 -15.11
CA SER A 745 -44.74 7.07 -15.66
C SER A 745 -45.97 6.32 -15.18
N GLU A 746 -46.25 5.20 -15.83
CA GLU A 746 -47.37 4.38 -15.41
C GLU A 746 -46.85 3.43 -14.33
N GLY A 747 -47.68 2.60 -13.77
CA GLY A 747 -47.19 1.75 -12.73
C GLY A 747 -47.56 0.33 -12.99
N SER A 748 -46.80 -0.57 -12.39
CA SER A 748 -47.15 -1.96 -12.43
C SER A 748 -46.76 -2.58 -13.73
N ASP A 749 -46.10 -1.82 -14.59
CA ASP A 749 -45.59 -2.46 -15.77
C ASP A 749 -44.12 -2.51 -15.55
N PRO A 750 -43.57 -3.70 -15.57
CA PRO A 750 -42.18 -3.85 -15.21
C PRO A 750 -41.27 -3.11 -16.16
N LEU A 751 -41.54 -3.12 -17.46
CA LEU A 751 -40.61 -2.54 -18.42
C LEU A 751 -41.14 -1.52 -19.40
N TYR A 752 -40.22 -0.74 -19.95
CA TYR A 752 -40.50 0.46 -20.71
C TYR A 752 -40.29 0.26 -22.20
N GLN A 753 -40.65 1.27 -22.97
CA GLN A 753 -40.16 1.44 -24.33
C GLN A 753 -39.86 2.93 -24.61
N LEU A 754 -38.66 3.22 -25.10
CA LEU A 754 -38.20 4.61 -25.16
C LEU A 754 -38.56 5.36 -26.46
N PRO A 755 -38.80 6.68 -26.37
CA PRO A 755 -39.45 7.40 -27.49
C PRO A 755 -38.74 7.62 -28.86
N PRO A 756 -37.72 8.51 -29.02
CA PRO A 756 -36.67 8.22 -30.00
C PRO A 756 -35.49 7.61 -29.29
N SER A 757 -34.84 6.57 -29.77
CA SER A 757 -33.44 6.39 -29.38
C SER A 757 -33.20 6.87 -27.94
N PHE A 758 -33.77 6.20 -26.95
CA PHE A 758 -33.55 6.65 -25.57
C PHE A 758 -33.09 5.53 -24.67
N GLU B 6 33.47 -9.27 66.03
CA GLU B 6 33.40 -7.89 65.58
C GLU B 6 34.48 -7.62 64.53
N PRO B 7 34.43 -6.44 63.89
CA PRO B 7 35.29 -6.16 62.73
C PRO B 7 36.71 -5.85 63.14
N GLU B 8 37.50 -6.90 63.32
CA GLU B 8 38.90 -6.76 63.68
C GLU B 8 39.72 -7.23 62.50
N PHE B 9 40.96 -6.79 62.40
CA PHE B 9 41.78 -7.32 61.35
C PHE B 9 42.53 -8.53 61.85
N ILE B 10 42.02 -9.67 61.41
CA ILE B 10 42.61 -10.97 61.57
C ILE B 10 43.61 -11.01 60.45
N GLY B 11 44.15 -12.19 60.22
CA GLY B 11 44.98 -12.38 59.07
C GLY B 11 46.35 -11.94 59.47
N SER B 12 46.65 -12.00 60.76
CA SER B 12 48.03 -12.01 61.11
C SER B 12 48.60 -10.63 60.85
N PRO B 13 49.93 -10.49 60.87
CA PRO B 13 50.50 -9.16 60.92
C PRO B 13 50.15 -8.45 59.62
N VAL B 14 50.79 -7.30 59.43
CA VAL B 14 50.54 -6.48 58.26
C VAL B 14 51.24 -7.06 57.01
N ALA B 15 51.18 -6.32 55.91
CA ALA B 15 51.80 -6.76 54.66
C ALA B 15 53.32 -6.63 54.71
N ALA B 16 53.81 -5.96 55.75
CA ALA B 16 55.26 -5.85 55.96
C ALA B 16 55.92 -4.76 55.10
N ASP B 17 55.13 -4.08 54.27
CA ASP B 17 55.67 -2.99 53.45
C ASP B 17 56.22 -3.43 52.07
N GLU B 18 56.12 -4.71 51.76
CA GLU B 18 56.04 -5.10 50.36
C GLU B 18 54.78 -4.45 49.79
N ALA B 19 53.85 -4.13 50.69
CA ALA B 19 52.57 -3.53 50.33
C ALA B 19 52.68 -2.26 49.50
N ARG B 20 53.49 -1.32 49.96
CA ARG B 20 53.64 -0.05 49.24
C ARG B 20 54.21 -0.25 47.83
N SER B 21 54.87 -1.38 47.62
CA SER B 21 55.26 -1.78 46.27
C SER B 21 54.03 -2.33 45.57
N ASN B 22 53.23 -3.09 46.32
CA ASN B 22 51.97 -3.63 45.82
C ASN B 22 50.89 -2.55 45.70
N TRP B 23 50.97 -1.53 46.55
CA TRP B 23 49.95 -0.48 46.56
C TRP B 23 50.55 0.91 46.79
N PRO B 24 51.34 1.40 45.83
CA PRO B 24 52.05 2.67 45.97
C PRO B 24 51.13 3.83 46.34
N LYS B 25 49.97 3.93 45.70
CA LYS B 25 49.05 5.04 45.91
C LYS B 25 48.69 5.25 47.37
N ARG B 26 48.72 4.18 48.15
CA ARG B 26 48.34 4.24 49.56
C ARG B 26 49.22 5.16 50.40
N TYR B 27 50.46 5.36 49.96
CA TYR B 27 51.44 6.09 50.76
C TYR B 27 52.07 7.26 50.02
N LEU B 42 42.79 8.62 49.67
CA LEU B 42 42.70 7.93 50.94
C LEU B 42 43.95 7.11 51.18
N LYS B 43 44.75 7.50 52.18
CA LYS B 43 46.03 6.82 52.39
C LYS B 43 46.09 5.80 53.53
N ALA B 44 46.52 4.60 53.16
CA ALA B 44 46.58 3.46 54.06
C ALA B 44 47.83 3.51 54.92
N ARG B 45 47.64 3.44 56.24
CA ARG B 45 48.76 3.40 57.16
C ARG B 45 49.14 1.98 57.58
N CYS B 46 48.49 0.99 56.96
CA CYS B 46 48.78 -0.41 57.25
C CYS B 46 47.97 -1.34 56.33
N HIS B 47 48.42 -2.58 56.16
CA HIS B 47 47.80 -3.51 55.21
C HIS B 47 47.76 -4.96 55.69
N TYR B 48 46.59 -5.59 55.65
CA TYR B 48 46.52 -7.00 56.01
C TYR B 48 46.11 -7.89 54.84
N ARG B 49 46.19 -9.20 55.04
CA ARG B 49 45.80 -10.17 54.02
C ARG B 49 44.43 -10.79 54.24
N SER B 50 43.81 -10.48 55.38
CA SER B 50 42.54 -11.09 55.74
C SER B 50 41.76 -10.28 56.77
N ALA B 51 40.46 -10.56 56.86
CA ALA B 51 39.62 -9.87 57.83
C ALA B 51 38.49 -10.78 58.33
N LYS B 52 38.14 -10.61 59.60
CA LYS B 52 36.97 -11.28 60.15
C LYS B 52 35.91 -10.25 60.52
N VAL B 53 34.80 -10.28 59.79
CA VAL B 53 33.66 -9.46 60.14
C VAL B 53 32.58 -10.39 60.63
N ASP B 54 31.84 -9.99 61.66
CA ASP B 54 30.92 -10.91 62.32
C ASP B 54 31.74 -12.09 62.83
N ASN B 55 31.28 -13.31 62.60
CA ASN B 55 32.12 -14.50 62.70
C ASN B 55 32.68 -15.23 61.46
N VAL B 56 32.50 -14.70 60.24
CA VAL B 56 33.14 -15.32 59.07
C VAL B 56 34.38 -14.55 58.60
N VAL B 57 35.38 -15.29 58.11
CA VAL B 57 36.67 -14.70 57.73
C VAL B 57 36.93 -14.79 56.23
N TYR B 58 37.42 -13.70 55.65
CA TYR B 58 37.76 -13.68 54.23
C TYR B 58 39.18 -13.20 53.97
N CYS B 59 39.70 -13.53 52.80
CA CYS B 59 41.01 -13.10 52.36
C CYS B 59 40.90 -12.46 50.98
N LEU B 60 41.95 -11.74 50.58
CA LEU B 60 41.96 -11.05 49.30
C LEU B 60 41.65 -12.02 48.16
N GLY B 61 40.89 -11.55 47.17
CA GLY B 61 40.56 -12.38 46.02
C GLY B 61 39.22 -13.07 46.17
N ASP B 62 38.68 -13.05 47.38
CA ASP B 62 37.37 -13.65 47.63
C ASP B 62 36.29 -12.86 46.89
N ASP B 63 35.13 -13.48 46.69
CA ASP B 63 34.00 -12.79 46.09
C ASP B 63 32.97 -12.50 47.18
N VAL B 64 32.26 -11.39 47.05
CA VAL B 64 31.45 -10.89 48.17
C VAL B 64 30.26 -10.01 47.80
N TYR B 65 29.47 -9.69 48.83
CA TYR B 65 28.36 -8.75 48.73
C TYR B 65 28.61 -7.57 49.66
N VAL B 66 28.59 -6.36 49.11
CA VAL B 66 28.76 -5.15 49.90
C VAL B 66 27.42 -4.45 50.16
N LYS B 67 27.22 -3.94 51.36
CA LYS B 67 25.99 -3.24 51.68
C LYS B 67 26.08 -1.80 51.20
N ALA B 68 25.16 -1.44 50.32
CA ALA B 68 25.26 -0.20 49.56
C ALA B 68 24.07 0.71 49.83
N GLY B 69 24.33 1.89 50.37
CA GLY B 69 23.31 2.90 50.56
C GLY B 69 22.12 2.38 51.35
N GLU B 70 20.96 3.00 51.13
CA GLU B 70 19.76 2.62 51.87
C GLU B 70 18.64 2.19 50.93
N ASN B 71 18.06 1.02 51.21
CA ASN B 71 17.07 0.44 50.31
C ASN B 71 17.47 0.55 48.84
N GLU B 72 18.57 -0.11 48.49
CA GLU B 72 18.93 -0.28 47.09
C GLU B 72 19.95 -1.39 47.06
N ALA B 73 20.42 -1.76 45.88
CA ALA B 73 20.97 -3.09 45.69
C ALA B 73 22.30 -3.25 46.43
N ASP B 74 22.82 -4.47 46.38
CA ASP B 74 24.06 -4.78 47.06
C ASP B 74 25.18 -4.83 46.03
N TYR B 75 26.13 -3.92 46.17
CA TYR B 75 27.30 -3.99 45.33
C TYR B 75 27.85 -5.40 45.46
N ILE B 76 28.22 -5.99 44.34
CA ILE B 76 28.90 -7.27 44.35
C ILE B 76 30.36 -6.98 44.08
N GLY B 77 31.25 -7.56 44.88
CA GLY B 77 32.63 -7.13 44.77
C GLY B 77 33.71 -8.16 45.05
N ARG B 78 34.89 -7.87 44.50
CA ARG B 78 36.06 -8.69 44.72
C ARG B 78 36.98 -7.90 45.62
N ILE B 79 37.55 -8.53 46.64
CA ILE B 79 38.46 -7.81 47.54
C ILE B 79 39.88 -7.73 46.99
N THR B 80 40.33 -6.50 46.72
CA THR B 80 41.72 -6.27 46.38
C THR B 80 42.58 -5.69 47.52
N GLU B 81 41.97 -5.26 48.62
CA GLU B 81 42.72 -4.61 49.69
C GLU B 81 42.12 -4.74 51.10
N PHE B 82 43.00 -4.89 52.08
CA PHE B 82 42.63 -4.79 53.48
C PHE B 82 43.62 -3.86 54.14
N PHE B 83 43.15 -2.71 54.62
CA PHE B 83 44.05 -1.73 55.20
C PHE B 83 43.41 -0.86 56.29
N GLU B 84 44.27 -0.24 57.10
CA GLU B 84 43.81 0.64 58.16
C GLU B 84 44.13 2.08 57.81
N GLY B 85 43.07 2.85 57.52
CA GLY B 85 43.25 4.25 57.17
C GLY B 85 43.92 5.00 58.29
N THR B 86 44.51 6.15 57.96
CA THR B 86 45.17 6.98 58.96
C THR B 86 44.18 7.25 60.09
N ASP B 87 42.90 7.14 59.77
CA ASP B 87 41.83 7.33 60.74
C ASP B 87 41.88 6.29 61.83
N GLN B 88 42.56 5.18 61.56
CA GLN B 88 42.49 3.97 62.38
C GLN B 88 41.24 3.21 62.02
N CYS B 89 40.40 3.83 61.19
CA CYS B 89 39.24 3.16 60.64
C CYS B 89 39.73 2.04 59.73
N HIS B 90 38.93 0.99 59.61
CA HIS B 90 39.36 -0.18 58.87
C HIS B 90 38.56 -0.26 57.58
N TYR B 91 39.26 -0.39 56.47
CA TYR B 91 38.62 -0.36 55.16
C TYR B 91 38.99 -1.58 54.34
N PHE B 92 38.12 -1.92 53.40
CA PHE B 92 38.49 -2.84 52.35
C PHE B 92 38.19 -2.19 51.00
N THR B 93 39.16 -2.31 50.10
CA THR B 93 38.98 -1.84 48.73
C THR B 93 38.56 -3.02 47.86
N CYS B 94 37.48 -2.86 47.13
CA CYS B 94 37.05 -3.92 46.23
C CYS B 94 36.77 -3.42 44.81
N ARG B 95 37.10 -4.28 43.86
CA ARG B 95 36.82 -4.08 42.45
C ARG B 95 35.43 -4.62 42.14
N TRP B 96 34.63 -3.82 41.45
CA TRP B 96 33.20 -4.09 41.32
C TRP B 96 32.80 -5.08 40.23
N PHE B 97 31.75 -5.82 40.52
CA PHE B 97 31.05 -6.60 39.52
C PHE B 97 29.77 -5.85 39.15
N PHE B 98 29.47 -5.80 37.87
CA PHE B 98 28.30 -5.08 37.39
C PHE B 98 27.17 -6.04 37.00
N ARG B 99 25.95 -5.64 37.39
CA ARG B 99 24.73 -6.35 37.08
C ARG B 99 24.18 -5.77 35.79
N ALA B 100 23.54 -6.61 34.98
CA ALA B 100 23.13 -6.20 33.65
C ALA B 100 22.34 -4.90 33.71
N GLU B 101 21.86 -4.57 34.90
CA GLU B 101 21.22 -3.28 35.15
C GLU B 101 22.23 -2.16 35.40
N ASP B 102 23.06 -2.32 36.43
CA ASP B 102 23.93 -1.22 36.86
C ASP B 102 24.69 -0.63 35.69
N THR B 103 24.83 -1.40 34.61
CA THR B 103 25.55 -0.93 33.45
C THR B 103 24.74 0.16 32.76
N VAL B 104 25.27 0.72 31.68
CA VAL B 104 24.63 1.86 31.01
C VAL B 104 23.25 1.47 30.49
N ILE B 105 23.00 0.18 30.46
CA ILE B 105 21.77 -0.38 29.89
C ILE B 105 20.66 -0.44 30.94
N ASN B 106 20.89 0.24 32.05
CA ASN B 106 20.03 0.14 33.23
C ASN B 106 18.55 0.22 32.87
N SER B 107 17.76 -0.49 33.68
CA SER B 107 16.44 -0.95 33.32
C SER B 107 16.63 -1.77 32.06
N LEU B 108 15.65 -1.73 31.17
CA LEU B 108 15.84 -2.29 29.85
C LEU B 108 16.59 -3.62 29.93
N VAL B 109 16.43 -4.36 31.02
CA VAL B 109 17.07 -5.65 31.13
C VAL B 109 16.00 -6.64 30.76
N SER B 110 14.82 -6.07 30.56
CA SER B 110 13.60 -6.84 30.38
C SER B 110 13.47 -7.36 28.96
N ILE B 111 14.18 -6.77 28.01
CA ILE B 111 14.01 -7.14 26.61
C ILE B 111 14.33 -8.60 26.37
N SER B 112 13.40 -9.28 25.72
CA SER B 112 13.64 -10.60 25.18
C SER B 112 13.81 -10.43 23.68
N VAL B 113 14.75 -11.17 23.10
CA VAL B 113 14.88 -11.22 21.66
C VAL B 113 14.90 -12.67 21.23
N ASP B 114 13.88 -13.11 20.52
CA ASP B 114 13.88 -14.47 20.00
C ASP B 114 14.32 -15.40 21.13
N GLY B 115 13.52 -15.49 22.19
CA GLY B 115 13.85 -16.33 23.32
C GLY B 115 15.24 -16.10 23.89
N HIS B 116 15.73 -14.87 23.78
CA HIS B 116 16.99 -14.49 24.41
C HIS B 116 16.71 -13.53 25.56
N LYS B 117 17.32 -13.76 26.71
CA LYS B 117 17.17 -12.85 27.83
C LYS B 117 18.38 -12.84 28.73
N HIS B 118 18.49 -11.80 29.54
CA HIS B 118 19.53 -11.71 30.54
C HIS B 118 19.25 -12.74 31.63
N ASP B 119 20.31 -13.09 32.37
CA ASP B 119 20.31 -14.24 33.27
C ASP B 119 20.62 -13.78 34.68
N PRO B 120 19.58 -13.65 35.53
CA PRO B 120 19.63 -12.85 36.75
C PRO B 120 20.94 -13.02 37.50
N ARG B 121 21.56 -14.20 37.39
CA ARG B 121 22.91 -14.33 37.91
C ARG B 121 23.85 -14.43 36.72
N ARG B 122 24.35 -13.27 36.30
CA ARG B 122 25.44 -13.15 35.36
C ARG B 122 25.98 -11.76 35.63
N VAL B 123 27.27 -11.55 35.48
CA VAL B 123 27.83 -10.25 35.82
C VAL B 123 28.98 -9.88 34.90
N PHE B 124 29.52 -8.69 35.09
CA PHE B 124 30.65 -8.25 34.29
C PHE B 124 31.72 -7.63 35.16
N LEU B 125 32.98 -8.01 34.95
CA LEU B 125 34.04 -7.52 35.82
C LEU B 125 34.47 -6.10 35.46
N SER B 126 34.35 -5.20 36.43
CA SER B 126 34.76 -3.82 36.24
C SER B 126 36.12 -3.62 36.89
N GLU B 127 36.93 -2.76 36.29
CA GLU B 127 38.25 -2.45 36.85
C GLU B 127 38.04 -1.34 37.86
N GLU B 128 36.77 -1.02 38.07
CA GLU B 128 36.33 -0.01 39.02
C GLU B 128 36.51 -0.47 40.47
N LYS B 129 36.88 0.47 41.32
CA LYS B 129 37.16 0.13 42.70
C LYS B 129 36.61 1.16 43.67
N ASN B 130 36.15 0.67 44.82
CA ASN B 130 35.79 1.55 45.91
C ASN B 130 36.17 0.98 47.27
N ASP B 131 36.41 1.87 48.23
CA ASP B 131 36.81 1.47 49.56
C ASP B 131 35.69 1.72 50.54
N ASN B 132 35.32 0.69 51.29
CA ASN B 132 34.27 0.84 52.28
C ASN B 132 34.68 0.21 53.60
N VAL B 133 34.19 0.77 54.69
CA VAL B 133 34.38 0.16 55.99
C VAL B 133 33.84 -1.26 55.88
N LEU B 134 34.47 -2.14 56.66
CA LEU B 134 34.18 -3.56 56.74
C LEU B 134 32.81 -3.99 57.20
N ASP B 135 32.18 -3.28 58.12
CA ASP B 135 30.92 -3.78 58.61
C ASP B 135 30.02 -3.92 57.44
N CYS B 136 30.37 -3.25 56.37
CA CYS B 136 29.59 -3.24 55.15
C CYS B 136 29.46 -4.58 54.47
N ILE B 137 30.26 -5.54 54.84
CA ILE B 137 30.17 -6.79 54.15
C ILE B 137 29.02 -7.69 54.59
N ILE B 138 28.10 -7.97 53.68
CA ILE B 138 26.98 -8.88 53.94
C ILE B 138 27.49 -10.27 54.23
N SER B 139 27.98 -10.91 53.17
CA SER B 139 28.41 -12.29 53.21
C SER B 139 29.22 -12.54 51.96
N LYS B 140 29.58 -13.81 51.74
CA LYS B 140 30.36 -14.21 50.57
C LYS B 140 29.52 -14.74 49.42
N VAL B 141 29.87 -14.32 48.21
CA VAL B 141 29.32 -14.93 47.04
C VAL B 141 30.27 -16.03 46.61
N LYS B 142 29.86 -16.77 45.59
CA LYS B 142 30.77 -17.60 44.83
C LYS B 142 30.54 -17.20 43.39
N ILE B 143 31.54 -16.55 42.81
CA ILE B 143 31.41 -16.06 41.44
C ILE B 143 32.40 -16.80 40.56
N VAL B 144 31.91 -17.66 39.69
CA VAL B 144 32.80 -18.35 38.78
C VAL B 144 32.95 -17.56 37.49
N HIS B 145 33.82 -18.06 36.63
CA HIS B 145 34.11 -17.44 35.36
C HIS B 145 34.17 -18.52 34.30
N VAL B 146 33.67 -18.22 33.12
CA VAL B 146 33.52 -19.21 32.07
C VAL B 146 33.85 -18.61 30.71
N ASP B 147 34.53 -19.39 29.88
CA ASP B 147 34.88 -18.95 28.53
C ASP B 147 34.15 -19.81 27.51
N PRO B 148 33.93 -19.26 26.30
CA PRO B 148 33.23 -19.98 25.24
C PRO B 148 33.79 -21.38 25.03
N ASN B 149 35.10 -21.53 25.17
CA ASN B 149 35.78 -22.79 24.85
C ASN B 149 35.35 -23.96 25.71
N MET B 150 34.57 -23.69 26.75
CA MET B 150 34.08 -24.77 27.58
C MET B 150 33.08 -25.53 26.74
N ASP B 151 32.00 -24.87 26.32
CA ASP B 151 31.08 -25.48 25.38
C ASP B 151 30.43 -26.61 26.15
N PRO B 152 29.52 -27.38 25.52
CA PRO B 152 28.32 -27.87 26.21
C PRO B 152 28.60 -28.38 27.60
N LYS B 153 27.69 -27.98 28.49
CA LYS B 153 27.61 -28.48 29.85
C LYS B 153 28.76 -27.99 30.68
N ALA B 154 29.88 -27.74 30.01
CA ALA B 154 31.13 -27.61 30.72
C ALA B 154 30.92 -26.36 31.52
N LYS B 155 30.29 -25.41 30.85
CA LYS B 155 29.74 -24.25 31.50
C LYS B 155 28.61 -24.68 32.42
N ALA B 156 27.62 -25.38 31.87
CA ALA B 156 26.41 -25.74 32.62
C ALA B 156 26.69 -26.35 33.99
N GLN B 157 27.64 -27.28 34.06
CA GLN B 157 28.04 -27.87 35.34
C GLN B 157 28.40 -26.77 36.32
N LEU B 158 29.33 -25.91 35.91
CA LEU B 158 29.74 -24.76 36.70
C LEU B 158 28.55 -23.91 37.13
N ILE B 159 27.83 -23.36 36.15
CA ILE B 159 26.66 -22.52 36.42
C ILE B 159 25.77 -23.18 37.46
N GLU B 160 25.72 -24.51 37.43
CA GLU B 160 25.04 -25.25 38.48
C GLU B 160 25.74 -25.00 39.82
N SER B 161 27.06 -25.10 39.83
CA SER B 161 27.83 -24.91 41.06
C SER B 161 27.78 -23.47 41.61
N CYS B 162 28.07 -22.49 40.77
CA CYS B 162 28.24 -21.10 41.20
C CYS B 162 26.97 -20.42 41.68
N ASP B 163 27.13 -19.43 42.56
CA ASP B 163 26.05 -18.52 42.92
C ASP B 163 25.91 -17.46 41.83
N LEU B 164 27.03 -17.15 41.19
CA LEU B 164 27.08 -16.20 40.09
C LEU B 164 28.16 -16.63 39.11
N TYR B 165 28.12 -16.10 37.89
CA TYR B 165 29.16 -16.40 36.91
C TYR B 165 29.34 -15.22 35.95
N TYR B 166 30.55 -15.08 35.41
CA TYR B 166 30.82 -14.03 34.43
C TYR B 166 31.69 -14.52 33.28
N ASP B 167 31.26 -14.24 32.05
CA ASP B 167 32.06 -14.50 30.87
C ASP B 167 32.77 -13.26 30.31
N MET B 168 32.48 -12.09 30.87
CA MET B 168 32.86 -10.86 30.19
C MET B 168 33.21 -9.71 31.13
N SER B 169 33.61 -8.58 30.55
CA SER B 169 34.00 -7.42 31.33
C SER B 169 33.28 -6.18 30.84
N TYR B 170 32.78 -5.38 31.78
CA TYR B 170 32.09 -4.14 31.45
C TYR B 170 32.96 -2.93 31.71
N SER B 171 33.20 -2.14 30.66
CA SER B 171 33.94 -0.89 30.78
C SER B 171 33.01 0.27 30.44
N VAL B 172 32.83 1.18 31.39
CA VAL B 172 31.89 2.29 31.21
C VAL B 172 32.22 3.14 29.99
N ALA B 173 33.45 3.06 29.52
CA ALA B 173 33.83 3.78 28.30
C ALA B 173 33.31 3.00 27.11
N TYR B 174 32.44 3.63 26.33
CA TYR B 174 31.89 2.99 25.15
C TYR B 174 30.94 1.85 25.51
N SER B 175 30.80 1.63 26.82
CA SER B 175 29.90 0.61 27.31
C SER B 175 30.37 -0.72 26.75
N THR B 176 31.66 -0.97 26.89
CA THR B 176 32.28 -2.11 26.22
C THR B 176 32.04 -3.38 27.03
N PHE B 177 31.32 -4.32 26.44
CA PHE B 177 31.22 -5.64 27.01
C PHE B 177 32.21 -6.46 26.21
N ALA B 178 33.33 -6.77 26.84
CA ALA B 178 34.42 -7.42 26.13
C ALA B 178 34.96 -8.57 26.97
N ASN B 179 35.08 -9.74 26.36
CA ASN B 179 35.65 -10.92 27.01
C ASN B 179 36.69 -10.56 28.08
N THR B 210 44.07 -15.49 0.45
CA THR B 210 43.43 -14.28 0.97
C THR B 210 42.03 -14.63 1.51
N ARG B 211 41.73 -14.19 2.71
CA ARG B 211 40.45 -14.54 3.31
C ARG B 211 39.30 -13.72 2.72
N THR B 212 38.09 -14.22 2.92
CA THR B 212 36.91 -13.59 2.35
C THR B 212 35.74 -13.54 3.33
N ALA B 213 35.13 -12.37 3.46
CA ALA B 213 34.00 -12.16 4.35
C ALA B 213 32.78 -11.66 3.59
N THR B 214 31.64 -12.25 3.90
CA THR B 214 30.36 -11.87 3.30
C THR B 214 29.69 -10.83 4.17
N LEU B 215 29.08 -9.83 3.53
CA LEU B 215 28.42 -8.75 4.24
C LEU B 215 26.95 -8.63 3.85
N LEU B 216 26.13 -8.32 4.84
CA LEU B 216 24.72 -8.06 4.62
C LEU B 216 24.41 -6.65 5.09
N ASP B 217 23.98 -5.79 4.17
CA ASP B 217 23.62 -4.43 4.53
C ASP B 217 22.10 -4.25 4.54
N LEU B 218 21.60 -3.70 5.64
CA LEU B 218 20.17 -3.48 5.81
C LEU B 218 19.90 -1.98 5.84
N TYR B 219 18.82 -1.57 5.19
CA TYR B 219 18.50 -0.15 5.07
C TYR B 219 19.67 0.55 4.43
N SER B 220 20.18 -0.02 3.34
CA SER B 220 21.30 0.60 2.66
C SER B 220 20.83 1.27 1.39
N GLY B 221 20.77 2.59 1.40
CA GLY B 221 20.59 3.32 0.17
C GLY B 221 21.96 3.53 -0.46
N CYS B 222 22.05 3.37 -1.77
CA CYS B 222 23.23 3.76 -2.51
C CYS B 222 24.50 3.06 -2.01
N GLY B 223 24.39 2.37 -0.87
CA GLY B 223 25.50 1.65 -0.29
C GLY B 223 26.70 2.48 0.12
N GLY B 224 26.48 3.58 0.83
CA GLY B 224 27.56 4.38 1.33
C GLY B 224 28.38 3.62 2.36
N MET B 225 27.70 3.11 3.38
CA MET B 225 28.37 2.37 4.44
C MET B 225 28.85 0.99 3.99
N SER B 226 28.02 0.29 3.21
CA SER B 226 28.41 -1.01 2.66
C SER B 226 29.76 -0.83 1.98
N THR B 227 29.79 0.13 1.04
CA THR B 227 31.00 0.45 0.29
C THR B 227 32.17 0.79 1.18
N GLY B 228 32.07 1.91 1.90
CA GLY B 228 33.17 2.36 2.74
C GLY B 228 33.73 1.23 3.60
N LEU B 229 32.82 0.51 4.25
CA LEU B 229 33.20 -0.64 5.07
C LEU B 229 34.03 -1.61 4.24
N CYS B 230 33.53 -1.97 3.07
CA CYS B 230 34.25 -2.88 2.18
C CYS B 230 35.66 -2.40 1.86
N LEU B 231 35.78 -1.11 1.56
CA LEU B 231 37.09 -0.52 1.25
C LEU B 231 38.06 -0.68 2.42
N GLY B 232 37.66 -0.20 3.59
CA GLY B 232 38.47 -0.32 4.78
C GLY B 232 38.90 -1.76 4.99
N ALA B 233 37.92 -2.67 4.92
CA ALA B 233 38.19 -4.09 5.05
C ALA B 233 39.29 -4.52 4.09
N ALA B 234 39.17 -4.10 2.84
CA ALA B 234 40.18 -4.40 1.83
C ALA B 234 41.55 -3.98 2.34
N LEU B 235 41.67 -2.75 2.80
CA LEU B 235 42.95 -2.29 3.34
C LEU B 235 43.46 -3.19 4.46
N SER B 236 42.58 -3.59 5.36
CA SER B 236 42.96 -4.46 6.47
C SER B 236 43.64 -5.75 5.98
N GLY B 237 43.37 -6.12 4.73
CA GLY B 237 43.87 -7.36 4.18
C GLY B 237 42.72 -8.36 4.02
N LEU B 238 41.60 -8.05 4.66
CA LEU B 238 40.39 -8.84 4.51
C LEU B 238 39.66 -8.39 3.26
N LYS B 239 39.00 -9.33 2.57
CA LYS B 239 38.15 -8.96 1.45
C LYS B 239 36.69 -9.05 1.90
N LEU B 240 36.07 -7.88 2.10
CA LEU B 240 34.69 -7.85 2.54
C LEU B 240 33.82 -7.49 1.35
N GLU B 241 33.02 -8.45 0.90
CA GLU B 241 32.14 -8.19 -0.24
C GLU B 241 30.69 -8.20 0.20
N THR B 242 29.87 -7.37 -0.41
CA THR B 242 28.49 -7.25 0.01
C THR B 242 27.71 -8.27 -0.78
N ARG B 243 27.25 -9.33 -0.11
CA ARG B 243 26.58 -10.41 -0.80
C ARG B 243 25.08 -10.20 -0.87
N TRP B 244 24.57 -9.30 -0.05
CA TRP B 244 23.16 -8.95 -0.09
C TRP B 244 22.97 -7.54 0.41
N ALA B 245 22.01 -6.82 -0.15
CA ALA B 245 21.64 -5.52 0.37
C ALA B 245 20.13 -5.38 0.31
N VAL B 246 19.53 -4.98 1.42
CA VAL B 246 18.09 -4.81 1.47
C VAL B 246 17.69 -3.36 1.72
N ASP B 247 17.00 -2.78 0.75
CA ASP B 247 16.48 -1.43 0.93
C ASP B 247 15.12 -1.25 0.25
N PHE B 248 14.31 -0.37 0.84
CA PHE B 248 12.97 -0.10 0.35
C PHE B 248 13.00 0.72 -0.93
N ASN B 249 13.72 1.83 -0.91
CA ASN B 249 13.76 2.73 -2.05
C ASN B 249 14.24 2.02 -3.31
N SER B 250 13.42 2.08 -4.36
CA SER B 250 13.74 1.41 -5.61
C SER B 250 15.01 1.99 -6.22
N PHE B 251 15.21 3.27 -5.98
CA PHE B 251 16.34 4.01 -6.55
C PHE B 251 17.63 3.67 -5.84
N ALA B 252 17.71 3.94 -4.54
CA ALA B 252 18.91 3.62 -3.79
C ALA B 252 19.37 2.21 -4.17
N CYS B 253 18.39 1.32 -4.36
CA CYS B 253 18.65 -0.01 -4.91
C CYS B 253 19.25 0.07 -6.31
N GLN B 254 18.69 0.95 -7.15
CA GLN B 254 19.21 1.16 -8.50
C GLN B 254 20.71 1.48 -8.47
N SER B 255 21.06 2.48 -7.66
CA SER B 255 22.41 2.98 -7.51
C SER B 255 23.32 1.87 -6.99
N LEU B 256 22.94 1.25 -5.87
CA LEU B 256 23.73 0.18 -5.28
C LEU B 256 24.02 -0.88 -6.34
N LYS B 257 22.97 -1.36 -7.00
CA LYS B 257 23.14 -2.39 -8.02
C LYS B 257 24.11 -1.92 -9.09
N TYR B 258 23.99 -0.66 -9.51
CA TYR B 258 24.90 -0.15 -10.53
C TYR B 258 26.36 -0.26 -10.08
N ASN B 259 26.64 0.15 -8.86
CA ASN B 259 28.01 0.22 -8.38
C ASN B 259 28.54 -1.06 -7.73
N HIS B 260 27.63 -2.00 -7.44
CA HIS B 260 28.01 -3.28 -6.88
C HIS B 260 27.26 -4.39 -7.62
N PRO B 261 27.62 -4.61 -8.89
CA PRO B 261 26.82 -5.48 -9.76
C PRO B 261 26.60 -6.87 -9.16
N GLN B 262 27.58 -7.34 -8.37
CA GLN B 262 27.57 -8.70 -7.87
C GLN B 262 26.69 -8.93 -6.65
N THR B 263 26.52 -7.89 -5.84
CA THR B 263 25.72 -8.02 -4.64
C THR B 263 24.28 -8.34 -5.02
N GLU B 264 23.54 -8.95 -4.10
CA GLU B 264 22.13 -9.24 -4.37
C GLU B 264 21.29 -8.15 -3.73
N VAL B 265 20.72 -7.29 -4.58
CA VAL B 265 19.92 -6.17 -4.12
C VAL B 265 18.48 -6.66 -3.99
N ARG B 266 17.80 -6.15 -2.98
CA ARG B 266 16.45 -6.56 -2.69
C ARG B 266 15.63 -5.32 -2.44
N ASN B 267 14.58 -5.11 -3.23
CA ASN B 267 13.74 -3.96 -2.99
C ASN B 267 12.55 -4.51 -2.23
N GLU B 268 12.63 -4.40 -0.90
CA GLU B 268 11.59 -4.86 0.00
C GLU B 268 11.81 -4.34 1.41
N LYS B 269 10.77 -4.39 2.23
CA LYS B 269 10.91 -4.06 3.65
C LYS B 269 11.76 -5.11 4.34
N ALA B 270 12.43 -4.71 5.43
CA ALA B 270 13.30 -5.61 6.18
C ALA B 270 12.53 -6.82 6.69
N ASP B 271 11.38 -6.56 7.30
CA ASP B 271 10.50 -7.61 7.82
C ASP B 271 10.31 -8.73 6.79
N GLU B 272 9.72 -8.36 5.66
CA GLU B 272 9.51 -9.30 4.57
C GLU B 272 10.77 -10.11 4.36
N PHE B 273 11.86 -9.43 4.02
CA PHE B 273 13.13 -10.11 3.76
C PHE B 273 13.43 -11.15 4.83
N LEU B 274 13.12 -10.82 6.09
CA LEU B 274 13.30 -11.76 7.19
C LEU B 274 12.41 -13.00 7.11
N ALA B 275 11.10 -12.80 7.06
CA ALA B 275 10.16 -13.92 6.98
C ALA B 275 10.55 -14.82 5.80
N LEU B 276 10.77 -14.16 4.67
CA LEU B 276 11.28 -14.79 3.47
C LEU B 276 12.56 -15.56 3.75
N LEU B 277 13.33 -15.07 4.72
CA LEU B 277 14.55 -15.76 5.11
C LEU B 277 14.22 -17.08 5.80
N LYS B 278 13.31 -17.02 6.76
CA LYS B 278 12.94 -18.22 7.51
C LYS B 278 12.39 -19.32 6.59
N GLU B 279 11.39 -18.95 5.79
CA GLU B 279 10.84 -19.90 4.84
C GLU B 279 12.02 -20.39 3.99
N TRP B 280 12.74 -19.45 3.38
CA TRP B 280 13.81 -19.79 2.45
C TRP B 280 14.68 -20.88 3.06
N ALA B 281 14.91 -20.81 4.36
CA ALA B 281 15.60 -21.88 5.07
C ALA B 281 14.81 -23.18 4.99
N VAL B 282 13.59 -23.17 5.51
CA VAL B 282 12.82 -24.43 5.53
C VAL B 282 12.70 -25.03 4.12
N LEU B 283 12.05 -24.30 3.22
CA LEU B 283 11.93 -24.71 1.82
C LEU B 283 13.27 -25.14 1.23
N CYS B 284 14.33 -24.39 1.57
CA CYS B 284 15.67 -24.69 1.08
C CYS B 284 16.01 -26.11 1.45
N LYS B 285 15.51 -26.54 2.61
CA LYS B 285 15.74 -27.91 3.05
C LYS B 285 15.34 -28.96 1.99
N LYS B 286 14.05 -29.10 1.71
CA LYS B 286 13.56 -30.17 0.83
C LYS B 286 13.98 -29.98 -0.63
N TYR B 287 14.29 -28.73 -0.97
CA TYR B 287 14.47 -28.29 -2.35
C TYR B 287 13.19 -28.36 -3.17
N VAL B 288 12.02 -28.37 -2.53
CA VAL B 288 10.77 -28.36 -3.28
C VAL B 288 9.63 -27.74 -2.46
N GLU B 312 -3.34 -22.27 -15.46
CA GLU B 312 -3.49 -23.44 -16.30
C GLU B 312 -2.48 -23.43 -17.42
N PHE B 313 -1.23 -23.10 -17.12
CA PHE B 313 -0.21 -23.02 -18.14
C PHE B 313 1.09 -23.66 -17.74
N VAL B 314 1.89 -24.00 -18.75
CA VAL B 314 3.16 -24.64 -18.52
C VAL B 314 4.20 -23.61 -18.19
N VAL B 315 4.79 -23.72 -17.03
CA VAL B 315 5.78 -22.78 -16.54
C VAL B 315 7.15 -23.01 -17.08
N GLU B 316 8.02 -22.06 -16.81
CA GLU B 316 9.43 -22.17 -17.12
C GLU B 316 10.23 -21.20 -16.25
N LYS B 317 11.44 -21.58 -15.89
CA LYS B 317 12.36 -20.61 -15.30
C LYS B 317 11.75 -19.68 -14.27
N LEU B 318 11.42 -20.20 -13.08
CA LEU B 318 11.02 -19.30 -12.02
C LEU B 318 12.22 -18.39 -11.80
N VAL B 319 12.03 -17.09 -11.99
CA VAL B 319 13.14 -16.15 -11.88
C VAL B 319 13.21 -15.40 -10.54
N GLY B 320 12.21 -15.57 -9.70
CA GLY B 320 12.14 -14.75 -8.50
C GLY B 320 11.38 -15.35 -7.34
N ILE B 321 11.75 -14.90 -6.15
CA ILE B 321 11.16 -15.36 -4.90
C ILE B 321 10.95 -14.14 -4.01
N CYS B 322 9.75 -13.98 -3.50
CA CYS B 322 9.50 -12.89 -2.56
C CYS B 322 8.43 -13.25 -1.54
N TYR B 323 8.62 -12.78 -0.32
CA TYR B 323 7.61 -12.95 0.72
C TYR B 323 6.95 -11.61 0.98
N GLY B 324 5.63 -11.61 1.02
CA GLY B 324 4.89 -10.37 1.08
C GLY B 324 5.13 -9.61 -0.20
N GLY B 325 4.65 -8.38 -0.27
CA GLY B 325 4.78 -7.57 -1.47
C GLY B 325 3.82 -6.41 -1.43
N SER B 326 3.55 -5.83 -2.60
CA SER B 326 2.65 -4.69 -2.65
C SER B 326 1.28 -5.03 -2.06
N ASP B 327 0.46 -5.75 -2.84
CA ASP B 327 -0.84 -6.22 -2.33
C ASP B 327 -0.74 -7.62 -1.75
N ARG B 328 0.34 -8.30 -2.10
CA ARG B 328 0.42 -9.74 -1.90
C ARG B 328 0.21 -10.12 -0.44
N GLU B 329 -0.67 -11.09 -0.21
CA GLU B 329 -0.84 -11.63 1.12
C GLU B 329 0.49 -12.25 1.52
N ASN B 330 0.77 -12.29 2.82
CA ASN B 330 2.01 -12.87 3.29
C ASN B 330 2.16 -14.32 2.84
N GLY B 331 3.30 -14.61 2.22
CA GLY B 331 3.59 -15.94 1.71
C GLY B 331 4.61 -15.82 0.61
N ILE B 332 5.08 -16.96 0.11
CA ILE B 332 6.07 -16.95 -0.95
C ILE B 332 5.43 -16.88 -2.33
N TYR B 333 5.96 -16.01 -3.18
CA TYR B 333 5.55 -15.90 -4.56
C TYR B 333 6.80 -16.04 -5.43
N PHE B 334 6.61 -16.57 -6.63
CA PHE B 334 7.68 -16.71 -7.59
C PHE B 334 7.39 -15.90 -8.84
N LYS B 335 8.38 -15.17 -9.32
CA LYS B 335 8.29 -14.60 -10.65
C LYS B 335 8.31 -15.79 -11.59
N VAL B 336 7.37 -15.83 -12.54
CA VAL B 336 7.22 -16.98 -13.38
C VAL B 336 7.41 -16.70 -14.83
N GLN B 337 7.85 -17.71 -15.54
CA GLN B 337 8.01 -17.61 -16.96
C GLN B 337 7.21 -18.73 -17.58
N TRP B 338 6.43 -18.39 -18.60
CA TRP B 338 5.55 -19.36 -19.25
C TRP B 338 6.12 -19.60 -20.60
N GLU B 339 6.00 -20.80 -21.12
CA GLU B 339 6.65 -21.05 -22.37
C GLU B 339 6.12 -20.18 -23.49
N GLY B 340 7.04 -19.54 -24.20
CA GLY B 340 6.68 -18.68 -25.29
C GLY B 340 5.83 -17.50 -24.87
N TYR B 341 6.06 -16.97 -23.69
CA TYR B 341 5.30 -15.80 -23.27
C TYR B 341 6.03 -14.48 -23.13
N GLY B 342 7.34 -14.47 -23.11
CA GLY B 342 8.05 -13.21 -23.09
C GLY B 342 8.10 -12.60 -21.71
N PRO B 343 8.90 -11.56 -21.54
CA PRO B 343 9.07 -10.99 -20.22
C PRO B 343 7.78 -10.45 -19.69
N GLU B 344 7.11 -9.69 -20.51
CA GLU B 344 5.74 -9.30 -20.20
C GLU B 344 5.03 -10.63 -20.04
N GLU B 345 3.97 -10.65 -19.22
CA GLU B 345 3.23 -11.88 -18.94
C GLU B 345 3.91 -12.69 -17.83
N ASP B 346 5.10 -12.28 -17.42
CA ASP B 346 5.72 -12.86 -16.23
C ASP B 346 4.98 -12.34 -15.01
N THR B 347 4.49 -13.25 -14.18
CA THR B 347 3.69 -12.86 -13.04
C THR B 347 4.24 -13.44 -11.74
N TRP B 348 4.04 -12.69 -10.66
CA TRP B 348 4.33 -13.22 -9.33
C TRP B 348 3.18 -14.13 -8.96
N GLU B 349 3.48 -15.40 -8.69
CA GLU B 349 2.42 -16.33 -8.34
C GLU B 349 2.69 -16.99 -6.98
N PRO B 350 1.63 -17.14 -6.18
CA PRO B 350 1.67 -17.74 -4.85
C PRO B 350 2.24 -19.15 -4.88
N ILE B 351 2.89 -19.57 -3.80
CA ILE B 351 3.53 -20.88 -3.74
C ILE B 351 2.62 -22.03 -4.16
N ASP B 352 1.34 -21.91 -3.84
CA ASP B 352 0.38 -22.99 -4.03
C ASP B 352 0.13 -23.31 -5.50
N ASN B 353 -0.09 -22.26 -6.30
CA ASN B 353 -0.41 -22.42 -7.71
C ASN B 353 0.70 -23.11 -8.47
N LEU B 354 1.90 -23.08 -7.91
CA LEU B 354 3.08 -23.67 -8.55
C LEU B 354 3.25 -25.14 -8.21
N SER B 355 2.34 -25.66 -7.38
CA SER B 355 2.38 -27.04 -6.97
C SER B 355 2.49 -27.95 -8.19
N ASP B 356 1.76 -27.61 -9.24
CA ASP B 356 1.66 -28.42 -10.45
C ASP B 356 3.04 -28.59 -11.11
N CYS B 357 3.89 -27.57 -10.97
CA CYS B 357 5.26 -27.61 -11.48
C CYS B 357 6.27 -27.54 -10.33
N PRO B 358 6.38 -28.61 -9.55
CA PRO B 358 7.33 -28.59 -8.43
C PRO B 358 8.78 -28.53 -8.92
N GLN B 359 9.08 -29.30 -9.95
CA GLN B 359 10.45 -29.46 -10.39
C GLN B 359 11.10 -28.12 -10.75
N LYS B 360 10.35 -27.25 -11.41
CA LYS B 360 10.84 -25.91 -11.74
C LYS B 360 11.39 -25.23 -10.50
N ILE B 361 10.59 -25.25 -9.44
CA ILE B 361 10.98 -24.62 -8.18
C ILE B 361 12.13 -25.37 -7.54
N ARG B 362 12.04 -26.70 -7.55
CA ARG B 362 13.11 -27.52 -7.00
C ARG B 362 14.42 -27.12 -7.65
N GLU B 363 14.37 -26.93 -8.96
CA GLU B 363 15.52 -26.47 -9.71
C GLU B 363 15.95 -25.10 -9.23
N PHE B 364 15.01 -24.15 -9.25
CA PHE B 364 15.29 -22.78 -8.84
C PHE B 364 15.95 -22.72 -7.47
N VAL B 365 15.31 -23.33 -6.48
CA VAL B 365 15.87 -23.39 -5.14
C VAL B 365 17.27 -23.99 -5.19
N GLN B 366 17.46 -25.00 -6.04
CA GLN B 366 18.74 -25.69 -6.14
C GLN B 366 19.92 -24.76 -6.46
N GLU B 367 19.93 -24.16 -7.66
CA GLU B 367 21.01 -23.25 -8.00
C GLU B 367 21.08 -22.14 -6.97
N GLY B 368 19.92 -21.57 -6.64
CA GLY B 368 19.84 -20.46 -5.72
C GLY B 368 20.67 -20.69 -4.47
N HIS B 369 20.62 -21.92 -3.96
CA HIS B 369 21.40 -22.28 -2.79
C HIS B 369 22.90 -22.21 -3.07
N LYS B 370 23.32 -22.90 -4.13
CA LYS B 370 24.72 -22.89 -4.52
C LYS B 370 25.22 -21.48 -4.78
N ARG B 371 24.35 -20.64 -5.32
CA ARG B 371 24.70 -19.28 -5.65
C ARG B 371 24.64 -18.38 -4.42
N LYS B 372 24.07 -18.91 -3.34
CA LYS B 372 23.83 -18.12 -2.15
C LYS B 372 23.15 -16.81 -2.52
N ILE B 373 21.93 -16.92 -3.05
CA ILE B 373 21.14 -15.75 -3.40
C ILE B 373 20.55 -15.15 -2.13
N LEU B 374 20.24 -16.03 -1.18
CA LEU B 374 19.76 -15.61 0.12
C LEU B 374 20.65 -16.20 1.21
N PRO B 375 20.88 -15.43 2.28
CA PRO B 375 21.78 -15.86 3.35
C PRO B 375 21.16 -16.93 4.23
N LEU B 376 22.01 -17.82 4.75
CA LEU B 376 21.60 -18.73 5.81
C LEU B 376 22.51 -18.48 7.02
N PRO B 377 22.07 -18.87 8.22
CA PRO B 377 22.70 -18.36 9.45
C PRO B 377 24.24 -18.45 9.48
N GLY B 378 24.82 -19.57 9.08
CA GLY B 378 26.27 -19.69 9.14
C GLY B 378 26.96 -18.77 8.17
N ASP B 379 26.21 -18.33 7.15
CA ASP B 379 26.79 -17.64 6.01
C ASP B 379 27.11 -16.17 6.22
N VAL B 380 26.21 -15.45 6.88
CA VAL B 380 26.46 -14.04 7.16
C VAL B 380 27.68 -13.89 8.08
N ASP B 381 28.60 -13.00 7.71
CA ASP B 381 29.80 -12.77 8.51
C ASP B 381 29.72 -11.43 9.23
N VAL B 382 29.70 -10.35 8.45
CA VAL B 382 29.53 -9.00 8.99
C VAL B 382 28.22 -8.45 8.48
N ILE B 383 27.61 -7.53 9.22
CA ILE B 383 26.33 -6.98 8.76
C ILE B 383 26.08 -5.54 9.22
N CYS B 384 25.50 -4.74 8.31
CA CYS B 384 25.39 -3.30 8.49
C CYS B 384 24.02 -2.84 9.01
N GLY B 385 24.04 -1.82 9.85
CA GLY B 385 22.86 -1.27 10.49
C GLY B 385 22.25 -0.12 9.72
N GLY B 386 21.72 0.84 10.46
CA GLY B 386 21.05 1.99 9.86
C GLY B 386 19.53 2.02 9.92
N PRO B 387 18.92 1.18 10.78
CA PRO B 387 17.46 1.27 10.83
C PRO B 387 17.03 2.66 11.25
N PRO B 388 16.12 3.29 10.49
CA PRO B 388 15.71 4.63 10.88
C PRO B 388 14.88 4.57 12.15
N CYS B 389 15.21 5.41 13.12
CA CYS B 389 14.35 5.60 14.28
C CYS B 389 13.76 6.99 14.16
N GLN B 390 12.48 7.05 13.83
CA GLN B 390 11.84 8.31 13.49
C GLN B 390 11.48 9.13 14.73
N LYS B 406 8.22 4.77 21.25
CA LYS B 406 9.00 3.60 21.63
C LYS B 406 8.58 2.44 20.75
N ASP B 407 7.38 1.95 20.96
CA ASP B 407 6.82 0.90 20.14
C ASP B 407 6.60 1.37 18.71
N GLU B 408 6.24 2.63 18.56
CA GLU B 408 5.95 3.19 17.25
C GLU B 408 7.05 3.06 16.20
N LYS B 409 7.49 4.19 15.65
CA LYS B 409 8.52 4.22 14.60
C LYS B 409 9.90 3.66 14.99
N ASN B 410 9.98 3.10 16.19
CA ASN B 410 11.17 2.41 16.65
C ASN B 410 11.25 0.97 16.13
N LYS B 411 10.14 0.50 15.57
CA LYS B 411 9.98 -0.90 15.16
C LYS B 411 11.17 -1.43 14.36
N GLN B 412 11.75 -0.55 13.54
CA GLN B 412 12.78 -0.96 12.59
C GLN B 412 14.04 -1.51 13.25
N MET B 413 14.37 -1.01 14.44
CA MET B 413 15.50 -1.56 15.17
C MET B 413 15.15 -2.93 15.72
N VAL B 414 13.92 -3.09 16.19
CA VAL B 414 13.45 -4.39 16.64
C VAL B 414 13.65 -5.40 15.51
N THR B 415 13.14 -5.05 14.33
CA THR B 415 13.30 -5.87 13.15
C THR B 415 14.78 -6.19 12.89
N PHE B 416 15.60 -5.15 12.90
CA PHE B 416 17.05 -5.31 12.68
C PHE B 416 17.65 -6.37 13.60
N MET B 417 17.44 -6.18 14.90
CA MET B 417 17.96 -7.10 15.91
C MET B 417 17.40 -8.51 15.72
N ASP B 418 16.17 -8.60 15.22
CA ASP B 418 15.59 -9.90 14.91
C ASP B 418 16.37 -10.58 13.79
N ILE B 419 16.63 -9.84 12.73
CA ILE B 419 17.51 -10.32 11.66
C ILE B 419 18.77 -10.89 12.28
N VAL B 420 19.49 -10.02 12.99
CA VAL B 420 20.73 -10.44 13.65
C VAL B 420 20.53 -11.75 14.42
N ALA B 421 19.38 -11.87 15.08
CA ALA B 421 19.09 -13.06 15.89
C ALA B 421 19.00 -14.33 15.04
N TYR B 422 18.18 -14.27 14.00
CA TYR B 422 18.02 -15.42 13.10
C TYR B 422 19.34 -15.80 12.46
N LEU B 423 20.03 -14.82 11.90
CA LEU B 423 21.23 -15.07 11.11
C LEU B 423 22.46 -15.35 11.96
N LYS B 424 22.58 -14.62 13.07
CA LYS B 424 23.73 -14.76 13.95
C LYS B 424 25.04 -14.64 13.18
N PRO B 425 25.36 -13.42 12.73
CA PRO B 425 26.66 -13.23 12.08
C PRO B 425 27.75 -13.09 13.12
N LYS B 426 29.00 -12.98 12.67
CA LYS B 426 30.13 -12.85 13.57
C LYS B 426 30.25 -11.42 14.07
N TYR B 427 29.97 -10.48 13.18
CA TYR B 427 30.08 -9.06 13.50
C TYR B 427 28.80 -8.30 13.18
N VAL B 428 28.51 -7.30 14.00
CA VAL B 428 27.35 -6.45 13.80
C VAL B 428 27.74 -4.99 13.96
N LEU B 429 27.48 -4.20 12.93
CA LEU B 429 27.75 -2.77 12.98
C LEU B 429 26.46 -1.99 12.72
N MET B 430 26.05 -1.19 13.70
CA MET B 430 24.84 -0.39 13.55
C MET B 430 25.11 1.10 13.64
N GLU B 431 24.65 1.84 12.65
CA GLU B 431 24.82 3.28 12.65
C GLU B 431 23.47 3.89 12.92
N ASN B 432 23.46 5.08 13.49
CA ASN B 432 22.22 5.81 13.70
C ASN B 432 22.47 7.19 14.25
N VAL B 433 21.43 7.99 14.36
CA VAL B 433 21.62 9.37 14.80
C VAL B 433 21.94 9.38 16.29
N VAL B 434 22.23 10.57 16.83
CA VAL B 434 22.66 10.72 18.21
C VAL B 434 21.49 10.62 19.20
N ASP B 435 20.33 11.08 18.77
CA ASP B 435 19.16 11.15 19.63
C ASP B 435 18.86 9.85 20.34
N ILE B 436 19.30 8.74 19.75
CA ILE B 436 19.03 7.42 20.31
C ILE B 436 19.38 7.48 21.78
N LEU B 437 20.51 8.09 22.07
CA LEU B 437 21.03 8.15 23.42
C LEU B 437 20.40 9.32 24.19
N LYS B 438 19.92 10.32 23.47
CA LYS B 438 19.13 11.42 24.06
C LYS B 438 17.61 11.20 24.23
N PHE B 439 17.01 10.35 23.39
CA PHE B 439 15.55 10.21 23.37
C PHE B 439 15.07 9.12 24.32
N ALA B 440 13.96 9.40 24.99
CA ALA B 440 13.46 8.54 26.05
C ALA B 440 14.62 8.20 26.97
N ASP B 441 15.46 9.21 27.21
CA ASP B 441 16.68 9.06 27.99
C ASP B 441 17.53 7.87 27.54
N GLY B 442 17.79 7.80 26.24
CA GLY B 442 18.67 6.79 25.68
C GLY B 442 18.08 5.40 25.61
N TYR B 443 16.76 5.32 25.60
CA TYR B 443 16.06 4.04 25.58
C TYR B 443 16.58 3.09 24.50
N LEU B 444 16.73 3.59 23.29
CA LEU B 444 17.07 2.74 22.15
C LEU B 444 18.53 2.30 22.14
N GLY B 445 19.44 3.19 22.56
CA GLY B 445 20.85 2.83 22.61
C GLY B 445 20.99 1.57 23.45
N LYS B 446 20.26 1.54 24.55
CA LYS B 446 20.27 0.41 25.47
C LYS B 446 19.48 -0.75 24.91
N TYR B 447 18.41 -0.47 24.16
CA TYR B 447 17.70 -1.56 23.52
C TYR B 447 18.67 -2.35 22.65
N ALA B 448 19.45 -1.64 21.84
CA ALA B 448 20.45 -2.27 20.98
C ALA B 448 21.51 -2.98 21.81
N LEU B 449 22.07 -2.25 22.77
CA LEU B 449 23.14 -2.79 23.62
C LEU B 449 22.72 -4.13 24.23
N SER B 450 21.60 -4.10 24.93
CA SER B 450 20.99 -5.28 25.52
C SER B 450 20.77 -6.36 24.48
N CYS B 451 19.92 -6.08 23.50
CA CYS B 451 19.58 -7.10 22.50
C CYS B 451 20.85 -7.80 22.04
N LEU B 452 21.92 -7.02 21.90
CA LEU B 452 23.22 -7.58 21.52
C LEU B 452 23.80 -8.49 22.61
N VAL B 453 23.73 -8.03 23.86
CA VAL B 453 24.34 -8.77 24.98
C VAL B 453 23.55 -10.01 25.44
N ALA B 454 22.25 -9.86 25.64
CA ALA B 454 21.39 -10.98 25.97
C ALA B 454 21.53 -12.06 24.90
N MET B 455 21.96 -11.65 23.72
CA MET B 455 22.32 -12.59 22.66
C MET B 455 23.74 -13.08 22.88
N LYS B 456 24.35 -12.59 23.95
CA LYS B 456 25.70 -12.99 24.36
C LYS B 456 26.76 -12.59 23.34
N TYR B 457 26.52 -11.46 22.67
CA TYR B 457 27.52 -10.82 21.83
C TYR B 457 28.36 -9.88 22.68
N GLN B 458 29.65 -9.79 22.39
CA GLN B 458 30.44 -8.71 22.95
C GLN B 458 30.01 -7.44 22.24
N ALA B 459 29.77 -6.38 23.01
CA ALA B 459 29.28 -5.14 22.43
C ALA B 459 30.05 -3.93 22.95
N ARG B 460 30.15 -2.91 22.10
CA ARG B 460 30.81 -1.67 22.47
C ARG B 460 30.20 -0.59 21.60
N LEU B 461 30.31 0.67 21.98
CA LEU B 461 29.81 1.71 21.09
C LEU B 461 30.50 3.06 21.20
N GLY B 462 30.40 3.86 20.14
CA GLY B 462 31.01 5.18 20.16
C GLY B 462 30.35 6.15 19.21
N MET B 463 30.48 7.43 19.53
CA MET B 463 29.97 8.49 18.68
C MET B 463 31.13 9.06 17.90
N MET B 464 30.93 9.28 16.60
CA MET B 464 32.02 9.71 15.74
C MET B 464 31.59 10.82 14.80
N VAL B 465 32.43 11.86 14.73
CA VAL B 465 32.18 13.02 13.89
C VAL B 465 32.79 12.83 12.51
N ALA B 466 32.01 13.09 11.48
CA ALA B 466 32.46 12.89 10.10
C ALA B 466 33.69 13.72 9.76
N GLY B 467 33.72 14.97 10.22
CA GLY B 467 34.78 15.90 9.87
C GLY B 467 36.17 15.45 10.24
N CYS B 468 36.32 14.89 11.43
CA CYS B 468 37.63 14.49 11.93
C CYS B 468 38.31 13.51 10.98
N TYR B 469 37.50 12.87 10.13
CA TYR B 469 37.99 11.86 9.20
C TYR B 469 38.29 12.34 7.78
N GLY B 470 38.27 13.65 7.56
CA GLY B 470 38.55 14.20 6.25
C GLY B 470 37.41 14.76 5.43
N LEU B 471 36.29 15.07 6.07
CA LEU B 471 35.20 15.74 5.36
C LEU B 471 35.03 17.17 5.87
N PRO B 472 34.60 18.07 4.98
CA PRO B 472 34.40 19.48 5.31
C PRO B 472 33.05 19.71 5.97
N GLN B 473 32.75 18.91 6.99
CA GLN B 473 31.47 19.01 7.68
C GLN B 473 31.58 18.39 9.07
N PHE B 474 30.68 18.78 9.96
CA PHE B 474 30.66 18.17 11.28
C PHE B 474 29.37 17.39 11.43
N ARG B 475 29.49 16.06 11.35
CA ARG B 475 28.33 15.18 11.44
C ARG B 475 28.63 14.09 12.46
N MET B 476 27.91 14.12 13.57
CA MET B 476 28.15 13.17 14.66
C MET B 476 27.13 12.06 14.63
N ARG B 477 27.61 10.81 14.55
CA ARG B 477 26.72 9.67 14.49
C ARG B 477 27.10 8.57 15.49
N VAL B 478 26.13 7.77 15.87
CA VAL B 478 26.36 6.68 16.81
C VAL B 478 26.62 5.37 16.09
N PHE B 479 27.70 4.70 16.49
CA PHE B 479 28.06 3.40 15.93
C PHE B 479 28.13 2.36 17.04
N LEU B 480 27.41 1.26 16.82
CA LEU B 480 27.29 0.17 17.76
C LEU B 480 27.96 -1.07 17.21
N TRP B 481 29.02 -1.48 17.89
CA TRP B 481 29.77 -2.68 17.59
C TRP B 481 29.23 -3.86 18.37
N GLY B 482 29.22 -5.00 17.71
CA GLY B 482 28.97 -6.27 18.36
C GLY B 482 29.74 -7.32 17.60
N ALA B 483 30.06 -8.41 18.29
CA ALA B 483 30.83 -9.50 17.70
C ALA B 483 30.57 -10.73 18.53
N LEU B 484 30.86 -11.91 17.99
CA LEU B 484 30.68 -13.11 18.78
C LEU B 484 31.79 -13.19 19.81
N SER B 485 31.71 -14.19 20.69
CA SER B 485 32.76 -14.40 21.68
C SER B 485 33.90 -15.15 21.00
N SER B 486 33.58 -15.78 19.88
CA SER B 486 34.55 -16.48 19.08
C SER B 486 35.47 -15.49 18.39
N MET B 487 35.11 -14.21 18.46
CA MET B 487 35.81 -13.19 17.69
C MET B 487 36.42 -12.07 18.53
N VAL B 488 37.11 -11.16 17.84
CA VAL B 488 37.79 -10.04 18.48
C VAL B 488 36.98 -8.77 18.27
N LEU B 489 36.62 -8.12 19.37
CA LEU B 489 35.83 -6.90 19.32
C LEU B 489 36.59 -5.78 18.64
N PRO B 490 36.00 -5.19 17.58
CA PRO B 490 36.62 -4.07 16.87
C PRO B 490 36.73 -2.84 17.78
N LYS B 491 37.24 -1.75 17.22
CA LYS B 491 37.47 -0.53 18.00
C LYS B 491 37.35 0.69 17.09
N TYR B 492 37.12 1.85 17.69
CA TYR B 492 36.86 3.06 16.94
C TYR B 492 38.11 3.82 16.55
N PRO B 493 38.33 4.01 15.24
CA PRO B 493 39.46 4.79 14.75
C PRO B 493 39.34 6.24 15.17
N LEU B 494 40.43 6.81 15.70
CA LEU B 494 40.40 8.18 16.20
C LEU B 494 40.42 9.20 15.06
N PRO B 495 40.07 10.44 15.36
CA PRO B 495 40.07 11.53 14.36
C PRO B 495 41.39 11.59 13.59
N THR B 496 41.29 11.71 12.28
CA THR B 496 42.48 11.87 11.44
C THR B 496 42.71 13.34 11.12
N TYR B 497 41.79 14.19 11.59
CA TYR B 497 41.85 15.62 11.28
C TYR B 497 41.68 16.47 12.55
N ASP B 498 41.97 17.76 12.40
CA ASP B 498 42.10 18.64 13.56
C ASP B 498 40.77 19.19 14.07
N VAL B 499 39.67 18.74 13.46
CA VAL B 499 38.35 19.25 13.83
C VAL B 499 38.18 19.23 15.33
N VAL B 500 37.71 20.34 15.89
CA VAL B 500 37.52 20.46 17.33
C VAL B 500 36.16 19.93 17.74
N VAL B 501 36.17 18.97 18.67
CA VAL B 501 34.92 18.38 19.14
C VAL B 501 34.50 18.99 20.49
N ARG B 502 33.26 19.46 20.52
CA ARG B 502 32.71 20.21 21.65
C ARG B 502 32.00 19.30 22.66
N GLY B 503 32.09 17.99 22.44
CA GLY B 503 31.53 17.05 23.38
C GLY B 503 30.06 17.31 23.65
N GLY B 504 29.25 17.33 22.60
CA GLY B 504 27.82 17.47 22.73
C GLY B 504 27.22 16.11 23.05
N ALA B 505 28.08 15.21 23.50
CA ALA B 505 27.68 13.86 23.85
C ALA B 505 26.56 13.86 24.88
N PRO B 506 25.59 12.96 24.70
CA PRO B 506 24.53 12.78 25.69
C PRO B 506 25.20 12.37 26.97
N ASN B 507 24.54 12.55 28.10
CA ASN B 507 25.03 12.02 29.37
C ASN B 507 24.90 10.51 29.41
N ALA B 508 23.72 10.02 29.06
CA ALA B 508 23.31 8.65 29.36
C ALA B 508 24.49 7.79 29.01
N PHE B 509 25.14 8.15 27.90
CA PHE B 509 26.48 7.70 27.64
C PHE B 509 27.34 8.95 27.55
N SER B 510 28.12 9.19 28.58
CA SER B 510 29.03 10.33 28.59
C SER B 510 30.33 10.05 27.88
N GLN B 511 30.91 8.88 28.14
CA GLN B 511 32.15 8.63 27.44
C GLN B 511 31.85 7.55 26.44
N CYS B 512 31.23 7.97 25.34
CA CYS B 512 31.15 7.21 24.07
C CYS B 512 31.87 7.88 22.85
N MET B 513 32.44 9.05 23.11
CA MET B 513 32.96 9.86 22.04
C MET B 513 34.36 9.41 21.67
N VAL B 514 34.59 9.16 20.40
CA VAL B 514 35.94 8.86 19.95
C VAL B 514 36.54 10.20 19.57
N ALA B 515 37.48 10.63 20.40
CA ALA B 515 38.12 11.93 20.29
C ALA B 515 39.42 11.79 21.05
N TYR B 516 40.35 12.72 20.83
CA TYR B 516 41.71 12.52 21.35
C TYR B 516 41.96 12.86 22.84
N ASP B 517 41.09 13.65 23.46
CA ASP B 517 41.18 13.93 24.89
C ASP B 517 42.07 15.09 25.32
N GLU B 518 42.70 15.75 24.35
CA GLU B 518 43.85 16.65 24.55
C GLU B 518 45.23 16.13 24.27
N THR B 519 45.43 14.82 24.11
CA THR B 519 46.80 14.38 23.88
C THR B 519 47.10 15.05 22.58
N GLN B 520 48.08 15.93 22.55
CA GLN B 520 48.31 16.61 21.31
C GLN B 520 49.08 15.74 20.35
N LYS B 521 48.30 14.98 19.60
CA LYS B 521 48.84 14.17 18.56
C LYS B 521 48.31 15.14 17.60
N PRO B 522 49.14 16.05 17.15
CA PRO B 522 48.68 17.06 16.20
C PRO B 522 49.09 16.55 14.87
N SER B 523 49.51 15.31 14.86
CA SER B 523 49.93 14.72 13.63
C SER B 523 48.59 14.46 13.04
N LEU B 524 47.82 15.53 12.96
CA LEU B 524 46.47 15.47 12.44
C LEU B 524 46.40 16.50 11.33
N LYS B 525 45.65 16.19 10.29
CA LYS B 525 45.52 17.06 9.15
C LYS B 525 44.67 18.27 9.41
N LYS B 526 44.64 19.21 8.49
CA LYS B 526 43.92 20.44 8.70
C LYS B 526 42.45 20.24 8.36
N ALA B 527 41.57 20.58 9.30
CA ALA B 527 40.14 20.41 9.06
C ALA B 527 39.79 21.10 7.75
N LEU B 528 39.16 20.37 6.86
CA LEU B 528 38.89 20.88 5.53
C LEU B 528 37.82 21.94 5.56
N LEU B 529 37.81 22.78 4.52
CA LEU B 529 36.73 23.70 4.29
C LEU B 529 36.11 23.31 2.96
N LEU B 530 35.06 24.00 2.55
CA LEU B 530 34.32 23.63 1.35
C LEU B 530 35.17 23.70 0.08
N GLY B 531 36.00 24.73 0.01
CA GLY B 531 36.86 24.96 -1.13
C GLY B 531 37.70 23.75 -1.49
N ASP B 532 38.37 23.17 -0.50
CA ASP B 532 39.17 21.97 -0.73
C ASP B 532 38.37 20.91 -1.46
N ALA B 533 37.18 20.63 -0.95
CA ALA B 533 36.36 19.59 -1.55
C ALA B 533 36.05 19.93 -2.99
N ILE B 534 35.38 21.06 -3.19
CA ILE B 534 34.75 21.34 -4.49
C ILE B 534 35.41 22.33 -5.48
N SER B 535 36.52 22.96 -5.11
CA SER B 535 37.11 23.99 -5.97
C SER B 535 37.38 23.45 -7.38
N ASP B 536 37.52 22.14 -7.45
CA ASP B 536 37.82 21.45 -8.71
C ASP B 536 36.68 21.51 -9.71
N LEU B 537 35.47 21.24 -9.25
CA LEU B 537 34.32 21.05 -10.14
C LEU B 537 34.11 22.19 -11.13
N PRO B 538 33.80 21.81 -12.39
CA PRO B 538 33.51 22.76 -13.47
C PRO B 538 32.26 23.57 -13.16
N LYS B 539 32.13 24.74 -13.80
CA LYS B 539 30.99 25.62 -13.54
C LYS B 539 29.76 25.23 -14.35
N VAL B 540 28.66 25.01 -13.65
CA VAL B 540 27.41 24.62 -14.29
C VAL B 540 26.24 25.46 -13.78
N GLN B 541 25.18 25.57 -14.59
CA GLN B 541 24.07 26.46 -14.23
C GLN B 541 22.90 25.75 -13.57
N ASN B 542 21.90 26.54 -13.16
CA ASN B 542 20.77 26.05 -12.40
C ASN B 542 20.16 24.86 -13.10
N HIS B 543 20.02 24.93 -14.43
CA HIS B 543 19.53 23.76 -15.11
C HIS B 543 20.70 23.08 -15.79
N GLN B 544 21.16 22.01 -15.16
CA GLN B 544 22.06 21.07 -15.81
C GLN B 544 21.39 19.71 -15.79
N PRO B 545 20.82 19.30 -16.93
CA PRO B 545 20.18 17.99 -17.02
C PRO B 545 21.10 16.92 -17.59
N ASN B 546 22.31 16.78 -17.06
CA ASN B 546 23.19 15.74 -17.58
C ASN B 546 23.84 14.95 -16.46
N ASP B 547 23.48 13.67 -16.37
CA ASP B 547 24.03 12.79 -15.35
C ASP B 547 25.53 12.71 -15.56
N VAL B 548 25.94 12.64 -16.82
CA VAL B 548 27.36 12.55 -17.15
C VAL B 548 27.83 13.76 -17.94
N MET B 549 28.92 14.37 -17.47
CA MET B 549 29.57 15.48 -18.15
C MET B 549 31.05 15.35 -17.80
N GLU B 550 31.94 15.78 -18.69
CA GLU B 550 33.35 15.65 -18.39
C GLU B 550 33.83 16.77 -17.45
N TYR B 551 35.10 16.69 -17.06
CA TYR B 551 35.62 17.64 -16.07
C TYR B 551 36.16 18.90 -16.73
N GLY B 552 35.77 20.04 -16.18
CA GLY B 552 36.20 21.33 -16.68
C GLY B 552 37.55 21.71 -16.08
N GLY B 553 38.25 20.71 -15.54
CA GLY B 553 39.51 20.95 -14.86
C GLY B 553 40.24 19.72 -14.37
N SER B 554 41.17 19.92 -13.44
CA SER B 554 42.03 18.85 -12.94
C SER B 554 42.04 18.90 -11.41
N PRO B 555 42.27 17.76 -10.74
CA PRO B 555 42.18 17.83 -9.29
C PRO B 555 43.09 18.93 -8.79
N LYS B 556 42.53 19.89 -8.07
CA LYS B 556 43.30 21.05 -7.63
C LYS B 556 43.76 21.00 -6.18
N THR B 557 43.41 19.93 -5.46
CA THR B 557 43.81 19.79 -4.06
C THR B 557 43.95 18.33 -3.66
N GLU B 558 44.60 18.11 -2.51
CA GLU B 558 44.83 16.78 -1.98
C GLU B 558 43.54 15.96 -1.99
N PHE B 559 42.49 16.53 -1.41
CA PHE B 559 41.18 15.88 -1.39
C PHE B 559 40.70 15.57 -2.81
N GLN B 560 40.49 16.62 -3.60
CA GLN B 560 40.03 16.48 -4.97
C GLN B 560 40.88 15.46 -5.72
N ARG B 561 42.19 15.48 -5.48
CA ARG B 561 43.06 14.45 -5.99
C ARG B 561 42.52 13.10 -5.56
N TYR B 562 42.08 13.03 -4.31
CA TYR B 562 41.67 11.77 -3.70
C TYR B 562 40.35 11.20 -4.26
N ILE B 563 39.29 12.01 -4.28
CA ILE B 563 37.96 11.50 -4.62
C ILE B 563 37.79 11.18 -6.11
N ARG B 564 38.64 11.73 -6.96
CA ARG B 564 38.64 11.26 -8.32
C ARG B 564 39.81 10.29 -8.40
N LEU B 565 39.46 9.02 -8.29
CA LEU B 565 40.42 7.95 -8.31
C LEU B 565 39.68 6.72 -8.78
N SER B 566 40.37 5.85 -9.51
CA SER B 566 39.72 4.69 -10.08
C SER B 566 39.22 3.79 -8.98
N ARG B 567 38.21 2.97 -9.29
CA ARG B 567 37.71 1.99 -8.36
C ARG B 567 38.87 1.15 -7.82
N LYS B 568 39.83 0.86 -8.68
CA LYS B 568 41.00 0.04 -8.35
C LYS B 568 42.12 0.79 -7.63
N ASP B 569 42.18 2.11 -7.77
CA ASP B 569 43.15 2.90 -7.01
C ASP B 569 42.71 2.96 -5.56
N MET B 570 41.39 2.92 -5.36
CA MET B 570 40.82 2.50 -4.09
C MET B 570 40.56 1.03 -4.31
N LEU B 571 40.10 0.29 -3.32
CA LEU B 571 39.93 -1.11 -3.61
C LEU B 571 38.45 -1.45 -3.51
N ASP B 572 37.80 -1.23 -4.65
CA ASP B 572 36.38 -1.45 -4.82
C ASP B 572 36.10 -2.88 -5.23
N TRP B 573 36.92 -3.38 -6.15
CA TRP B 573 36.87 -4.76 -6.56
C TRP B 573 35.44 -5.12 -6.88
N SER B 574 34.62 -4.14 -7.26
CA SER B 574 33.25 -4.48 -7.53
C SER B 574 33.31 -5.29 -8.80
N PHE B 575 34.21 -4.85 -9.66
CA PHE B 575 34.42 -5.46 -10.96
C PHE B 575 35.62 -6.40 -10.99
N GLY B 576 36.22 -6.60 -9.83
CA GLY B 576 37.35 -7.51 -9.70
C GLY B 576 38.56 -6.97 -10.44
N GLU B 577 39.18 -7.81 -11.27
CA GLU B 577 40.32 -7.36 -12.04
C GLU B 577 39.82 -6.86 -13.39
N GLY B 578 39.86 -5.54 -13.56
CA GLY B 578 39.34 -4.87 -14.73
C GLY B 578 38.93 -3.47 -14.34
N ALA B 579 38.52 -2.66 -15.31
CA ALA B 579 38.17 -1.27 -15.02
C ALA B 579 36.66 -1.09 -14.90
N GLY B 580 36.24 -0.38 -13.85
CA GLY B 580 34.83 -0.11 -13.62
C GLY B 580 34.29 0.90 -14.62
N PRO B 581 33.01 0.76 -14.99
CA PRO B 581 32.33 1.58 -16.00
C PRO B 581 32.29 3.06 -15.60
N ASP B 582 32.01 3.93 -16.56
CA ASP B 582 32.02 5.36 -16.31
C ASP B 582 33.41 5.84 -15.91
N GLU B 583 34.40 5.51 -16.75
CA GLU B 583 35.81 5.82 -16.49
C GLU B 583 36.08 7.31 -16.58
N GLY B 584 36.59 7.88 -15.49
CA GLY B 584 37.08 9.25 -15.51
C GLY B 584 36.03 10.29 -15.83
N LYS B 585 34.80 9.86 -15.98
CA LYS B 585 33.70 10.78 -16.27
C LYS B 585 33.20 11.44 -14.99
N LEU B 586 32.75 12.68 -15.11
CA LEU B 586 32.10 13.36 -13.99
C LEU B 586 30.60 13.14 -14.07
N LEU B 587 30.03 12.60 -13.00
CA LEU B 587 28.65 12.16 -13.02
C LEU B 587 27.82 12.89 -11.96
N ASP B 588 26.52 13.03 -12.22
CA ASP B 588 25.59 13.62 -11.26
C ASP B 588 25.96 15.02 -10.81
N HIS B 589 26.46 15.85 -11.71
CA HIS B 589 26.76 17.20 -11.27
C HIS B 589 25.55 17.97 -11.73
N GLN B 590 24.60 18.16 -10.81
CA GLN B 590 23.36 18.86 -11.10
C GLN B 590 22.85 19.49 -9.82
N PRO B 591 22.24 20.68 -9.94
CA PRO B 591 21.54 21.25 -8.79
C PRO B 591 20.06 20.91 -8.84
N LEU B 592 19.32 21.35 -7.83
CA LEU B 592 17.87 21.34 -7.91
C LEU B 592 17.48 22.36 -8.96
N ARG B 593 16.49 22.06 -9.79
CA ARG B 593 16.00 23.07 -10.71
C ARG B 593 15.00 23.94 -9.96
N LEU B 594 15.34 25.22 -9.81
CA LEU B 594 14.52 26.14 -9.04
C LEU B 594 13.42 26.72 -9.89
N ASN B 595 12.19 26.71 -9.39
CA ASN B 595 11.08 27.37 -10.08
C ASN B 595 11.58 28.78 -10.34
N ASN B 596 11.22 29.34 -11.50
CA ASN B 596 11.88 30.51 -12.03
C ASN B 596 12.18 31.50 -10.92
N ASP B 597 11.14 32.03 -10.30
CA ASP B 597 11.35 33.09 -9.31
C ASP B 597 12.50 32.76 -8.38
N ASP B 598 12.60 31.52 -7.91
CA ASP B 598 13.69 31.15 -7.03
C ASP B 598 15.00 31.45 -7.76
N TYR B 599 15.03 31.08 -9.01
CA TYR B 599 16.18 31.34 -9.76
C TYR B 599 16.33 32.81 -9.59
N GLU B 600 15.23 33.55 -9.58
CA GLU B 600 15.32 35.00 -9.41
C GLU B 600 15.85 35.53 -8.09
N ARG B 601 15.37 35.03 -6.96
CA ARG B 601 15.84 35.51 -5.66
C ARG B 601 17.32 35.19 -5.51
N VAL B 602 17.66 34.00 -5.93
CA VAL B 602 19.03 33.53 -5.89
C VAL B 602 19.93 34.33 -6.80
N GLN B 603 19.44 34.68 -7.97
CA GLN B 603 20.22 35.44 -8.92
C GLN B 603 20.48 36.77 -8.28
N GLN B 604 19.46 37.24 -7.58
CA GLN B 604 19.45 38.50 -6.88
C GLN B 604 20.50 38.55 -5.82
N ILE B 605 20.78 37.44 -5.16
CA ILE B 605 21.79 37.48 -4.09
C ILE B 605 23.22 37.95 -4.49
N PRO B 606 23.76 38.80 -3.61
CA PRO B 606 25.07 39.48 -3.55
C PRO B 606 26.30 38.68 -4.01
N VAL B 607 26.35 37.36 -3.84
CA VAL B 607 27.61 36.61 -4.00
C VAL B 607 28.75 37.28 -3.21
N LYS B 608 28.37 37.88 -2.08
CA LYS B 608 29.34 38.32 -1.09
C LYS B 608 29.63 37.11 -0.22
N LYS B 609 30.43 37.27 0.82
CA LYS B 609 30.69 36.17 1.77
C LYS B 609 29.56 35.76 2.69
N GLY B 610 28.86 36.73 3.23
CA GLY B 610 27.86 36.45 4.23
C GLY B 610 26.46 36.57 3.71
N ALA B 611 26.32 36.59 2.40
CA ALA B 611 25.06 36.90 1.78
C ALA B 611 23.95 35.99 2.21
N ASN B 612 22.80 36.57 2.45
CA ASN B 612 21.61 35.86 2.85
C ASN B 612 20.46 36.75 2.49
N PHE B 613 19.24 36.40 2.84
CA PHE B 613 18.08 37.19 2.40
C PHE B 613 18.07 38.62 2.92
N ARG B 614 18.81 38.89 3.96
CA ARG B 614 18.80 40.20 4.58
C ARG B 614 19.33 41.24 3.62
N ASP B 615 19.92 40.82 2.52
CA ASP B 615 20.46 41.73 1.52
C ASP B 615 19.54 41.99 0.33
N LEU B 616 18.28 41.62 0.47
CA LEU B 616 17.32 41.64 -0.64
C LEU B 616 16.44 42.89 -0.84
N LYS B 617 16.64 43.95 -0.06
CA LYS B 617 15.76 45.13 -0.09
C LYS B 617 14.56 45.26 0.89
N GLY B 618 14.35 44.30 1.78
CA GLY B 618 13.37 44.49 2.84
C GLY B 618 13.96 44.78 4.22
N VAL B 619 15.27 44.93 4.29
CA VAL B 619 16.04 44.82 5.55
C VAL B 619 15.81 45.86 6.66
N ARG B 620 15.91 45.39 7.90
CA ARG B 620 16.01 46.25 9.10
C ARG B 620 16.50 45.51 10.35
N VAL B 621 16.39 46.15 11.51
CA VAL B 621 16.83 45.55 12.77
C VAL B 621 15.87 45.81 13.94
N GLY B 622 16.07 45.07 15.03
CA GLY B 622 15.29 45.24 16.23
C GLY B 622 16.14 44.90 17.45
N ALA B 623 15.67 45.26 18.64
CA ALA B 623 16.43 45.00 19.86
C ALA B 623 16.92 43.56 19.82
N ASN B 624 15.98 42.65 19.59
CA ASN B 624 16.32 41.32 19.10
C ASN B 624 16.20 41.47 17.59
N ASN B 625 17.13 40.93 16.84
CA ASN B 625 17.15 41.24 15.42
C ASN B 625 15.97 40.53 14.78
N ILE B 626 15.08 41.33 14.22
CA ILE B 626 13.91 40.81 13.53
C ILE B 626 13.84 41.51 12.19
N VAL B 627 14.01 40.74 11.12
CA VAL B 627 13.83 41.30 9.80
C VAL B 627 12.44 41.90 9.79
N GLU B 628 12.36 43.16 9.39
CA GLU B 628 11.09 43.79 9.17
C GLU B 628 11.31 44.56 7.89
N TRP B 629 10.24 44.94 7.23
CA TRP B 629 10.41 45.66 5.99
C TRP B 629 10.88 47.04 6.35
N ASP B 630 11.73 47.62 5.51
CA ASP B 630 12.15 48.98 5.76
C ASP B 630 10.92 49.73 5.42
N PRO B 631 10.55 50.68 6.25
CA PRO B 631 9.32 51.39 5.97
C PRO B 631 9.64 52.46 4.98
N GLU B 632 10.14 52.07 3.82
CA GLU B 632 10.36 53.05 2.77
C GLU B 632 10.06 52.51 1.39
N ILE B 633 10.85 51.54 0.95
CA ILE B 633 10.70 50.95 -0.37
C ILE B 633 9.42 50.18 -0.59
N GLU B 634 8.83 50.29 -1.77
CA GLU B 634 7.65 49.48 -2.06
C GLU B 634 8.07 48.05 -2.32
N ARG B 635 7.16 47.11 -2.01
CA ARG B 635 7.45 45.69 -2.22
C ARG B 635 7.81 45.43 -3.69
N VAL B 636 8.95 44.79 -3.89
CA VAL B 636 9.41 44.48 -5.24
C VAL B 636 8.71 43.23 -5.77
N LYS B 637 8.30 43.27 -7.03
CA LYS B 637 7.69 42.12 -7.68
C LYS B 637 8.59 41.60 -8.79
N LEU B 638 8.65 40.28 -8.94
CA LEU B 638 9.54 39.66 -9.90
C LEU B 638 9.01 39.84 -11.33
N SER B 639 9.64 39.16 -12.28
CA SER B 639 9.23 39.25 -13.68
C SER B 639 8.03 38.35 -13.84
N SER B 640 7.65 37.73 -12.72
CA SER B 640 6.41 36.98 -12.60
C SER B 640 5.52 37.74 -11.63
N GLY B 641 4.39 37.14 -11.27
CA GLY B 641 3.46 37.79 -10.36
C GLY B 641 3.90 37.67 -8.92
N LYS B 642 5.19 37.41 -8.70
CA LYS B 642 5.71 37.15 -7.36
C LYS B 642 6.68 38.20 -6.81
N PRO B 643 6.69 38.36 -5.49
CA PRO B 643 7.57 39.16 -4.63
C PRO B 643 9.02 38.65 -4.60
N LEU B 644 9.82 39.19 -3.68
CA LEU B 644 11.17 38.73 -3.44
C LEU B 644 11.07 37.53 -2.50
N VAL B 645 9.80 37.14 -2.28
CA VAL B 645 9.23 36.15 -1.30
C VAL B 645 9.80 36.04 0.09
N PRO B 646 10.00 37.17 0.74
CA PRO B 646 10.32 37.13 2.18
C PRO B 646 9.19 36.46 2.95
N ASP B 647 8.02 36.25 2.36
CA ASP B 647 6.79 36.13 3.17
C ASP B 647 7.00 35.28 4.42
N TYR B 648 7.61 34.11 4.29
CA TYR B 648 7.92 33.24 5.43
C TYR B 648 9.31 33.48 5.98
N ALA B 649 10.18 33.98 5.12
CA ALA B 649 11.56 34.19 5.45
C ALA B 649 11.62 35.18 6.55
N MET B 650 10.77 36.17 6.50
CA MET B 650 10.86 37.24 7.46
C MET B 650 10.71 36.61 8.81
N SER B 651 9.84 35.63 8.93
CA SER B 651 9.74 34.97 10.20
C SER B 651 10.29 33.59 10.06
N PHE B 652 11.40 33.33 10.74
CA PHE B 652 11.90 31.97 10.81
C PHE B 652 12.08 31.68 12.26
N ILE B 653 13.24 32.03 12.79
CA ILE B 653 13.37 31.87 14.20
C ILE B 653 12.69 33.12 14.66
N LYS B 654 11.47 33.29 14.20
CA LYS B 654 10.78 34.51 14.52
C LYS B 654 11.70 35.63 14.06
N GLY B 655 12.25 35.53 12.86
CA GLY B 655 13.25 36.51 12.47
C GLY B 655 14.62 35.90 12.67
N LYS B 656 15.61 36.73 12.97
CA LYS B 656 16.97 36.25 13.12
C LYS B 656 17.26 35.33 11.94
N SER B 657 17.73 34.13 12.24
CA SER B 657 17.93 33.12 11.21
C SER B 657 18.55 33.73 9.96
N LEU B 658 19.80 34.14 10.06
CA LEU B 658 20.56 34.64 8.90
C LEU B 658 20.81 33.46 7.94
N LYS B 659 20.44 32.27 8.42
CA LYS B 659 20.57 30.99 7.71
C LYS B 659 19.84 30.80 6.37
N PRO B 660 18.66 31.43 6.18
CA PRO B 660 17.68 31.16 5.13
C PRO B 660 18.39 31.60 3.89
N PHE B 661 17.67 31.98 2.83
CA PHE B 661 18.36 32.21 1.59
C PHE B 661 19.65 32.89 1.95
N GLY B 662 20.74 32.23 1.60
CA GLY B 662 22.04 32.82 1.71
C GLY B 662 23.10 31.81 1.36
N ARG B 663 24.23 32.35 0.92
CA ARG B 663 25.38 31.57 0.52
C ARG B 663 26.24 31.12 1.69
N LEU B 664 27.01 30.06 1.45
CA LEU B 664 28.07 29.64 2.34
C LEU B 664 29.30 29.66 1.46
N TRP B 665 30.49 29.63 2.04
CA TRP B 665 31.61 29.54 1.13
C TRP B 665 32.94 28.98 1.62
N TRP B 666 33.80 28.75 0.63
CA TRP B 666 34.92 27.83 0.69
C TRP B 666 35.65 28.02 1.99
N ASP B 667 35.44 29.20 2.54
CA ASP B 667 35.95 29.60 3.82
C ASP B 667 35.49 28.68 4.95
N GLU B 668 34.56 27.75 4.68
CA GLU B 668 33.98 26.99 5.79
C GLU B 668 33.22 25.72 5.45
N THR B 669 32.59 25.19 6.49
CA THR B 669 31.99 23.86 6.47
C THR B 669 30.47 23.91 6.62
N VAL B 670 29.81 22.88 6.10
CA VAL B 670 28.40 22.67 6.33
C VAL B 670 28.29 21.69 7.50
N PRO B 671 27.53 22.06 8.54
CA PRO B 671 27.60 21.18 9.71
C PRO B 671 27.16 19.78 9.34
N THR B 672 26.02 19.67 8.68
CA THR B 672 25.54 18.39 8.19
C THR B 672 24.93 18.56 6.81
N VAL B 673 25.41 17.78 5.84
CA VAL B 673 24.72 17.70 4.57
C VAL B 673 23.39 17.03 4.83
N VAL B 674 22.32 17.60 4.31
CA VAL B 674 21.00 17.05 4.56
C VAL B 674 20.39 16.47 3.28
N THR B 675 19.20 15.89 3.44
CA THR B 675 18.53 15.22 2.34
C THR B 675 17.85 16.21 1.39
N ARG B 676 17.56 17.40 1.87
CA ARG B 676 16.73 18.33 1.12
C ARG B 676 17.48 19.57 0.68
N ALA B 677 17.70 19.71 -0.62
CA ALA B 677 18.28 20.91 -1.16
C ALA B 677 17.18 21.88 -1.53
N GLU B 678 17.16 23.01 -0.84
CA GLU B 678 16.19 24.08 -1.07
C GLU B 678 16.62 25.23 -0.19
N PRO B 679 16.67 26.43 -0.77
CA PRO B 679 17.36 27.61 -0.24
C PRO B 679 16.75 28.27 1.00
N HIS B 680 15.42 28.32 1.07
CA HIS B 680 14.77 29.26 1.98
C HIS B 680 15.16 29.21 3.46
N ASN B 681 15.31 27.99 3.99
CA ASN B 681 15.86 27.71 5.33
C ASN B 681 17.31 27.16 5.46
N GLN B 682 17.94 26.80 4.33
CA GLN B 682 19.11 25.93 4.40
C GLN B 682 20.56 26.42 4.21
N VAL B 683 20.75 27.68 3.84
CA VAL B 683 22.08 28.14 3.41
C VAL B 683 22.75 27.05 2.57
N ILE B 684 22.15 26.67 1.44
CA ILE B 684 22.74 25.63 0.60
C ILE B 684 23.46 26.20 -0.63
N ILE B 685 23.41 27.52 -0.78
CA ILE B 685 23.71 28.16 -2.07
C ILE B 685 25.19 28.17 -2.43
N HIS B 686 25.52 27.72 -3.64
CA HIS B 686 26.90 27.67 -4.12
C HIS B 686 27.49 29.03 -3.88
N PRO B 687 28.75 29.07 -3.46
CA PRO B 687 29.24 30.40 -3.12
C PRO B 687 29.21 31.38 -4.30
N THR B 688 29.79 31.02 -5.44
CA THR B 688 29.82 31.96 -6.57
C THR B 688 28.82 31.76 -7.72
N GLN B 689 28.15 30.62 -7.81
CA GLN B 689 27.40 30.29 -9.02
C GLN B 689 25.89 30.59 -9.09
N ALA B 690 25.31 30.95 -7.95
CA ALA B 690 23.88 31.23 -7.95
C ALA B 690 23.02 30.04 -8.32
N ARG B 691 23.44 28.85 -7.94
CA ARG B 691 22.67 27.66 -8.26
C ARG B 691 22.33 26.75 -7.11
N VAL B 692 22.78 27.04 -5.91
CA VAL B 692 22.51 26.11 -4.81
C VAL B 692 23.55 25.01 -5.00
N LEU B 693 23.52 23.94 -4.23
CA LEU B 693 24.55 22.95 -4.41
C LEU B 693 24.18 21.66 -5.13
N THR B 694 24.98 21.31 -6.10
CA THR B 694 24.76 20.14 -6.91
C THR B 694 24.93 18.95 -6.04
N ILE B 695 24.37 17.82 -6.44
CA ILE B 695 24.49 16.63 -5.65
C ILE B 695 25.92 16.18 -5.57
N ARG B 696 26.61 16.10 -6.69
CA ARG B 696 28.00 15.67 -6.61
C ARG B 696 28.69 16.36 -5.45
N GLU B 697 28.71 17.68 -5.45
CA GLU B 697 29.31 18.41 -4.34
C GLU B 697 28.90 17.78 -3.02
N ASN B 698 27.60 17.77 -2.73
CA ASN B 698 27.13 17.15 -1.50
C ASN B 698 27.70 15.75 -1.27
N ALA B 699 27.96 15.01 -2.35
CA ALA B 699 28.55 13.68 -2.25
C ALA B 699 30.02 13.74 -1.83
N ARG B 700 30.77 14.64 -2.47
CA ARG B 700 32.14 14.94 -2.07
C ARG B 700 32.16 15.24 -0.58
N LEU B 701 31.29 16.16 -0.18
CA LEU B 701 31.09 16.51 1.21
C LEU B 701 30.84 15.27 2.03
N GLN B 702 30.17 14.29 1.43
CA GLN B 702 29.83 13.06 2.12
C GLN B 702 30.95 12.02 1.99
N GLY B 703 32.02 12.39 1.30
CA GLY B 703 33.17 11.51 1.14
C GLY B 703 32.99 10.46 0.07
N PHE B 704 31.93 10.61 -0.73
CA PHE B 704 31.65 9.69 -1.81
C PHE B 704 32.73 9.73 -2.89
N PRO B 705 33.33 8.57 -3.18
CA PRO B 705 34.26 8.50 -4.32
C PRO B 705 33.50 8.85 -5.59
N ASP B 706 34.13 9.63 -6.47
CA ASP B 706 33.45 10.14 -7.67
C ASP B 706 32.95 9.06 -8.62
N TYR B 707 33.72 7.98 -8.74
CA TYR B 707 33.34 6.91 -9.66
C TYR B 707 31.99 6.32 -9.28
N TYR B 708 31.52 6.68 -8.08
CA TYR B 708 30.26 6.17 -7.56
C TYR B 708 29.07 6.86 -8.21
N ARG B 709 28.16 6.07 -8.77
CA ARG B 709 27.03 6.63 -9.50
C ARG B 709 25.75 6.60 -8.64
N LEU B 710 24.69 7.22 -9.16
CA LEU B 710 23.40 7.28 -8.48
C LEU B 710 22.30 7.26 -9.52
N PHE B 711 21.04 7.18 -9.08
CA PHE B 711 19.93 7.01 -10.02
C PHE B 711 18.61 7.58 -9.50
N GLY B 712 17.67 7.80 -10.42
CA GLY B 712 16.40 8.41 -10.08
C GLY B 712 16.40 9.88 -10.45
N PRO B 713 15.32 10.61 -10.14
CA PRO B 713 15.34 12.05 -10.41
C PRO B 713 16.33 12.72 -9.49
N ILE B 714 16.50 14.03 -9.61
CA ILE B 714 17.38 14.78 -8.72
C ILE B 714 16.98 14.55 -7.28
N LYS B 715 15.77 15.01 -6.95
CA LYS B 715 15.30 15.13 -5.58
C LYS B 715 15.58 13.86 -4.80
N GLU B 716 15.49 12.72 -5.48
CA GLU B 716 15.75 11.44 -4.84
C GLU B 716 17.24 11.17 -4.68
N LYS B 717 18.04 11.47 -5.70
CA LYS B 717 19.49 11.36 -5.58
C LYS B 717 19.94 12.11 -4.33
N TYR B 718 19.45 13.34 -4.20
CA TYR B 718 19.76 14.17 -3.05
C TYR B 718 19.57 13.38 -1.77
N ILE B 719 18.35 12.90 -1.54
CA ILE B 719 18.08 12.07 -0.36
C ILE B 719 19.11 10.97 -0.23
N GLN B 720 19.37 10.26 -1.33
CA GLN B 720 20.30 9.15 -1.33
C GLN B 720 21.62 9.54 -0.68
N VAL B 721 22.15 10.70 -1.04
CA VAL B 721 23.42 11.15 -0.44
C VAL B 721 23.23 11.72 0.97
N GLY B 722 22.06 12.29 1.23
CA GLY B 722 21.78 12.89 2.52
C GLY B 722 21.73 11.86 3.62
N ASN B 723 21.29 10.65 3.28
CA ASN B 723 21.21 9.56 4.24
C ASN B 723 22.55 8.88 4.50
N ALA B 724 23.44 8.94 3.51
CA ALA B 724 24.68 8.17 3.53
C ALA B 724 25.58 8.46 4.72
N VAL B 725 26.20 7.39 5.23
CA VAL B 725 27.25 7.53 6.22
C VAL B 725 28.47 8.10 5.50
N ALA B 726 29.18 9.00 6.14
CA ALA B 726 30.37 9.56 5.52
C ALA B 726 31.28 8.40 5.16
N VAL B 727 31.64 8.29 3.89
CA VAL B 727 32.39 7.13 3.40
C VAL B 727 33.75 6.95 4.08
N PRO B 728 34.46 8.05 4.34
CA PRO B 728 35.72 7.94 5.07
C PRO B 728 35.57 7.28 6.44
N VAL B 729 34.53 7.67 7.18
CA VAL B 729 34.25 7.07 8.48
C VAL B 729 34.00 5.57 8.35
N ALA B 730 33.15 5.22 7.41
CA ALA B 730 32.89 3.84 7.18
C ALA B 730 34.18 3.17 6.80
N ARG B 731 35.03 3.86 6.05
CA ARG B 731 36.28 3.28 5.64
C ARG B 731 37.17 2.93 6.82
N ALA B 732 37.24 3.82 7.80
CA ALA B 732 38.03 3.64 9.01
C ALA B 732 37.50 2.44 9.79
N LEU B 733 36.19 2.46 10.04
CA LEU B 733 35.54 1.33 10.70
C LEU B 733 35.85 0.04 9.95
N GLY B 734 35.79 0.10 8.63
CA GLY B 734 36.07 -1.06 7.79
C GLY B 734 37.44 -1.63 8.07
N TYR B 735 38.41 -0.75 8.28
CA TYR B 735 39.77 -1.16 8.57
C TYR B 735 39.85 -1.84 9.94
N CYS B 736 39.38 -1.14 10.97
CA CYS B 736 39.39 -1.70 12.32
C CYS B 736 38.76 -3.09 12.32
N LEU B 737 37.57 -3.18 11.71
CA LEU B 737 36.86 -4.44 11.57
C LEU B 737 37.71 -5.49 10.86
N GLY B 738 38.37 -5.09 9.77
CA GLY B 738 39.23 -6.01 9.05
C GLY B 738 40.22 -6.65 10.01
N GLN B 739 40.88 -5.83 10.81
CA GLN B 739 41.85 -6.33 11.77
C GLN B 739 41.21 -7.27 12.78
N ALA B 740 40.09 -6.85 13.36
CA ALA B 740 39.37 -7.69 14.31
C ALA B 740 39.11 -9.08 13.72
N TYR B 741 38.50 -9.09 12.54
CA TYR B 741 38.17 -10.32 11.83
C TYR B 741 39.39 -11.20 11.62
N LEU B 742 40.50 -10.57 11.24
CA LEU B 742 41.73 -11.32 10.98
C LEU B 742 42.45 -11.69 12.27
N GLY B 743 42.14 -10.99 13.35
CA GLY B 743 42.71 -11.31 14.63
C GLY B 743 43.90 -10.46 15.01
N GLU B 744 44.40 -9.66 14.08
CA GLU B 744 45.42 -8.68 14.45
C GLU B 744 44.74 -7.66 15.34
N SER B 745 45.36 -7.38 16.47
CA SER B 745 44.81 -6.45 17.45
C SER B 745 45.73 -6.42 18.66
N GLU B 746 45.38 -5.58 19.62
CA GLU B 746 46.19 -5.44 20.81
C GLU B 746 45.30 -5.44 22.05
N GLY B 747 45.91 -5.60 23.22
CA GLY B 747 45.14 -5.68 24.44
C GLY B 747 44.13 -4.55 24.44
N SER B 748 42.88 -4.91 24.68
CA SER B 748 41.75 -4.03 24.35
C SER B 748 41.73 -2.63 24.95
N ASP B 749 41.20 -1.71 24.17
CA ASP B 749 40.76 -0.44 24.70
C ASP B 749 39.90 0.12 23.57
N PRO B 750 39.16 1.21 23.83
CA PRO B 750 38.11 1.64 22.90
C PRO B 750 38.58 1.92 21.48
N LEU B 751 39.69 2.64 21.35
CA LEU B 751 40.08 3.14 20.05
C LEU B 751 41.48 2.81 19.57
N TYR B 752 41.64 2.93 18.26
CA TYR B 752 42.72 2.33 17.52
C TYR B 752 43.43 3.40 16.70
N GLN B 753 44.41 2.99 15.91
CA GLN B 753 45.17 3.92 15.09
C GLN B 753 45.57 3.29 13.76
N LEU B 754 46.19 4.08 12.90
CA LEU B 754 46.63 3.61 11.58
C LEU B 754 47.54 4.63 10.91
N PRO B 755 48.44 4.14 10.07
CA PRO B 755 49.38 5.01 9.35
C PRO B 755 48.70 5.70 8.16
N PRO B 756 49.03 5.28 6.96
CA PRO B 756 48.45 5.87 5.74
C PRO B 756 46.94 5.99 5.84
N SER B 757 46.24 4.88 5.58
CA SER B 757 44.78 4.88 5.64
C SER B 757 44.20 6.24 5.25
N GLN C 5 6.35 -28.47 -13.90
CA GLN C 5 5.89 -28.87 -15.20
C GLN C 5 4.92 -27.80 -15.59
N THR C 6 4.09 -27.47 -14.60
CA THR C 6 3.01 -26.54 -14.83
C THR C 6 2.53 -25.83 -13.56
N ALA C 7 1.89 -24.69 -13.75
CA ALA C 7 1.26 -23.96 -12.66
C ALA C 7 0.17 -23.06 -13.22
N ARG C 8 -0.50 -22.33 -12.35
CA ARG C 8 -1.58 -21.46 -12.79
C ARG C 8 -1.55 -20.06 -12.20
N SER C 10 -3.07 -16.25 -11.04
CA SER C 10 -4.06 -15.79 -10.08
C SER C 10 -4.44 -14.35 -10.40
N THR C 11 -5.62 -13.93 -9.94
CA THR C 11 -6.13 -12.58 -10.18
C THR C 11 -5.13 -11.53 -9.68
#